data_5EN5
#
_entry.id   5EN5
#
_cell.length_a   108.341
_cell.length_b   145.286
_cell.length_c   174.544
_cell.angle_alpha   90.00
_cell.angle_beta   90.00
_cell.angle_gamma   90.00
#
_symmetry.space_group_name_H-M   'P 21 21 21'
#
loop_
_entity.id
_entity.type
_entity.pdbx_description
1 polymer 'Multidrug efflux pump subunit AcrB,Multidrug efflux pump subunit AcrB'
2 polymer DARPin
3 water water
#
loop_
_entity_poly.entity_id
_entity_poly.type
_entity_poly.pdbx_seq_one_letter_code
_entity_poly.pdbx_strand_id
1 'polypeptide(L)'
;APPAVTISASYPGADAKTVQDTVTQVIEQNMNGIDNLMYMSSNSDSTGTVQITLTFESGTDADIAQVQVQNKLQLAMPLL
PQEVQQQGVSVEKSSSSFLMVVGVINTDGTMTQEDISDYVAANMKDAISRTSGVGDVQLFGSQYAMRIWMNPNELNKFQL
TPVDVITAIKAQNAQVAAGQLGGTPPVKGQQLNASIIAQTRLTSTEEFGKILLKVNQDGSRVLLRDVAKIELGGENYDII
AEFNGQPASGLGIKLATGANALDTAAAIRAELAKMEPFFPSGLKIVYPYDTGGSGGSGGSSSFLPDEDQGVFMTMVQLPA
GATQERTQKVLNEVTHYYLTKEKNNVESVFAVNGFGFAGRGQNTGIAFVSLKDWADRPGEENKVEAITMRATRAFSQIKD
AMVFAFNLPAIVELGTATGFDFELIDQAGLGHEKLTQARNQLLAEAAKHPDMLTSVRPNGLEDTPQFKIDIDQEKAQALG
VSINDINTTLGAAWGGSYVNDFIDRGRVKKVYVMSEAKYRMLPDDIGDWYVRAADGQMVPFSAFSSSRWEYGSPRLERYN
GLPSMEILGQAAPGKSTGEAMELMEQLASKLPTGVGYDWTGMSYQERLS
;
A,B,C
2 'polypeptide(L)'
;MRGSHHHHHHGSDLGKKLLEAARAGRDDEVRILMANGADVNAADVVGWTPLHLAAYWGHLEIVEVLLKNGADVNAYDTLG
STPLHLAAHFGHLEIVEVLLKNGADVNAKDDNGITPLHLAANRGHLEIVEVLLKYGADVNAQDKFGKTAFDISINNGNED
LAEILQKLN
;
D,E,F
#
# COMPACT_ATOMS: atom_id res chain seq x y z
N ALA A 1 29.34 -21.10 5.27
CA ALA A 1 28.05 -20.59 4.72
C ALA A 1 27.09 -20.10 5.82
N PRO A 2 27.40 -18.93 6.46
CA PRO A 2 26.33 -18.31 7.25
C PRO A 2 25.20 -17.89 6.28
N PRO A 3 23.95 -18.22 6.61
CA PRO A 3 22.85 -17.87 5.74
C PRO A 3 22.59 -16.34 5.74
N ALA A 4 22.33 -15.78 4.57
CA ALA A 4 22.07 -14.35 4.36
C ALA A 4 20.77 -14.11 3.62
N VAL A 5 19.90 -13.29 4.22
CA VAL A 5 18.73 -12.77 3.57
C VAL A 5 19.05 -11.40 3.00
N THR A 6 18.64 -11.14 1.76
CA THR A 6 18.89 -9.90 1.06
C THR A 6 17.59 -9.15 0.69
N ILE A 7 17.52 -7.86 0.98
CA ILE A 7 16.44 -7.02 0.51
C ILE A 7 16.94 -6.17 -0.62
N SER A 8 16.18 -6.04 -1.70
CA SER A 8 16.57 -5.27 -2.87
C SER A 8 15.45 -4.37 -3.33
N ALA A 9 15.78 -3.12 -3.65
CA ALA A 9 14.80 -2.19 -4.08
C ALA A 9 15.45 -1.35 -5.12
N SER A 10 14.61 -0.72 -5.93
CA SER A 10 15.10 0.07 -7.04
C SER A 10 14.33 1.37 -7.07
N TYR A 11 15.02 2.46 -7.36
CA TYR A 11 14.44 3.83 -7.45
C TYR A 11 15.02 4.52 -8.70
N PRO A 12 14.40 4.33 -9.87
CA PRO A 12 14.95 4.85 -11.15
C PRO A 12 15.27 6.32 -11.08
N GLY A 13 16.50 6.65 -11.45
CA GLY A 13 16.89 8.04 -11.53
C GLY A 13 17.40 8.65 -10.23
N ALA A 14 17.43 7.86 -9.16
CA ALA A 14 17.86 8.35 -7.86
C ALA A 14 19.39 8.24 -7.71
N ASP A 15 19.94 9.26 -7.06
CA ASP A 15 21.34 9.25 -6.61
C ASP A 15 21.46 8.50 -5.28
N ALA A 16 22.71 8.21 -4.90
CA ALA A 16 22.99 7.36 -3.72
C ALA A 16 22.44 7.91 -2.45
N LYS A 17 22.46 9.21 -2.27
CA LYS A 17 21.96 9.76 -1.05
C LYS A 17 20.42 9.77 -0.94
N THR A 18 19.75 10.08 -2.04
CA THR A 18 18.33 9.93 -2.14
C THR A 18 17.89 8.52 -1.82
N VAL A 19 18.60 7.52 -2.33
CA VAL A 19 18.23 6.11 -2.04
C VAL A 19 18.41 5.82 -0.52
N GLN A 20 19.55 6.25 0.02
CA GLN A 20 19.87 6.02 1.41
C GLN A 20 18.82 6.64 2.34
N ASP A 21 18.46 7.87 2.05
CA ASP A 21 17.64 8.65 2.95
C ASP A 21 16.11 8.58 2.74
N THR A 22 15.69 8.06 1.59
CA THR A 22 14.27 7.78 1.37
C THR A 22 13.93 6.29 1.43
N VAL A 23 14.91 5.39 1.34
CA VAL A 23 14.59 3.96 1.26
C VAL A 23 15.35 3.18 2.29
N THR A 24 16.68 3.15 2.15
CA THR A 24 17.54 2.36 3.01
C THR A 24 17.43 2.68 4.51
N GLN A 25 17.45 3.95 4.93
CA GLN A 25 17.28 4.24 6.37
C GLN A 25 15.94 3.79 6.93
N VAL A 26 14.88 3.99 6.16
CA VAL A 26 13.53 3.65 6.61
C VAL A 26 13.41 2.13 6.85
N ILE A 27 13.99 1.33 5.95
CA ILE A 27 13.98 -0.11 6.11
C ILE A 27 14.83 -0.51 7.32
N GLU A 28 16.07 -0.05 7.32
CA GLU A 28 17.04 -0.38 8.35
C GLU A 28 16.49 -0.11 9.76
N GLN A 29 15.79 0.99 9.98
CA GLN A 29 15.29 1.31 11.34
C GLN A 29 14.28 0.28 11.85
N ASN A 30 13.70 -0.56 11.00
CA ASN A 30 12.76 -1.56 11.49
C ASN A 30 13.40 -2.92 11.64
N MET A 31 14.65 -3.10 11.21
CA MET A 31 15.31 -4.39 11.28
C MET A 31 15.95 -4.70 12.66
N ASN A 32 15.12 -4.98 13.64
CA ASN A 32 15.57 -5.29 15.00
C ASN A 32 14.46 -6.20 15.54
N GLY A 33 14.77 -7.03 16.55
CA GLY A 33 13.80 -8.07 16.98
C GLY A 33 13.58 -9.19 15.95
N ILE A 34 14.67 -9.52 15.26
CA ILE A 34 14.78 -10.61 14.30
C ILE A 34 15.76 -11.58 14.96
N ASP A 35 15.38 -12.86 15.01
CA ASP A 35 16.14 -13.81 15.79
C ASP A 35 17.41 -14.27 15.08
N ASN A 36 18.48 -14.46 15.86
CA ASN A 36 19.75 -15.06 15.40
C ASN A 36 20.45 -14.18 14.37
N LEU A 37 20.26 -12.87 14.46
CA LEU A 37 20.90 -11.93 13.55
C LEU A 37 22.30 -11.54 14.05
N MET A 38 23.33 -11.79 13.24
CA MET A 38 24.69 -11.42 13.57
C MET A 38 24.98 -9.98 13.19
N TYR A 39 24.60 -9.58 11.98
CA TYR A 39 24.88 -8.24 11.49
C TYR A 39 24.10 -7.94 10.24
N MET A 40 24.20 -6.70 9.82
CA MET A 40 23.42 -6.15 8.72
C MET A 40 24.28 -5.14 8.00
N SER A 41 24.39 -5.25 6.70
CA SER A 41 25.10 -4.22 5.91
C SER A 41 24.24 -3.74 4.74
N SER A 42 24.63 -2.64 4.10
CA SER A 42 23.92 -2.19 2.93
C SER A 42 24.74 -1.29 2.09
N ASN A 43 24.41 -1.23 0.80
CA ASN A 43 24.89 -0.27 -0.15
C ASN A 43 23.72 0.43 -0.77
N SER A 44 23.83 1.75 -0.90
CA SER A 44 22.87 2.57 -1.59
C SER A 44 23.63 3.22 -2.68
N ASP A 45 23.26 2.92 -3.93
CA ASP A 45 24.03 3.29 -5.13
C ASP A 45 23.37 4.39 -5.99
N SER A 46 24.20 5.01 -6.82
CA SER A 46 23.74 6.05 -7.78
C SER A 46 23.18 5.43 -9.07
N THR A 47 23.24 4.11 -9.16
CA THR A 47 22.35 3.40 -10.10
C THR A 47 20.86 3.40 -9.70
N GLY A 48 20.53 3.93 -8.51
CA GLY A 48 19.16 3.95 -8.01
C GLY A 48 18.80 2.66 -7.27
N THR A 49 19.77 1.96 -6.69
CA THR A 49 19.58 0.60 -6.22
C THR A 49 20.05 0.50 -4.80
N VAL A 50 19.33 -0.26 -3.99
CA VAL A 50 19.77 -0.55 -2.63
C VAL A 50 19.73 -2.03 -2.45
N GLN A 51 20.70 -2.52 -1.69
CA GLN A 51 20.76 -3.90 -1.32
C GLN A 51 21.12 -3.95 0.17
N ILE A 52 20.22 -4.52 0.97
CA ILE A 52 20.51 -4.70 2.36
C ILE A 52 20.74 -6.19 2.59
N THR A 53 21.87 -6.57 3.20
CA THR A 53 22.16 -7.97 3.49
C THR A 53 22.06 -8.21 4.97
N LEU A 54 21.28 -9.21 5.35
CA LEU A 54 21.14 -9.60 6.75
C LEU A 54 21.65 -11.03 6.95
N THR A 55 22.73 -11.13 7.74
CA THR A 55 23.49 -12.34 7.91
C THR A 55 23.17 -12.95 9.24
N PHE A 56 22.78 -14.23 9.20
CA PHE A 56 22.32 -14.98 10.37
C PHE A 56 23.31 -16.03 10.91
N GLU A 57 23.13 -16.39 12.17
CA GLU A 57 23.93 -17.43 12.85
C GLU A 57 23.89 -18.66 11.97
N SER A 58 25.01 -19.39 11.94
CA SER A 58 25.02 -20.70 11.34
C SER A 58 23.97 -21.60 12.01
N GLY A 59 23.26 -22.36 11.19
CA GLY A 59 22.15 -23.22 11.65
C GLY A 59 20.74 -22.63 11.63
N THR A 60 20.60 -21.32 11.38
CA THR A 60 19.31 -20.65 11.35
C THR A 60 18.49 -21.19 10.18
N ASP A 61 17.21 -21.41 10.49
CA ASP A 61 16.24 -21.85 9.49
C ASP A 61 15.98 -20.65 8.51
N ALA A 62 16.55 -20.75 7.31
CA ALA A 62 16.41 -19.72 6.28
C ALA A 62 14.96 -19.27 6.02
N ASP A 63 14.04 -20.23 5.94
CA ASP A 63 12.63 -19.91 5.79
C ASP A 63 12.20 -18.89 6.86
N ILE A 64 12.53 -19.16 8.12
CA ILE A 64 12.13 -18.30 9.25
C ILE A 64 12.86 -16.93 9.20
N ALA A 65 14.14 -16.93 8.87
CA ALA A 65 14.85 -15.68 8.75
C ALA A 65 14.24 -14.79 7.66
N GLN A 66 13.96 -15.33 6.48
CA GLN A 66 13.24 -14.59 5.45
C GLN A 66 11.89 -14.07 5.91
N VAL A 67 11.05 -14.96 6.42
CA VAL A 67 9.75 -14.54 6.98
C VAL A 67 9.90 -13.36 7.96
N GLN A 68 10.80 -13.44 8.92
CA GLN A 68 10.97 -12.38 9.92
C GLN A 68 11.49 -11.07 9.31
N VAL A 69 12.37 -11.16 8.33
CA VAL A 69 12.91 -9.99 7.67
C VAL A 69 11.80 -9.30 6.91
N GLN A 70 11.06 -10.08 6.15
CA GLN A 70 9.98 -9.54 5.42
C GLN A 70 8.90 -8.89 6.28
N ASN A 71 8.63 -9.47 7.44
CA ASN A 71 7.62 -8.93 8.34
C ASN A 71 8.08 -7.59 8.91
N LYS A 72 9.37 -7.44 9.24
CA LYS A 72 9.87 -6.08 9.57
C LYS A 72 9.87 -5.12 8.38
N LEU A 73 10.15 -5.62 7.18
CA LEU A 73 10.11 -4.78 5.99
C LEU A 73 8.71 -4.18 5.73
N GLN A 74 7.67 -4.93 6.00
CA GLN A 74 6.30 -4.42 5.84
C GLN A 74 5.99 -3.15 6.66
N LEU A 75 6.66 -3.00 7.79
CA LEU A 75 6.51 -1.79 8.62
C LEU A 75 6.96 -0.55 7.84
N ALA A 76 7.98 -0.73 7.00
CA ALA A 76 8.57 0.34 6.21
C ALA A 76 7.87 0.59 4.83
N MET A 77 7.16 -0.39 4.31
CA MET A 77 6.65 -0.35 2.93
C MET A 77 5.78 0.83 2.58
N PRO A 78 4.81 1.20 3.44
CA PRO A 78 4.02 2.42 3.17
C PRO A 78 4.76 3.74 3.36
N LEU A 79 5.92 3.73 4.02
CA LEU A 79 6.78 4.94 4.10
C LEU A 79 7.72 5.10 2.89
N LEU A 80 7.81 4.08 2.06
CA LEU A 80 8.68 4.14 0.88
C LEU A 80 8.02 4.94 -0.24
N PRO A 81 8.83 5.67 -1.00
CA PRO A 81 8.29 6.30 -2.18
C PRO A 81 7.56 5.31 -3.12
N GLN A 82 6.50 5.81 -3.72
CA GLN A 82 5.66 5.04 -4.60
C GLN A 82 6.47 4.49 -5.80
N GLU A 83 7.47 5.25 -6.24
CA GLU A 83 8.31 4.85 -7.35
C GLU A 83 9.13 3.61 -7.02
N VAL A 84 9.42 3.39 -5.74
CA VAL A 84 10.14 2.20 -5.27
C VAL A 84 9.20 1.01 -5.15
N GLN A 85 8.08 1.24 -4.50
CA GLN A 85 7.07 0.20 -4.30
C GLN A 85 6.66 -0.50 -5.60
N GLN A 86 6.38 0.31 -6.60
CA GLN A 86 5.97 -0.11 -7.96
C GLN A 86 6.99 -0.85 -8.73
N GLN A 87 8.26 -0.69 -8.41
CA GLN A 87 9.30 -1.50 -9.06
C GLN A 87 9.32 -2.91 -8.49
N GLY A 88 8.73 -3.12 -7.31
CA GLY A 88 8.72 -4.41 -6.65
C GLY A 88 9.96 -4.61 -5.79
N VAL A 89 9.80 -4.40 -4.49
CA VAL A 89 10.84 -4.73 -3.54
C VAL A 89 10.92 -6.24 -3.45
N SER A 90 12.13 -6.76 -3.36
CA SER A 90 12.35 -8.16 -3.29
C SER A 90 13.13 -8.58 -2.01
N VAL A 91 12.82 -9.78 -1.54
CA VAL A 91 13.45 -10.34 -0.36
C VAL A 91 13.81 -11.78 -0.72
N GLU A 92 15.10 -12.09 -0.65
CA GLU A 92 15.61 -13.34 -1.13
C GLU A 92 16.50 -13.98 -0.12
N LYS A 93 16.61 -15.29 -0.24
CA LYS A 93 17.42 -16.06 0.69
C LYS A 93 18.34 -16.91 -0.14
N SER A 94 19.48 -16.37 -0.54
CA SER A 94 20.37 -17.16 -1.40
C SER A 94 21.80 -17.08 -1.03
N SER A 95 22.56 -18.04 -1.56
CA SER A 95 24.01 -17.94 -1.64
C SER A 95 24.34 -16.68 -2.46
N SER A 96 25.42 -16.01 -2.08
CA SER A 96 25.90 -14.80 -2.77
C SER A 96 26.45 -15.05 -4.18
N SER A 97 26.92 -16.27 -4.44
CA SER A 97 27.56 -16.60 -5.72
C SER A 97 26.66 -17.44 -6.66
N PHE A 98 27.12 -17.56 -7.90
CA PHE A 98 26.31 -18.21 -8.92
C PHE A 98 26.50 -19.74 -8.87
N LEU A 99 25.42 -20.47 -9.09
CA LEU A 99 25.44 -21.92 -9.26
C LEU A 99 25.73 -22.24 -10.75
N MET A 100 25.10 -21.47 -11.64
CA MET A 100 25.26 -21.61 -13.10
C MET A 100 24.84 -20.36 -13.84
N VAL A 101 25.27 -20.27 -15.09
CA VAL A 101 24.84 -19.23 -16.00
C VAL A 101 24.20 -19.93 -17.19
N VAL A 102 23.01 -19.49 -17.56
CA VAL A 102 22.35 -19.93 -18.76
C VAL A 102 22.51 -18.79 -19.76
N GLY A 103 23.33 -19.05 -20.79
CA GLY A 103 23.56 -18.13 -21.90
C GLY A 103 22.63 -18.35 -23.08
N VAL A 104 22.29 -17.26 -23.77
CA VAL A 104 21.42 -17.35 -24.90
C VAL A 104 22.03 -16.53 -26.01
N ILE A 105 22.07 -17.12 -27.18
CA ILE A 105 22.61 -16.46 -28.38
C ILE A 105 21.70 -16.72 -29.57
N ASN A 106 21.98 -16.03 -30.68
CA ASN A 106 21.29 -16.33 -31.91
C ASN A 106 22.30 -16.58 -33.02
N THR A 107 22.39 -17.86 -33.41
CA THR A 107 23.36 -18.33 -34.42
C THR A 107 23.08 -17.83 -35.81
N ASP A 108 21.93 -17.24 -36.08
CA ASP A 108 21.65 -16.58 -37.38
C ASP A 108 21.88 -15.07 -37.39
N GLY A 109 22.35 -14.46 -36.30
CA GLY A 109 22.43 -12.99 -36.21
C GLY A 109 21.19 -12.18 -36.61
N THR A 110 19.98 -12.74 -36.43
CA THR A 110 18.71 -12.05 -36.72
C THR A 110 18.18 -11.29 -35.51
N MET A 111 18.90 -11.37 -34.37
CA MET A 111 18.44 -10.77 -33.11
C MET A 111 19.60 -10.09 -32.47
N THR A 112 19.42 -8.83 -32.13
CA THR A 112 20.37 -8.11 -31.29
C THR A 112 20.35 -8.56 -29.81
N GLN A 113 21.40 -8.12 -29.12
CA GLN A 113 21.57 -8.31 -27.69
C GLN A 113 20.26 -7.90 -26.94
N GLU A 114 19.69 -6.78 -27.36
CA GLU A 114 18.46 -6.20 -26.81
C GLU A 114 17.25 -7.13 -27.04
N ASP A 115 17.10 -7.63 -28.28
CA ASP A 115 16.05 -8.61 -28.62
C ASP A 115 16.24 -9.91 -27.83
N ILE A 116 17.48 -10.42 -27.76
CA ILE A 116 17.76 -11.65 -27.01
C ILE A 116 17.44 -11.48 -25.51
N SER A 117 17.79 -10.36 -24.92
CA SER A 117 17.49 -10.10 -23.54
C SER A 117 15.96 -10.02 -23.29
N ASP A 118 15.24 -9.33 -24.18
CA ASP A 118 13.79 -9.35 -24.09
C ASP A 118 13.22 -10.75 -24.26
N TYR A 119 13.75 -11.54 -25.21
CA TYR A 119 13.14 -12.85 -25.37
C TYR A 119 13.34 -13.62 -24.07
N VAL A 120 14.50 -13.46 -23.46
CA VAL A 120 14.80 -14.16 -22.23
C VAL A 120 13.96 -13.69 -21.00
N ALA A 121 13.86 -12.39 -20.82
CA ALA A 121 13.04 -11.86 -19.78
C ALA A 121 11.54 -12.26 -19.90
N ALA A 122 11.03 -12.34 -21.13
CA ALA A 122 9.59 -12.48 -21.34
C ALA A 122 9.12 -13.91 -21.41
N ASN A 123 9.98 -14.82 -21.89
CA ASN A 123 9.58 -16.22 -22.15
C ASN A 123 10.29 -17.26 -21.34
N MET A 124 11.33 -16.85 -20.56
CA MET A 124 12.24 -17.80 -19.91
C MET A 124 12.48 -17.48 -18.43
N LYS A 125 12.73 -16.24 -18.06
CA LYS A 125 13.13 -15.92 -16.67
C LYS A 125 12.17 -16.39 -15.57
N ASP A 126 10.89 -16.09 -15.74
CA ASP A 126 9.92 -16.30 -14.70
C ASP A 126 9.84 -17.80 -14.34
N ALA A 127 9.73 -18.67 -15.33
CA ALA A 127 9.70 -20.10 -15.01
C ALA A 127 10.97 -20.58 -14.29
N ILE A 128 12.13 -20.01 -14.61
CA ILE A 128 13.33 -20.40 -13.89
C ILE A 128 13.29 -19.86 -12.47
N SER A 129 12.87 -18.63 -12.33
CA SER A 129 12.70 -17.99 -11.05
C SER A 129 11.77 -18.76 -10.12
N ARG A 130 10.84 -19.54 -10.67
CA ARG A 130 9.86 -20.26 -9.85
C ARG A 130 10.29 -21.68 -9.54
N THR A 131 11.37 -22.12 -10.16
CA THR A 131 11.87 -23.46 -9.97
C THR A 131 12.40 -23.62 -8.53
N SER A 132 12.04 -24.74 -7.89
CA SER A 132 12.45 -24.98 -6.52
C SER A 132 13.97 -25.07 -6.45
N GLY A 133 14.54 -24.37 -5.46
CA GLY A 133 15.99 -24.27 -5.28
C GLY A 133 16.64 -23.02 -5.88
N VAL A 134 15.91 -22.29 -6.73
CA VAL A 134 16.42 -21.11 -7.34
C VAL A 134 16.16 -19.97 -6.39
N GLY A 135 17.23 -19.43 -5.81
CA GLY A 135 17.21 -18.38 -4.79
C GLY A 135 17.13 -16.96 -5.36
N ASP A 136 17.85 -16.72 -6.46
CA ASP A 136 17.97 -15.41 -7.08
C ASP A 136 18.31 -15.62 -8.54
N VAL A 137 17.74 -14.80 -9.41
CA VAL A 137 18.00 -14.93 -10.82
C VAL A 137 18.32 -13.53 -11.31
N GLN A 138 19.49 -13.39 -11.94
CA GLN A 138 19.94 -12.14 -12.47
C GLN A 138 19.91 -12.17 -13.99
N LEU A 139 19.21 -11.24 -14.61
CA LEU A 139 19.10 -11.15 -16.06
C LEU A 139 20.26 -10.33 -16.54
N PHE A 140 21.05 -10.89 -17.43
CA PHE A 140 22.12 -10.13 -18.05
C PHE A 140 21.55 -9.36 -19.24
N GLY A 141 20.91 -8.25 -18.93
CA GLY A 141 20.18 -7.45 -19.88
C GLY A 141 18.91 -6.91 -19.22
N SER A 142 17.96 -6.49 -20.05
CA SER A 142 16.75 -5.90 -19.54
C SER A 142 15.59 -6.32 -20.38
N GLN A 143 14.46 -6.56 -19.74
CA GLN A 143 13.19 -6.72 -20.49
C GLN A 143 12.86 -5.43 -21.27
N TYR A 144 12.27 -5.57 -22.44
CA TYR A 144 11.74 -4.43 -23.15
C TYR A 144 10.65 -3.72 -22.34
N ALA A 145 10.67 -2.40 -22.47
CA ALA A 145 9.62 -1.56 -22.09
C ALA A 145 9.17 -0.79 -23.33
N MET A 146 8.01 -0.17 -23.28
CA MET A 146 7.67 0.79 -24.29
C MET A 146 8.40 2.07 -23.91
N ARG A 147 9.30 2.52 -24.76
CA ARG A 147 10.09 3.75 -24.51
C ARG A 147 9.51 4.88 -25.35
N ILE A 148 9.24 5.99 -24.70
CA ILE A 148 8.86 7.22 -25.29
C ILE A 148 10.08 8.12 -25.06
N TRP A 149 10.78 8.50 -26.13
CA TRP A 149 11.95 9.35 -26.02
C TRP A 149 11.58 10.74 -26.39
N MET A 150 11.40 11.61 -25.39
CA MET A 150 10.87 12.95 -25.63
C MET A 150 11.92 13.87 -26.28
N ASN A 151 11.41 14.82 -27.08
CA ASN A 151 12.22 15.88 -27.71
C ASN A 151 11.71 17.19 -27.11
N PRO A 152 12.56 17.98 -26.43
CA PRO A 152 12.12 19.18 -25.74
C PRO A 152 11.82 20.39 -26.63
N ASN A 153 12.40 20.38 -27.83
CA ASN A 153 12.15 21.41 -28.84
C ASN A 153 10.70 21.23 -29.29
N GLU A 154 10.35 20.00 -29.64
CA GLU A 154 9.00 19.70 -30.10
C GLU A 154 7.98 19.90 -28.95
N LEU A 155 8.32 19.52 -27.71
CA LEU A 155 7.42 19.78 -26.58
C LEU A 155 7.11 21.26 -26.35
N ASN A 156 8.16 22.08 -26.36
CA ASN A 156 8.02 23.53 -26.23
C ASN A 156 7.32 24.19 -27.43
N LYS A 157 7.51 23.64 -28.62
CA LYS A 157 6.79 24.14 -29.82
C LYS A 157 5.26 24.08 -29.60
N PHE A 158 4.75 23.10 -28.86
CA PHE A 158 3.30 22.93 -28.71
C PHE A 158 2.86 23.26 -27.29
N GLN A 159 3.66 24.00 -26.53
CA GLN A 159 3.33 24.35 -25.11
C GLN A 159 3.01 23.13 -24.23
N LEU A 160 3.73 22.02 -24.46
CA LEU A 160 3.58 20.78 -23.68
C LEU A 160 4.81 20.47 -22.90
N THR A 161 4.66 19.53 -21.97
CA THR A 161 5.73 19.11 -21.07
C THR A 161 5.64 17.62 -20.80
N PRO A 162 6.67 17.03 -20.19
CA PRO A 162 6.58 15.64 -19.78
C PRO A 162 5.40 15.32 -18.88
N VAL A 163 4.92 16.29 -18.10
CA VAL A 163 3.77 16.06 -17.28
C VAL A 163 2.58 15.83 -18.17
N ASP A 164 2.44 16.59 -19.26
CA ASP A 164 1.36 16.33 -20.25
C ASP A 164 1.50 14.97 -20.93
N VAL A 165 2.71 14.59 -21.26
CA VAL A 165 2.95 13.29 -21.89
C VAL A 165 2.53 12.18 -20.90
N ILE A 166 2.96 12.29 -19.63
CA ILE A 166 2.68 11.31 -18.62
C ILE A 166 1.19 11.22 -18.42
N THR A 167 0.56 12.38 -18.31
CA THR A 167 -0.89 12.46 -18.12
C THR A 167 -1.64 11.83 -19.32
N ALA A 168 -1.21 12.11 -20.56
CA ALA A 168 -1.88 11.52 -21.73
C ALA A 168 -1.69 9.99 -21.80
N ILE A 169 -0.51 9.49 -21.39
CA ILE A 169 -0.25 8.08 -21.43
C ILE A 169 -1.09 7.36 -20.38
N LYS A 170 -1.25 7.94 -19.21
CA LYS A 170 -2.15 7.35 -18.18
C LYS A 170 -3.64 7.32 -18.62
N ALA A 171 -4.07 8.36 -19.31
CA ALA A 171 -5.46 8.43 -19.79
C ALA A 171 -5.76 7.50 -20.99
N GLN A 172 -4.82 7.35 -21.93
CA GLN A 172 -5.07 6.70 -23.19
C GLN A 172 -4.40 5.38 -23.32
N ASN A 173 -3.52 5.04 -22.39
CA ASN A 173 -3.07 3.63 -22.19
C ASN A 173 -3.63 3.09 -20.89
N ALA A 174 -4.90 2.79 -20.94
CA ALA A 174 -5.69 2.45 -19.77
C ALA A 174 -6.40 1.17 -19.99
N GLN A 175 -6.69 0.49 -18.90
CA GLN A 175 -7.49 -0.75 -18.90
C GLN A 175 -8.70 -0.46 -18.03
N VAL A 176 -9.88 -0.29 -18.64
CA VAL A 176 -11.04 0.24 -17.95
C VAL A 176 -12.05 -0.86 -17.57
N ALA A 177 -12.44 -0.86 -16.33
CA ALA A 177 -13.54 -1.72 -15.88
C ALA A 177 -14.85 -1.03 -16.11
N ALA A 178 -15.67 -1.51 -17.02
CA ALA A 178 -16.82 -0.74 -17.46
C ALA A 178 -18.15 -1.38 -17.21
N GLY A 179 -18.18 -2.53 -16.55
CA GLY A 179 -19.43 -3.17 -16.20
C GLY A 179 -20.05 -4.02 -17.31
N GLN A 180 -21.38 -4.11 -17.23
CA GLN A 180 -22.13 -5.01 -18.08
C GLN A 180 -23.42 -4.38 -18.51
N LEU A 181 -23.94 -4.78 -19.68
CA LEU A 181 -25.32 -4.51 -19.98
C LEU A 181 -26.05 -5.67 -19.38
N GLY A 182 -27.14 -5.36 -18.71
CA GLY A 182 -28.06 -6.38 -18.24
C GLY A 182 -27.49 -7.16 -17.09
N GLY A 183 -26.59 -6.53 -16.35
CA GLY A 183 -25.93 -7.17 -15.21
C GLY A 183 -26.83 -7.16 -14.00
N THR A 184 -26.42 -7.91 -12.96
CA THR A 184 -27.18 -8.05 -11.71
C THR A 184 -27.06 -6.85 -10.72
N PRO A 185 -28.12 -6.48 -9.96
CA PRO A 185 -29.49 -6.96 -10.13
C PRO A 185 -30.14 -6.39 -11.40
N PRO A 186 -30.86 -7.22 -12.18
CA PRO A 186 -31.42 -6.73 -13.43
C PRO A 186 -32.86 -6.34 -13.27
N VAL A 187 -33.39 -5.62 -14.23
CA VAL A 187 -34.82 -5.56 -14.38
C VAL A 187 -35.29 -6.98 -14.72
N LYS A 188 -36.25 -7.50 -13.98
CA LYS A 188 -36.64 -8.87 -14.14
C LYS A 188 -37.17 -9.08 -15.54
N GLY A 189 -36.91 -10.26 -16.10
CA GLY A 189 -37.18 -10.57 -17.51
C GLY A 189 -36.07 -10.23 -18.51
N GLN A 190 -34.95 -9.71 -18.04
CA GLN A 190 -33.82 -9.29 -18.92
C GLN A 190 -33.20 -10.52 -19.56
N GLN A 191 -33.00 -10.45 -20.89
CA GLN A 191 -32.44 -11.54 -21.69
C GLN A 191 -31.00 -11.25 -22.08
N LEU A 192 -30.73 -10.01 -22.48
CA LEU A 192 -29.39 -9.59 -22.91
C LEU A 192 -28.49 -9.45 -21.70
N ASN A 193 -27.35 -10.14 -21.71
CA ASN A 193 -26.27 -9.84 -20.78
C ASN A 193 -24.93 -9.89 -21.53
N ALA A 194 -24.17 -8.80 -21.41
CA ALA A 194 -22.91 -8.63 -22.13
C ALA A 194 -21.94 -7.80 -21.33
N SER A 195 -20.69 -8.23 -21.25
CA SER A 195 -19.63 -7.37 -20.73
C SER A 195 -19.48 -6.16 -21.59
N ILE A 196 -19.22 -5.00 -20.98
CA ILE A 196 -18.86 -3.79 -21.69
C ILE A 196 -17.33 -3.66 -21.66
N ILE A 197 -16.77 -3.60 -22.85
CA ILE A 197 -15.37 -3.44 -23.06
C ILE A 197 -15.19 -2.04 -23.55
N ALA A 198 -14.32 -1.31 -22.84
CA ALA A 198 -13.97 0.07 -23.20
C ALA A 198 -12.46 0.12 -23.52
N GLN A 199 -11.73 1.13 -23.09
CA GLN A 199 -10.30 1.10 -23.33
C GLN A 199 -9.60 -0.12 -22.74
N THR A 200 -8.59 -0.51 -23.47
CA THR A 200 -7.78 -1.63 -23.15
C THR A 200 -6.29 -1.19 -23.31
N ARG A 201 -5.36 -1.89 -22.66
CA ARG A 201 -3.98 -1.49 -22.74
C ARG A 201 -3.52 -1.49 -24.19
N LEU A 202 -2.67 -0.52 -24.52
CA LEU A 202 -2.07 -0.51 -25.87
C LEU A 202 -1.07 -1.65 -25.97
N THR A 203 -0.77 -2.09 -27.20
CA THR A 203 0.10 -3.23 -27.41
C THR A 203 1.27 -3.03 -28.40
N SER A 204 1.43 -1.84 -28.98
CA SER A 204 2.37 -1.60 -30.08
C SER A 204 2.83 -0.15 -30.12
N THR A 205 4.00 0.09 -30.70
CA THR A 205 4.53 1.47 -30.86
C THR A 205 3.56 2.36 -31.64
N GLU A 206 2.89 1.78 -32.62
CA GLU A 206 1.91 2.45 -33.49
C GLU A 206 0.80 3.08 -32.68
N GLU A 207 0.30 2.33 -31.73
CA GLU A 207 -0.77 2.79 -30.86
C GLU A 207 -0.30 3.89 -29.94
N PHE A 208 0.89 3.74 -29.37
CA PHE A 208 1.46 4.80 -28.52
C PHE A 208 1.69 6.06 -29.33
N GLY A 209 2.09 5.87 -30.60
CA GLY A 209 2.31 7.01 -31.51
C GLY A 209 1.10 7.88 -31.77
N LYS A 210 -0.09 7.28 -31.78
CA LYS A 210 -1.30 8.07 -32.04
C LYS A 210 -2.00 8.56 -30.81
N ILE A 211 -1.36 8.44 -29.64
CA ILE A 211 -1.92 9.05 -28.43
C ILE A 211 -2.07 10.53 -28.70
N LEU A 212 -3.24 11.08 -28.35
CA LEU A 212 -3.62 12.46 -28.68
C LEU A 212 -3.29 13.38 -27.54
N LEU A 213 -2.30 14.25 -27.74
CA LEU A 213 -1.86 15.15 -26.65
C LEU A 213 -2.72 16.37 -26.61
N LYS A 214 -3.00 16.97 -27.77
CA LYS A 214 -3.98 18.05 -27.85
C LYS A 214 -4.53 18.36 -29.25
N VAL A 215 -5.65 19.08 -29.24
CA VAL A 215 -6.20 19.72 -30.44
C VAL A 215 -5.85 21.20 -30.30
N ASN A 216 -5.27 21.79 -31.35
CA ASN A 216 -4.98 23.24 -31.31
C ASN A 216 -6.28 24.07 -31.44
N GLN A 217 -6.17 25.40 -31.31
CA GLN A 217 -7.31 26.26 -31.65
C GLN A 217 -7.69 26.12 -33.12
N ASP A 218 -6.72 25.97 -34.03
CA ASP A 218 -7.02 25.78 -35.46
C ASP A 218 -7.63 24.42 -35.86
N GLY A 219 -7.82 23.52 -34.90
CA GLY A 219 -8.35 22.18 -35.19
C GLY A 219 -7.34 21.03 -35.43
N SER A 220 -6.09 21.34 -35.85
CA SER A 220 -5.03 20.32 -36.02
C SER A 220 -4.63 19.61 -34.69
N ARG A 221 -4.01 18.46 -34.89
CA ARG A 221 -3.73 17.50 -33.82
C ARG A 221 -2.25 17.36 -33.53
N VAL A 222 -1.94 17.43 -32.24
CA VAL A 222 -0.64 17.03 -31.75
C VAL A 222 -0.69 15.61 -31.20
N LEU A 223 0.05 14.71 -31.84
CA LEU A 223 0.14 13.30 -31.42
C LEU A 223 1.47 13.04 -30.69
N LEU A 224 1.54 11.98 -29.87
CA LEU A 224 2.75 11.71 -29.12
C LEU A 224 3.97 11.50 -30.03
N ARG A 225 3.76 10.90 -31.20
CA ARG A 225 4.81 10.73 -32.15
C ARG A 225 5.29 12.05 -32.79
N ASP A 226 4.53 13.14 -32.62
CA ASP A 226 5.04 14.48 -32.96
C ASP A 226 6.02 15.13 -31.92
N VAL A 227 6.13 14.56 -30.73
CA VAL A 227 7.05 15.09 -29.71
C VAL A 227 8.03 14.04 -29.16
N ALA A 228 8.02 12.84 -29.68
CA ALA A 228 8.84 11.77 -29.14
C ALA A 228 9.07 10.72 -30.17
N LYS A 229 10.15 9.99 -30.00
CA LYS A 229 10.40 8.74 -30.69
C LYS A 229 9.89 7.60 -29.83
N ILE A 230 9.39 6.57 -30.49
CA ILE A 230 8.61 5.52 -29.88
C ILE A 230 9.12 4.18 -30.36
N GLU A 231 9.71 3.40 -29.46
CA GLU A 231 10.28 2.09 -29.78
C GLU A 231 10.26 1.19 -28.53
N LEU A 232 10.24 -0.12 -28.74
CA LEU A 232 10.59 -1.04 -27.68
C LEU A 232 12.05 -0.80 -27.26
N GLY A 233 12.33 -0.81 -25.96
CA GLY A 233 13.72 -0.77 -25.49
C GLY A 233 13.80 -1.19 -24.05
N GLY A 234 15.01 -1.40 -23.55
CA GLY A 234 15.18 -1.94 -22.20
C GLY A 234 14.55 -1.04 -21.13
N GLU A 235 14.05 -1.65 -20.05
CA GLU A 235 13.73 -0.87 -18.84
C GLU A 235 14.91 -0.03 -18.43
N ASN A 236 16.10 -0.64 -18.56
CA ASN A 236 17.39 0.10 -18.48
C ASN A 236 18.44 -0.46 -19.51
N TYR A 237 19.49 0.31 -19.72
CA TYR A 237 20.54 0.02 -20.71
C TYR A 237 21.93 -0.27 -20.09
N ASP A 238 21.94 -0.79 -18.88
CA ASP A 238 23.16 -0.87 -18.09
C ASP A 238 23.88 -2.16 -18.21
N ILE A 239 23.20 -3.25 -18.60
CA ILE A 239 23.76 -4.57 -18.59
C ILE A 239 23.81 -5.17 -19.99
N ILE A 240 25.02 -5.50 -20.41
CA ILE A 240 25.30 -5.99 -21.77
C ILE A 240 26.28 -7.18 -21.72
N ALA A 241 25.89 -8.28 -22.34
CA ALA A 241 26.63 -9.53 -22.30
C ALA A 241 27.03 -9.95 -23.70
N GLU A 242 28.05 -10.82 -23.74
CA GLU A 242 28.61 -11.40 -24.98
C GLU A 242 29.08 -12.80 -24.72
N PHE A 243 28.95 -13.67 -25.72
CA PHE A 243 29.45 -15.04 -25.62
C PHE A 243 30.45 -15.29 -26.77
N ASN A 244 31.74 -15.46 -26.44
CA ASN A 244 32.82 -15.62 -27.48
C ASN A 244 32.75 -14.50 -28.50
N GLY A 245 32.67 -13.29 -27.96
CA GLY A 245 32.50 -12.07 -28.73
C GLY A 245 31.21 -11.88 -29.49
N GLN A 246 30.19 -12.71 -29.34
CA GLN A 246 28.97 -12.48 -30.11
C GLN A 246 27.83 -11.96 -29.19
N PRO A 247 26.87 -11.21 -29.77
CA PRO A 247 25.81 -10.72 -28.88
C PRO A 247 25.06 -11.82 -28.11
N ALA A 248 24.78 -11.57 -26.83
CA ALA A 248 24.17 -12.60 -26.00
C ALA A 248 23.36 -11.98 -24.87
N SER A 249 22.49 -12.76 -24.26
CA SER A 249 21.99 -12.46 -22.91
C SER A 249 22.09 -13.73 -22.08
N GLY A 250 21.55 -13.72 -20.86
CA GLY A 250 21.52 -14.92 -20.03
C GLY A 250 20.90 -14.73 -18.67
N LEU A 251 20.93 -15.79 -17.87
CA LEU A 251 20.46 -15.81 -16.48
C LEU A 251 21.56 -16.29 -15.57
N GLY A 252 21.94 -15.49 -14.59
CA GLY A 252 22.80 -15.95 -13.54
C GLY A 252 21.90 -16.50 -12.45
N ILE A 253 22.09 -17.74 -12.10
CA ILE A 253 21.27 -18.41 -11.14
C ILE A 253 22.06 -18.68 -9.85
N LYS A 254 21.54 -18.18 -8.73
CA LYS A 254 22.12 -18.46 -7.42
C LYS A 254 21.25 -19.49 -6.74
N LEU A 255 21.87 -20.29 -5.91
CA LEU A 255 21.19 -21.39 -5.19
C LEU A 255 20.52 -20.88 -3.91
N ALA A 256 19.27 -21.27 -3.66
CA ALA A 256 18.58 -20.97 -2.37
C ALA A 256 19.33 -21.59 -1.17
N THR A 257 19.34 -20.87 -0.07
CA THR A 257 20.11 -21.26 1.08
C THR A 257 19.68 -22.69 1.43
N GLY A 258 20.66 -23.58 1.49
CA GLY A 258 20.47 -24.99 1.87
C GLY A 258 19.76 -25.91 0.89
N ALA A 259 19.56 -25.50 -0.37
CA ALA A 259 18.95 -26.38 -1.38
C ALA A 259 20.02 -27.21 -2.09
N ASN A 260 19.60 -28.35 -2.66
CA ASN A 260 20.52 -29.26 -3.32
C ASN A 260 20.96 -28.75 -4.72
N ALA A 261 22.29 -28.60 -4.88
CA ALA A 261 22.90 -28.11 -6.14
C ALA A 261 22.64 -28.98 -7.39
N LEU A 262 22.80 -30.30 -7.29
CA LEU A 262 22.54 -31.23 -8.43
C LEU A 262 21.11 -31.26 -8.91
N ASP A 263 20.18 -31.19 -7.97
CA ASP A 263 18.75 -31.39 -8.21
C ASP A 263 18.17 -30.10 -8.77
N THR A 264 18.61 -28.98 -8.18
CA THR A 264 18.24 -27.65 -8.64
C THR A 264 18.77 -27.41 -10.04
N ALA A 265 20.05 -27.70 -10.30
CA ALA A 265 20.60 -27.68 -11.69
C ALA A 265 19.86 -28.56 -12.67
N ALA A 266 19.46 -29.74 -12.24
CA ALA A 266 18.76 -30.69 -13.09
C ALA A 266 17.37 -30.14 -13.46
N ALA A 267 16.64 -29.66 -12.46
CA ALA A 267 15.31 -29.06 -12.68
C ALA A 267 15.34 -27.84 -13.62
N ILE A 268 16.39 -27.02 -13.50
CA ILE A 268 16.63 -25.88 -14.40
C ILE A 268 16.76 -26.36 -15.85
N ARG A 269 17.55 -27.41 -16.04
CA ARG A 269 17.76 -28.05 -17.35
C ARG A 269 16.47 -28.64 -17.91
N ALA A 270 15.74 -29.37 -17.07
CA ALA A 270 14.38 -29.86 -17.43
C ALA A 270 13.43 -28.70 -17.85
N GLU A 271 13.46 -27.60 -17.10
CA GLU A 271 12.62 -26.47 -17.46
C GLU A 271 13.00 -25.79 -18.80
N LEU A 272 14.30 -25.67 -19.08
CA LEU A 272 14.78 -25.13 -20.37
C LEU A 272 14.34 -26.03 -21.55
N ALA A 273 14.28 -27.35 -21.31
CA ALA A 273 13.84 -28.35 -22.33
C ALA A 273 12.37 -28.18 -22.79
N LYS A 274 11.54 -27.63 -21.91
CA LYS A 274 10.18 -27.22 -22.26
C LYS A 274 10.19 -25.97 -23.10
N MET A 275 11.18 -25.10 -22.92
CA MET A 275 11.17 -23.87 -23.69
C MET A 275 11.76 -24.00 -25.10
N GLU A 276 12.81 -24.81 -25.25
CA GLU A 276 13.60 -24.93 -26.52
C GLU A 276 12.73 -25.07 -27.79
N PRO A 277 11.76 -25.98 -27.82
CA PRO A 277 11.08 -26.18 -29.12
C PRO A 277 10.29 -24.99 -29.66
N PHE A 278 10.10 -23.96 -28.83
CA PHE A 278 9.30 -22.78 -29.19
C PHE A 278 10.08 -21.50 -29.45
N PHE A 279 11.41 -21.60 -29.46
CA PHE A 279 12.34 -20.48 -29.76
C PHE A 279 12.14 -19.99 -31.15
N PRO A 280 12.33 -18.69 -31.41
CA PRO A 280 12.38 -18.31 -32.82
C PRO A 280 13.67 -18.84 -33.44
N SER A 281 13.76 -18.76 -34.77
CA SER A 281 14.84 -19.46 -35.46
C SER A 281 16.15 -18.83 -35.04
N GLY A 282 17.17 -19.66 -34.86
CA GLY A 282 18.52 -19.18 -34.60
C GLY A 282 18.86 -19.10 -33.13
N LEU A 283 17.84 -19.03 -32.28
CA LEU A 283 18.06 -18.83 -30.86
C LEU A 283 18.55 -20.14 -30.30
N LYS A 284 19.46 -20.07 -29.33
CA LYS A 284 20.06 -21.26 -28.81
C LYS A 284 20.60 -20.99 -27.43
N ILE A 285 20.47 -21.98 -26.58
CA ILE A 285 21.11 -21.97 -25.29
C ILE A 285 22.53 -22.53 -25.33
N VAL A 286 23.42 -21.87 -24.58
CA VAL A 286 24.76 -22.33 -24.32
C VAL A 286 25.01 -22.23 -22.85
N TYR A 287 26.00 -23.02 -22.40
CA TYR A 287 26.23 -23.30 -20.99
C TYR A 287 27.64 -22.91 -20.52
N PRO A 288 27.85 -21.62 -20.29
CA PRO A 288 29.17 -21.04 -20.08
C PRO A 288 29.76 -21.07 -18.67
N TYR A 289 29.01 -21.55 -17.69
CA TYR A 289 29.51 -21.59 -16.31
C TYR A 289 28.70 -22.57 -15.48
N ASP A 290 29.12 -23.82 -15.43
CA ASP A 290 28.50 -24.82 -14.54
C ASP A 290 29.49 -25.10 -13.41
N THR A 291 29.01 -25.09 -12.16
CA THR A 291 29.85 -25.46 -11.01
C THR A 291 29.53 -26.86 -10.50
N GLN A 309 37.87 -28.57 -11.70
CA GLN A 309 36.75 -27.64 -11.44
C GLN A 309 36.06 -27.24 -12.73
N GLY A 310 36.87 -26.87 -13.73
CA GLY A 310 36.43 -26.64 -15.12
C GLY A 310 36.07 -25.21 -15.51
N VAL A 311 35.99 -24.29 -14.55
CA VAL A 311 35.51 -22.94 -14.79
C VAL A 311 36.13 -21.96 -13.82
N PHE A 312 35.96 -20.67 -14.11
CA PHE A 312 36.38 -19.63 -13.21
C PHE A 312 35.88 -18.30 -13.72
N MET A 313 36.04 -17.27 -12.90
CA MET A 313 35.55 -15.96 -13.23
C MET A 313 36.66 -14.96 -13.27
N THR A 314 36.39 -13.83 -13.89
CA THR A 314 37.35 -12.74 -13.95
C THR A 314 36.62 -11.47 -13.60
N MET A 315 37.00 -10.87 -12.48
CA MET A 315 36.42 -9.67 -11.97
C MET A 315 37.08 -8.49 -12.64
N VAL A 316 36.24 -7.57 -13.10
CA VAL A 316 36.69 -6.34 -13.66
C VAL A 316 36.06 -5.20 -12.89
N GLN A 317 36.89 -4.29 -12.43
CA GLN A 317 36.44 -3.26 -11.52
C GLN A 317 37.25 -2.04 -11.77
N LEU A 318 36.66 -1.04 -12.41
CA LEU A 318 37.31 0.21 -12.71
C LEU A 318 36.97 1.22 -11.59
N PRO A 319 37.63 2.41 -11.55
CA PRO A 319 37.23 3.36 -10.48
C PRO A 319 35.95 4.06 -10.85
N ALA A 320 35.22 4.56 -9.85
CA ALA A 320 33.93 5.20 -10.07
C ALA A 320 34.05 6.39 -11.06
N GLY A 321 33.03 6.56 -11.91
CA GLY A 321 33.07 7.61 -12.95
C GLY A 321 33.42 7.08 -14.34
N ALA A 322 34.14 5.94 -14.39
CA ALA A 322 34.36 5.18 -15.63
C ALA A 322 33.06 4.70 -16.25
N THR A 323 32.87 5.04 -17.53
CA THR A 323 31.67 4.69 -18.32
C THR A 323 31.71 3.25 -18.87
N GLN A 324 30.58 2.86 -19.46
CA GLN A 324 30.42 1.61 -20.22
C GLN A 324 31.54 1.37 -21.24
N GLU A 325 31.89 2.41 -21.99
CA GLU A 325 32.92 2.36 -23.04
C GLU A 325 34.28 1.91 -22.47
N ARG A 326 34.75 2.56 -21.41
CA ARG A 326 35.99 2.19 -20.75
C ARG A 326 35.96 0.77 -20.15
N THR A 327 34.81 0.36 -19.63
CA THR A 327 34.69 -0.98 -19.05
C THR A 327 34.77 -2.03 -20.17
N GLN A 328 34.14 -1.71 -21.29
CA GLN A 328 34.18 -2.56 -22.48
C GLN A 328 35.62 -2.84 -22.92
N LYS A 329 36.48 -1.81 -22.96
CA LYS A 329 37.82 -2.02 -23.47
C LYS A 329 38.54 -2.93 -22.54
N VAL A 330 38.30 -2.81 -21.22
CA VAL A 330 39.01 -3.70 -20.30
C VAL A 330 38.54 -5.12 -20.47
N LEU A 331 37.22 -5.29 -20.60
CA LEU A 331 36.60 -6.57 -20.92
C LEU A 331 37.07 -7.21 -22.24
N ASN A 332 37.24 -6.39 -23.28
CA ASN A 332 37.84 -6.82 -24.54
C ASN A 332 39.27 -7.31 -24.39
N GLU A 333 40.08 -6.59 -23.67
CA GLU A 333 41.41 -7.08 -23.37
C GLU A 333 41.40 -8.43 -22.58
N VAL A 334 40.46 -8.60 -21.66
CA VAL A 334 40.33 -9.85 -20.93
C VAL A 334 39.90 -10.98 -21.87
N THR A 335 38.81 -10.76 -22.60
CA THR A 335 38.24 -11.74 -23.54
C THR A 335 39.30 -12.11 -24.58
N HIS A 336 39.92 -11.07 -25.15
CA HIS A 336 41.03 -11.26 -26.09
C HIS A 336 42.16 -12.16 -25.58
N TYR A 337 42.54 -11.97 -24.31
CA TYR A 337 43.57 -12.79 -23.69
C TYR A 337 43.18 -14.26 -23.70
N TYR A 338 41.98 -14.59 -23.19
CA TYR A 338 41.52 -15.99 -23.16
C TYR A 338 41.34 -16.62 -24.55
N LEU A 339 41.00 -15.82 -25.58
CA LEU A 339 40.74 -16.36 -26.93
C LEU A 339 41.99 -16.39 -27.80
N THR A 340 43.07 -15.74 -27.37
CA THR A 340 44.33 -15.76 -28.12
C THR A 340 45.31 -16.58 -27.35
N LYS A 341 45.80 -16.08 -26.22
CA LYS A 341 46.77 -16.85 -25.43
C LYS A 341 46.30 -18.14 -24.73
N GLU A 342 45.02 -18.28 -24.39
CA GLU A 342 44.58 -19.50 -23.69
C GLU A 342 43.64 -20.35 -24.52
N LYS A 343 43.72 -20.22 -25.83
CA LYS A 343 42.72 -20.79 -26.73
C LYS A 343 42.77 -22.30 -26.76
N ASN A 344 43.93 -22.89 -26.40
CA ASN A 344 44.01 -24.37 -26.26
C ASN A 344 43.39 -24.86 -24.94
N ASN A 345 43.27 -23.96 -23.97
CA ASN A 345 42.57 -24.26 -22.71
C ASN A 345 41.07 -23.88 -22.59
N VAL A 346 40.71 -22.72 -23.12
CA VAL A 346 39.42 -22.10 -22.87
C VAL A 346 38.44 -22.46 -23.98
N GLU A 347 37.29 -22.98 -23.60
CA GLU A 347 36.22 -23.20 -24.57
C GLU A 347 35.39 -21.92 -24.81
N SER A 348 35.04 -21.18 -23.75
CA SER A 348 34.12 -20.05 -23.88
C SER A 348 34.36 -18.99 -22.83
N VAL A 349 34.08 -17.77 -23.20
CA VAL A 349 34.11 -16.62 -22.30
C VAL A 349 32.72 -15.98 -22.41
N PHE A 350 32.06 -15.77 -21.27
CA PHE A 350 30.76 -15.11 -21.24
C PHE A 350 30.99 -13.86 -20.44
N ALA A 351 31.01 -12.73 -21.14
CA ALA A 351 31.42 -11.49 -20.53
C ALA A 351 30.25 -10.52 -20.38
N VAL A 352 30.14 -9.95 -19.20
CA VAL A 352 29.01 -9.10 -18.88
C VAL A 352 29.56 -7.78 -18.49
N ASN A 353 29.08 -6.73 -19.14
CA ASN A 353 29.49 -5.35 -18.88
C ASN A 353 28.38 -4.68 -18.08
N GLY A 354 28.69 -4.16 -16.92
CA GLY A 354 27.73 -3.38 -16.11
C GLY A 354 27.24 -4.07 -14.84
N PHE A 355 27.56 -5.34 -14.73
CA PHE A 355 27.31 -6.11 -13.55
C PHE A 355 28.62 -6.75 -13.15
N GLY A 356 28.99 -6.71 -11.88
CA GLY A 356 29.98 -7.67 -11.40
C GLY A 356 29.85 -8.12 -9.96
N PHE A 357 30.96 -8.67 -9.46
CA PHE A 357 31.04 -9.21 -8.09
C PHE A 357 30.31 -8.25 -7.12
N ALA A 358 30.61 -6.95 -7.27
CA ALA A 358 30.09 -5.85 -6.42
C ALA A 358 28.57 -5.60 -6.42
N GLY A 359 27.82 -6.36 -7.22
CA GLY A 359 26.52 -5.92 -7.70
C GLY A 359 26.73 -5.14 -8.99
N ARG A 360 26.09 -3.98 -9.09
CA ARG A 360 25.86 -3.37 -10.39
C ARG A 360 26.33 -1.93 -10.53
N GLY A 361 26.95 -1.62 -11.67
CA GLY A 361 27.38 -0.24 -12.01
C GLY A 361 28.17 -0.21 -13.31
N GLN A 362 28.28 0.99 -13.87
CA GLN A 362 28.87 1.22 -15.20
C GLN A 362 30.39 0.91 -15.26
N ASN A 363 31.00 0.79 -14.08
CA ASN A 363 32.41 0.65 -13.96
C ASN A 363 32.75 -0.79 -13.61
N THR A 364 31.83 -1.72 -13.80
CA THR A 364 32.04 -3.09 -13.35
C THR A 364 31.71 -4.04 -14.45
N GLY A 365 32.35 -5.20 -14.43
CA GLY A 365 32.03 -6.25 -15.35
C GLY A 365 32.55 -7.54 -14.81
N ILE A 366 32.22 -8.62 -15.51
CA ILE A 366 32.57 -9.94 -15.08
C ILE A 366 32.71 -10.83 -16.31
N ALA A 367 33.63 -11.78 -16.26
CA ALA A 367 33.74 -12.76 -17.33
C ALA A 367 33.69 -14.09 -16.68
N PHE A 368 32.80 -14.95 -17.14
CA PHE A 368 32.75 -16.33 -16.70
C PHE A 368 33.46 -17.17 -17.73
N VAL A 369 34.49 -17.92 -17.32
CA VAL A 369 35.31 -18.69 -18.23
C VAL A 369 35.11 -20.18 -18.06
N SER A 370 34.99 -20.86 -19.17
CA SER A 370 34.80 -22.28 -19.17
C SER A 370 35.90 -22.95 -20.00
N LEU A 371 36.51 -23.95 -19.40
CA LEU A 371 37.68 -24.62 -19.92
C LEU A 371 37.28 -25.86 -20.64
N LYS A 372 38.13 -26.28 -21.59
CA LYS A 372 37.88 -27.54 -22.27
C LYS A 372 37.96 -28.69 -21.27
N ASP A 373 37.44 -29.83 -21.69
CA ASP A 373 37.53 -31.09 -20.94
C ASP A 373 38.89 -31.28 -20.22
N TRP A 374 38.82 -31.66 -18.94
CA TRP A 374 39.94 -32.13 -18.09
C TRP A 374 41.07 -32.88 -18.87
N ALA A 375 40.69 -33.84 -19.72
CA ALA A 375 41.64 -34.71 -20.43
C ALA A 375 42.19 -34.12 -21.74
N ASP A 376 41.58 -33.05 -22.24
CA ASP A 376 42.19 -32.24 -23.34
C ASP A 376 43.19 -31.19 -22.84
N ARG A 377 43.44 -31.13 -21.53
CA ARG A 377 44.39 -30.19 -20.93
C ARG A 377 45.41 -30.96 -20.05
N PRO A 378 46.28 -31.77 -20.67
CA PRO A 378 47.31 -32.45 -19.86
C PRO A 378 48.41 -31.47 -19.45
N GLY A 379 48.99 -31.65 -18.28
CA GLY A 379 50.05 -30.78 -17.76
C GLY A 379 49.51 -29.93 -16.64
N GLU A 380 50.33 -29.71 -15.62
CA GLU A 380 49.97 -28.88 -14.45
C GLU A 380 49.83 -27.36 -14.76
N GLU A 381 50.59 -26.87 -15.76
CA GLU A 381 50.46 -25.49 -16.24
C GLU A 381 49.13 -25.26 -17.02
N ASN A 382 48.44 -26.33 -17.40
CA ASN A 382 47.13 -26.25 -18.03
C ASN A 382 45.93 -26.53 -17.11
N LYS A 383 46.16 -26.47 -15.79
CA LYS A 383 45.08 -26.62 -14.83
C LYS A 383 44.66 -25.26 -14.34
N VAL A 384 43.40 -25.22 -13.90
CA VAL A 384 42.70 -24.02 -13.41
C VAL A 384 43.60 -23.11 -12.59
N GLU A 385 44.25 -23.69 -11.58
CA GLU A 385 45.18 -22.98 -10.65
C GLU A 385 46.26 -22.22 -11.45
N ALA A 386 46.95 -22.93 -12.32
CA ALA A 386 48.05 -22.33 -13.13
C ALA A 386 47.52 -21.27 -14.17
N ILE A 387 46.42 -21.60 -14.86
CA ILE A 387 45.74 -20.69 -15.78
C ILE A 387 45.33 -19.38 -15.10
N THR A 388 44.71 -19.45 -13.92
CA THR A 388 44.25 -18.21 -13.22
C THR A 388 45.41 -17.36 -12.73
N MET A 389 46.42 -18.02 -12.18
CA MET A 389 47.67 -17.33 -11.82
C MET A 389 48.24 -16.54 -13.03
N ARG A 390 48.39 -17.20 -14.19
CA ARG A 390 48.94 -16.52 -15.40
C ARG A 390 48.04 -15.39 -15.86
N ALA A 391 46.74 -15.68 -15.85
CA ALA A 391 45.73 -14.69 -16.26
C ALA A 391 45.79 -13.46 -15.37
N THR A 392 45.89 -13.69 -14.06
CA THR A 392 46.01 -12.57 -13.12
C THR A 392 47.32 -11.80 -13.29
N ARG A 393 48.38 -12.55 -13.51
CA ARG A 393 49.68 -11.93 -13.78
C ARG A 393 49.53 -11.08 -15.04
N ALA A 394 49.01 -11.62 -16.13
CA ALA A 394 48.90 -10.79 -17.37
C ALA A 394 48.05 -9.55 -17.21
N PHE A 395 46.97 -9.66 -16.43
CA PHE A 395 46.06 -8.51 -16.23
C PHE A 395 46.55 -7.46 -15.23
N SER A 396 47.52 -7.83 -14.39
CA SER A 396 48.10 -6.91 -13.38
C SER A 396 48.61 -5.60 -13.96
N GLN A 397 49.06 -5.66 -15.21
CA GLN A 397 49.63 -4.53 -15.90
C GLN A 397 48.58 -3.54 -16.43
N ILE A 398 47.29 -3.90 -16.45
CA ILE A 398 46.24 -3.04 -17.04
C ILE A 398 46.02 -1.88 -16.10
N LYS A 399 46.00 -0.68 -16.64
CA LYS A 399 45.97 0.54 -15.81
C LYS A 399 44.58 1.13 -15.58
N ASP A 400 44.40 1.61 -14.34
CA ASP A 400 43.10 2.11 -13.83
C ASP A 400 42.09 0.95 -13.88
N ALA A 401 42.42 -0.12 -13.16
CA ALA A 401 41.62 -1.36 -13.19
C ALA A 401 42.13 -2.42 -12.23
N MET A 402 41.26 -2.88 -11.35
CA MET A 402 41.51 -4.13 -10.67
C MET A 402 40.91 -5.23 -11.57
N VAL A 403 41.76 -6.01 -12.20
CA VAL A 403 41.32 -7.16 -12.93
C VAL A 403 42.02 -8.32 -12.30
N PHE A 404 41.27 -9.36 -11.93
CA PHE A 404 41.87 -10.65 -11.58
C PHE A 404 40.97 -11.84 -11.77
N ALA A 405 41.57 -12.99 -11.88
CA ALA A 405 40.91 -14.24 -12.17
C ALA A 405 41.07 -15.18 -11.01
N PHE A 406 39.97 -15.78 -10.60
CA PHE A 406 39.92 -16.69 -9.46
C PHE A 406 38.83 -17.76 -9.62
N ASN A 407 39.14 -18.94 -9.09
CA ASN A 407 38.35 -20.15 -9.27
C ASN A 407 37.34 -20.46 -8.13
N LEU A 408 37.01 -19.48 -7.26
CA LEU A 408 35.98 -19.66 -6.20
C LEU A 408 35.84 -21.11 -5.62
N THR A 416 41.21 -15.64 1.86
CA THR A 416 40.07 -16.00 2.70
C THR A 416 40.51 -16.50 4.12
N ALA A 417 41.66 -17.17 4.24
CA ALA A 417 42.21 -17.63 5.54
C ALA A 417 43.31 -16.71 6.16
N THR A 418 43.95 -15.85 5.33
CA THR A 418 44.88 -14.79 5.81
C THR A 418 44.21 -13.42 5.86
N GLY A 419 43.04 -13.26 5.22
CA GLY A 419 42.41 -11.95 5.04
C GLY A 419 41.65 -11.45 6.27
N PHE A 420 41.32 -10.16 6.27
CA PHE A 420 40.46 -9.59 7.33
C PHE A 420 39.43 -8.60 6.72
N ASP A 421 38.36 -8.34 7.49
CA ASP A 421 37.22 -7.57 6.97
C ASP A 421 36.76 -6.53 7.99
N PHE A 422 37.23 -5.31 7.80
CA PHE A 422 37.13 -4.29 8.82
C PHE A 422 36.04 -3.31 8.37
N GLU A 423 35.21 -2.87 9.34
CA GLU A 423 34.21 -1.83 9.12
C GLU A 423 34.55 -0.58 9.91
N LEU A 424 34.83 0.52 9.22
CA LEU A 424 34.92 1.84 9.87
C LEU A 424 33.53 2.49 9.93
N ILE A 425 33.08 2.84 11.12
CA ILE A 425 31.71 3.25 11.35
C ILE A 425 31.67 4.69 11.87
N ASP A 426 30.83 5.54 11.26
CA ASP A 426 30.45 6.87 11.82
C ASP A 426 29.50 6.73 13.00
N GLN A 427 29.97 7.03 14.21
CA GLN A 427 29.08 6.86 15.42
C GLN A 427 28.61 8.13 16.09
N ALA A 428 28.67 9.24 15.37
CA ALA A 428 28.42 10.55 16.02
C ALA A 428 27.87 11.62 15.06
N GLY A 429 27.20 11.18 14.00
CA GLY A 429 26.67 12.10 12.99
C GLY A 429 27.73 12.97 12.34
N LEU A 430 28.92 12.43 12.15
CA LEU A 430 29.99 13.21 11.51
C LEU A 430 29.73 13.46 10.03
N GLY A 431 29.00 12.54 9.38
CA GLY A 431 28.71 12.62 7.97
C GLY A 431 29.77 11.97 7.08
N HIS A 432 29.42 11.86 5.81
CA HIS A 432 30.18 11.08 4.90
C HIS A 432 31.61 11.65 4.69
N GLU A 433 31.75 12.97 4.65
CA GLU A 433 33.04 13.63 4.29
C GLU A 433 34.09 13.39 5.41
N LYS A 434 33.70 13.66 6.65
CA LYS A 434 34.53 13.32 7.79
C LYS A 434 34.85 11.82 7.85
N LEU A 435 33.91 10.95 7.48
CA LEU A 435 34.19 9.53 7.52
C LEU A 435 35.27 9.12 6.48
N THR A 436 35.26 9.74 5.31
CA THR A 436 36.32 9.58 4.31
C THR A 436 37.74 10.03 4.87
N GLN A 437 37.81 11.28 5.33
CA GLN A 437 38.98 11.86 6.04
C GLN A 437 39.56 10.86 7.07
N ALA A 438 38.72 10.38 8.01
CA ALA A 438 39.10 9.31 8.97
C ALA A 438 39.55 7.98 8.31
N ARG A 439 38.84 7.55 7.26
CA ARG A 439 39.24 6.38 6.51
C ARG A 439 40.66 6.57 5.96
N ASN A 440 40.91 7.72 5.33
CA ASN A 440 42.23 8.00 4.69
C ASN A 440 43.36 8.06 5.70
N GLN A 441 43.02 8.53 6.89
CA GLN A 441 43.96 8.62 7.98
C GLN A 441 44.33 7.22 8.45
N LEU A 442 43.35 6.31 8.50
CA LEU A 442 43.62 4.89 8.84
C LEU A 442 44.46 4.18 7.77
N LEU A 443 44.15 4.46 6.51
CA LEU A 443 44.81 3.79 5.42
C LEU A 443 46.30 4.18 5.30
N ALA A 444 46.58 5.48 5.41
CA ALA A 444 47.97 5.97 5.41
C ALA A 444 48.85 5.47 6.59
N GLU A 445 48.24 5.27 7.77
CA GLU A 445 48.94 4.64 8.89
C GLU A 445 49.16 3.17 8.60
N ALA A 446 48.14 2.45 8.17
CA ALA A 446 48.29 1.03 7.77
C ALA A 446 49.44 0.83 6.76
N ALA A 447 49.59 1.79 5.86
CA ALA A 447 50.65 1.79 4.86
C ALA A 447 52.09 1.84 5.45
N LYS A 448 52.25 2.53 6.57
CA LYS A 448 53.52 2.61 7.27
C LYS A 448 53.83 1.38 8.12
N HIS A 449 53.07 0.28 7.99
CA HIS A 449 53.38 -0.99 8.69
C HIS A 449 53.44 -2.24 7.74
N PRO A 450 54.30 -2.24 6.70
CA PRO A 450 54.37 -3.40 5.76
C PRO A 450 54.70 -4.76 6.41
N ASP A 451 55.43 -4.69 7.52
CA ASP A 451 55.75 -5.84 8.38
C ASP A 451 54.53 -6.65 8.89
N MET A 452 53.45 -5.95 9.22
CA MET A 452 52.23 -6.59 9.75
C MET A 452 51.07 -6.61 8.76
N LEU A 453 50.91 -5.56 7.94
CA LEU A 453 49.75 -5.36 7.06
C LEU A 453 50.14 -5.22 5.59
N THR A 454 49.54 -6.07 4.75
CA THR A 454 49.65 -5.93 3.28
C THR A 454 48.29 -5.60 2.62
N SER A 455 48.32 -4.61 1.73
CA SER A 455 47.22 -4.21 0.82
C SER A 455 45.89 -3.94 1.56
N VAL A 456 45.92 -2.84 2.30
CA VAL A 456 44.79 -2.38 3.08
C VAL A 456 44.17 -1.36 2.18
N ARG A 457 42.89 -1.55 1.90
CA ARG A 457 42.26 -0.86 0.78
C ARG A 457 40.78 -0.77 1.10
N PRO A 458 40.15 0.32 0.66
CA PRO A 458 38.70 0.35 0.80
C PRO A 458 38.08 -0.69 -0.14
N ASN A 459 36.99 -1.33 0.31
CA ASN A 459 36.19 -2.14 -0.60
C ASN A 459 35.29 -1.38 -1.54
N GLY A 460 34.93 -0.16 -1.17
CA GLY A 460 34.02 0.68 -1.94
C GLY A 460 34.59 1.65 -2.96
N LEU A 461 33.81 2.70 -3.22
CA LEU A 461 34.07 3.66 -4.28
C LEU A 461 34.34 5.07 -3.73
N GLU A 462 35.09 5.84 -4.53
CA GLU A 462 35.42 7.22 -4.26
C GLU A 462 34.33 8.14 -4.74
N ASP A 463 34.18 9.29 -4.08
CA ASP A 463 33.29 10.36 -4.54
C ASP A 463 33.64 10.76 -5.97
N THR A 464 32.65 11.31 -6.69
CA THR A 464 32.85 11.75 -8.05
C THR A 464 32.12 13.05 -8.23
N PRO A 465 32.43 13.81 -9.30
CA PRO A 465 31.67 15.04 -9.57
C PRO A 465 30.18 14.80 -9.78
N GLN A 466 29.35 15.62 -9.17
CA GLN A 466 27.93 15.57 -9.43
C GLN A 466 27.40 16.97 -9.66
N PHE A 467 26.25 17.08 -10.32
CA PHE A 467 25.70 18.36 -10.82
C PHE A 467 24.61 18.75 -9.84
N LYS A 468 24.88 19.77 -9.04
CA LYS A 468 23.94 20.23 -8.03
C LYS A 468 23.13 21.36 -8.60
N ILE A 469 21.82 21.15 -8.62
CA ILE A 469 20.89 22.13 -9.16
C ILE A 469 19.94 22.62 -8.07
N ASP A 470 19.79 23.93 -7.95
CA ASP A 470 19.00 24.54 -6.88
C ASP A 470 17.77 25.14 -7.51
N ILE A 471 16.59 24.69 -7.10
CA ILE A 471 15.37 25.34 -7.56
C ILE A 471 15.14 26.62 -6.74
N ASP A 472 15.01 27.78 -7.39
CA ASP A 472 14.64 29.00 -6.67
C ASP A 472 13.15 29.08 -6.45
N GLN A 473 12.75 28.78 -5.23
CA GLN A 473 11.32 28.72 -4.84
C GLN A 473 10.58 29.99 -5.14
N GLU A 474 11.22 31.12 -4.86
CA GLU A 474 10.60 32.43 -5.04
C GLU A 474 10.35 32.78 -6.47
N LYS A 475 11.34 32.50 -7.32
CA LYS A 475 11.13 32.69 -8.76
C LYS A 475 10.02 31.76 -9.31
N ALA A 476 10.03 30.50 -8.91
CA ALA A 476 8.94 29.58 -9.28
C ALA A 476 7.59 30.14 -8.88
N GLN A 477 7.49 30.55 -7.62
CA GLN A 477 6.23 31.08 -7.11
C GLN A 477 5.83 32.33 -7.87
N ALA A 478 6.79 33.20 -8.13
CA ALA A 478 6.50 34.44 -8.83
C ALA A 478 6.00 34.20 -10.26
N LEU A 479 6.59 33.24 -10.96
CA LEU A 479 6.18 32.89 -12.33
C LEU A 479 4.95 31.97 -12.39
N GLY A 480 4.52 31.40 -11.28
CA GLY A 480 3.37 30.51 -11.24
C GLY A 480 3.64 29.12 -11.77
N VAL A 481 4.87 28.65 -11.57
CA VAL A 481 5.31 27.32 -11.95
C VAL A 481 5.31 26.48 -10.70
N SER A 482 4.65 25.33 -10.75
CA SER A 482 4.59 24.46 -9.62
C SER A 482 5.86 23.66 -9.47
N ILE A 483 6.15 23.33 -8.22
CA ILE A 483 7.33 22.59 -7.89
C ILE A 483 7.18 21.14 -8.33
N ASN A 484 6.00 20.52 -8.21
CA ASN A 484 5.82 19.15 -8.74
C ASN A 484 6.01 19.10 -10.27
N ASP A 485 5.53 20.12 -11.00
CA ASP A 485 5.76 20.19 -12.44
C ASP A 485 7.25 20.30 -12.76
N ILE A 486 7.97 21.11 -11.97
CA ILE A 486 9.41 21.29 -12.20
C ILE A 486 10.12 19.97 -11.97
N ASN A 487 9.79 19.32 -10.86
CA ASN A 487 10.49 18.14 -10.45
C ASN A 487 10.23 16.93 -11.34
N THR A 488 8.99 16.76 -11.77
CA THR A 488 8.64 15.70 -12.71
C THR A 488 9.36 15.97 -14.03
N THR A 489 9.42 17.23 -14.48
CA THR A 489 10.02 17.53 -15.77
C THR A 489 11.51 17.23 -15.73
N LEU A 490 12.19 17.60 -14.64
CA LEU A 490 13.61 17.25 -14.47
C LEU A 490 13.82 15.75 -14.43
N GLY A 491 13.06 15.13 -13.53
CA GLY A 491 13.21 13.69 -13.26
C GLY A 491 12.86 12.80 -14.42
N ALA A 492 11.76 13.12 -15.07
CA ALA A 492 11.31 12.27 -16.13
C ALA A 492 12.30 12.39 -17.29
N ALA A 493 12.71 13.61 -17.61
CA ALA A 493 13.56 13.84 -18.74
C ALA A 493 14.96 13.25 -18.56
N TRP A 494 15.66 13.54 -17.46
CA TRP A 494 17.07 13.21 -17.29
C TRP A 494 17.28 11.89 -16.59
N GLY A 495 16.22 11.40 -15.96
CA GLY A 495 16.25 10.13 -15.25
C GLY A 495 15.37 9.00 -15.71
N GLY A 496 14.22 9.34 -16.31
CA GLY A 496 13.28 8.35 -16.80
C GLY A 496 12.22 8.18 -15.74
N SER A 497 10.98 7.95 -16.15
CA SER A 497 9.83 7.69 -15.27
C SER A 497 9.04 6.50 -15.79
N TYR A 498 8.75 5.58 -14.89
CA TYR A 498 7.84 4.47 -15.12
C TYR A 498 6.39 5.00 -15.04
N VAL A 499 5.66 5.03 -16.12
CA VAL A 499 4.34 5.66 -16.15
C VAL A 499 3.25 4.65 -15.78
N ASN A 500 3.14 3.56 -16.54
CA ASN A 500 2.17 2.48 -16.30
C ASN A 500 2.58 1.26 -17.12
N ASP A 501 1.76 0.22 -17.13
CA ASP A 501 2.01 -0.96 -17.88
C ASP A 501 1.31 -1.02 -19.27
N PHE A 502 1.84 -1.79 -20.20
CA PHE A 502 1.19 -2.05 -21.47
C PHE A 502 1.28 -3.56 -21.68
N ILE A 503 0.78 -4.05 -22.81
CA ILE A 503 0.82 -5.50 -23.13
C ILE A 503 1.59 -5.76 -24.41
N ASP A 504 2.72 -6.43 -24.27
CA ASP A 504 3.58 -6.71 -25.44
C ASP A 504 3.50 -8.18 -25.73
N ARG A 505 2.94 -8.53 -26.88
CA ARG A 505 2.79 -9.94 -27.27
C ARG A 505 2.20 -10.81 -26.14
N GLY A 506 1.18 -10.24 -25.50
CA GLY A 506 0.36 -10.89 -24.44
C GLY A 506 0.88 -10.79 -23.01
N ARG A 507 2.03 -10.11 -22.83
CA ARG A 507 2.74 -10.10 -21.58
C ARG A 507 2.74 -8.71 -21.04
N VAL A 508 2.43 -8.54 -19.76
CA VAL A 508 2.55 -7.24 -19.15
C VAL A 508 4.01 -6.78 -19.02
N LYS A 509 4.24 -5.53 -19.40
CA LYS A 509 5.54 -4.87 -19.40
C LYS A 509 5.35 -3.40 -19.08
N LYS A 510 6.43 -2.72 -18.78
CA LYS A 510 6.38 -1.33 -18.37
C LYS A 510 6.49 -0.33 -19.50
N VAL A 511 6.01 0.90 -19.23
CA VAL A 511 6.11 2.04 -20.18
C VAL A 511 6.99 3.11 -19.50
N TYR A 512 8.00 3.64 -20.19
CA TYR A 512 8.92 4.64 -19.64
C TYR A 512 8.97 5.86 -20.55
N VAL A 513 8.93 7.05 -19.97
CA VAL A 513 9.23 8.28 -20.68
C VAL A 513 10.56 8.74 -20.19
N MET A 514 11.37 9.20 -21.13
CA MET A 514 12.68 9.78 -20.84
C MET A 514 13.02 10.70 -22.03
N SER A 515 13.87 11.69 -21.80
CA SER A 515 14.47 12.45 -22.92
C SER A 515 15.21 11.54 -23.89
N GLU A 516 15.02 11.74 -25.17
CA GLU A 516 15.93 11.17 -26.16
C GLU A 516 17.35 11.59 -25.74
N ALA A 517 18.32 10.74 -25.98
CA ALA A 517 19.70 10.86 -25.49
C ALA A 517 20.36 12.25 -25.74
N LYS A 518 20.26 12.73 -26.95
CA LYS A 518 21.01 13.91 -27.33
C LYS A 518 20.59 15.13 -26.53
N TYR A 519 19.37 15.13 -25.97
CA TYR A 519 18.90 16.29 -25.15
C TYR A 519 19.14 16.18 -23.62
N ARG A 520 19.87 15.16 -23.18
CA ARG A 520 20.23 15.01 -21.79
C ARG A 520 21.70 14.61 -21.57
N MET A 521 22.59 15.18 -22.39
CA MET A 521 24.03 14.86 -22.36
C MET A 521 24.90 15.94 -21.76
N LEU A 522 24.61 17.21 -21.99
CA LEU A 522 25.43 18.30 -21.45
C LEU A 522 24.70 19.29 -20.49
N PRO A 523 25.45 19.96 -19.56
CA PRO A 523 24.82 20.96 -18.66
C PRO A 523 23.97 22.03 -19.35
N ASP A 524 24.42 22.54 -20.49
CA ASP A 524 23.57 23.45 -21.28
C ASP A 524 22.19 22.89 -21.66
N ASP A 525 22.03 21.56 -21.78
CA ASP A 525 20.71 20.98 -22.12
C ASP A 525 19.62 21.22 -21.04
N ILE A 526 20.02 21.48 -19.80
CA ILE A 526 19.08 21.83 -18.74
C ILE A 526 18.21 23.00 -19.19
N GLY A 527 18.83 23.95 -19.87
CA GLY A 527 18.10 25.13 -20.34
C GLY A 527 17.16 24.98 -21.52
N ASP A 528 17.19 23.83 -22.22
CA ASP A 528 16.31 23.53 -23.34
C ASP A 528 14.95 22.98 -22.89
N TRP A 529 14.83 22.54 -21.62
CA TRP A 529 13.55 22.03 -21.07
C TRP A 529 12.65 23.11 -20.45
N TYR A 530 11.41 23.14 -20.93
CA TYR A 530 10.40 24.13 -20.51
C TYR A 530 9.32 23.49 -19.63
N VAL A 531 8.79 24.31 -18.73
CA VAL A 531 7.67 23.94 -17.87
C VAL A 531 6.65 25.01 -18.13
N ARG A 532 5.36 24.65 -18.06
CA ARG A 532 4.26 25.57 -18.35
C ARG A 532 3.75 26.17 -17.06
N ALA A 533 3.67 27.48 -16.98
CA ALA A 533 3.11 28.09 -15.75
C ALA A 533 1.57 28.07 -15.76
N ALA A 534 0.98 28.41 -14.61
CA ALA A 534 -0.49 28.50 -14.43
C ALA A 534 -1.19 29.41 -15.45
N ASP A 535 -0.51 30.46 -15.87
CA ASP A 535 -1.06 31.41 -16.82
C ASP A 535 -0.83 31.01 -18.28
N GLY A 536 -0.21 29.84 -18.52
CA GLY A 536 -0.04 29.28 -19.86
C GLY A 536 1.30 29.52 -20.50
N GLN A 537 2.14 30.35 -19.88
CA GLN A 537 3.46 30.66 -20.43
C GLN A 537 4.47 29.53 -20.22
N MET A 538 5.25 29.30 -21.26
CA MET A 538 6.35 28.34 -21.19
C MET A 538 7.55 29.04 -20.54
N VAL A 539 8.12 28.43 -19.51
CA VAL A 539 9.26 28.97 -18.79
C VAL A 539 10.44 27.99 -18.85
N PRO A 540 11.58 28.46 -19.36
CA PRO A 540 12.70 27.56 -19.41
C PRO A 540 13.23 27.29 -18.05
N PHE A 541 13.87 26.14 -17.88
CA PHE A 541 14.49 25.73 -16.61
C PHE A 541 15.51 26.73 -16.06
N SER A 542 16.21 27.40 -16.98
CA SER A 542 17.20 28.36 -16.63
C SER A 542 16.59 29.57 -15.87
N ALA A 543 15.31 29.85 -16.07
CA ALA A 543 14.66 30.96 -15.38
C ALA A 543 14.53 30.82 -13.85
N PHE A 544 14.45 29.59 -13.33
CA PHE A 544 14.26 29.33 -11.91
C PHE A 544 15.26 28.38 -11.28
N SER A 545 16.42 28.17 -11.94
CA SER A 545 17.46 27.36 -11.36
C SER A 545 18.86 27.90 -11.54
N SER A 546 19.76 27.35 -10.73
CA SER A 546 21.18 27.64 -10.81
C SER A 546 21.89 26.37 -10.47
N SER A 547 23.08 26.19 -11.04
CA SER A 547 23.78 24.96 -10.85
C SER A 547 25.27 25.13 -10.60
N ARG A 548 25.88 24.16 -9.94
CA ARG A 548 27.30 24.15 -9.65
C ARG A 548 27.77 22.68 -9.56
N TRP A 549 29.05 22.43 -9.86
CA TRP A 549 29.62 21.11 -9.63
C TRP A 549 29.99 20.98 -8.17
N GLU A 550 29.93 19.77 -7.66
CA GLU A 550 30.36 19.44 -6.30
C GLU A 550 30.79 18.02 -6.30
N TYR A 551 31.31 17.52 -5.19
CA TYR A 551 31.58 16.07 -5.08
C TYR A 551 30.49 15.39 -4.23
N GLY A 552 30.26 14.10 -4.48
CA GLY A 552 29.42 13.25 -3.61
C GLY A 552 29.62 11.79 -3.96
N SER A 553 29.02 10.89 -3.20
CA SER A 553 29.31 9.45 -3.28
C SER A 553 28.41 8.71 -4.25
N PRO A 554 28.98 7.74 -5.00
CA PRO A 554 28.12 6.93 -5.81
C PRO A 554 27.74 5.64 -5.11
N ARG A 555 28.31 5.35 -3.95
CA ARG A 555 27.92 4.18 -3.19
C ARG A 555 28.11 4.48 -1.73
N LEU A 556 27.01 4.74 -1.04
CA LEU A 556 27.03 4.98 0.39
C LEU A 556 26.79 3.63 1.04
N GLU A 557 27.71 3.24 1.93
CA GLU A 557 27.66 1.95 2.68
C GLU A 557 27.16 2.18 4.11
N ARG A 558 26.46 1.18 4.69
CA ARG A 558 26.13 1.20 6.07
C ARG A 558 26.36 -0.17 6.71
N TYR A 559 26.70 -0.13 8.00
CA TYR A 559 26.92 -1.34 8.77
C TYR A 559 26.12 -1.21 10.07
N ASN A 560 25.20 -2.13 10.27
CA ASN A 560 24.35 -2.12 11.44
C ASN A 560 23.63 -0.80 11.62
N GLY A 561 23.15 -0.23 10.52
CA GLY A 561 22.33 0.97 10.57
C GLY A 561 23.10 2.26 10.61
N LEU A 562 24.45 2.21 10.65
CA LEU A 562 25.25 3.42 10.67
C LEU A 562 26.15 3.55 9.44
N PRO A 563 26.40 4.80 8.99
CA PRO A 563 27.33 5.01 7.88
C PRO A 563 28.65 4.34 8.16
N SER A 564 29.21 3.71 7.12
CA SER A 564 30.39 2.89 7.22
C SER A 564 31.24 2.87 5.95
N MET A 565 32.48 2.46 6.11
CA MET A 565 33.37 2.24 4.98
C MET A 565 34.07 0.96 5.29
N GLU A 566 33.92 -0.03 4.40
CA GLU A 566 34.57 -1.34 4.59
C GLU A 566 36.03 -1.28 4.13
N ILE A 567 36.91 -1.83 4.95
CA ILE A 567 38.33 -1.89 4.65
C ILE A 567 38.76 -3.35 4.72
N LEU A 568 39.38 -3.78 3.62
CA LEU A 568 39.91 -5.13 3.48
C LEU A 568 41.44 -5.11 3.53
N GLY A 569 42.00 -6.22 3.96
CA GLY A 569 43.43 -6.43 3.86
C GLY A 569 43.81 -7.80 4.34
N GLN A 570 45.12 -8.03 4.46
CA GLN A 570 45.62 -9.31 5.02
C GLN A 570 46.81 -9.19 5.97
N ALA A 571 46.91 -10.20 6.85
CA ALA A 571 48.11 -10.43 7.68
C ALA A 571 49.37 -10.57 6.79
N ALA A 572 50.40 -9.78 7.10
CA ALA A 572 51.71 -9.86 6.40
C ALA A 572 52.31 -11.27 6.46
N PRO A 573 53.26 -11.57 5.52
CA PRO A 573 53.78 -12.95 5.37
C PRO A 573 54.15 -13.63 6.72
N GLY A 574 53.44 -14.72 7.03
CA GLY A 574 53.67 -15.51 8.26
C GLY A 574 52.89 -15.18 9.53
N LYS A 575 52.63 -13.88 9.77
CA LYS A 575 52.00 -13.41 11.05
C LYS A 575 50.50 -13.68 11.04
N SER A 576 49.92 -14.03 12.19
CA SER A 576 48.50 -14.49 12.23
C SER A 576 47.50 -13.32 12.12
N THR A 577 46.28 -13.65 11.69
CA THR A 577 45.25 -12.62 11.57
C THR A 577 44.98 -11.94 12.92
N GLY A 578 44.88 -12.70 14.02
CA GLY A 578 44.77 -12.13 15.41
C GLY A 578 45.77 -11.01 15.77
N GLU A 579 47.02 -11.17 15.32
CA GLU A 579 48.07 -10.13 15.45
C GLU A 579 47.74 -8.95 14.54
N ALA A 580 47.32 -9.23 13.30
CA ALA A 580 47.03 -8.16 12.33
C ALA A 580 45.77 -7.33 12.73
N MET A 581 44.73 -8.02 13.17
CA MET A 581 43.53 -7.38 13.71
C MET A 581 43.83 -6.50 14.93
N GLU A 582 44.71 -7.00 15.81
CA GLU A 582 45.16 -6.27 17.00
C GLU A 582 45.83 -4.93 16.61
N LEU A 583 46.62 -4.91 15.53
CA LEU A 583 47.19 -3.65 15.00
C LEU A 583 46.17 -2.67 14.45
N MET A 584 45.21 -3.18 13.67
CA MET A 584 44.18 -2.31 13.08
C MET A 584 43.39 -1.60 14.18
N GLU A 585 43.11 -2.35 15.25
CA GLU A 585 42.47 -1.80 16.44
C GLU A 585 43.31 -0.69 17.08
N GLN A 586 44.62 -0.94 17.24
CA GLN A 586 45.51 0.08 17.78
C GLN A 586 45.50 1.32 16.93
N LEU A 587 45.64 1.14 15.61
CA LEU A 587 45.58 2.29 14.69
C LEU A 587 44.25 3.03 14.83
N ALA A 588 43.15 2.27 14.86
CA ALA A 588 41.79 2.83 14.90
C ALA A 588 41.47 3.57 16.15
N SER A 589 42.04 3.15 17.26
CA SER A 589 41.88 3.87 18.55
C SER A 589 42.37 5.31 18.51
N LYS A 590 43.35 5.61 17.64
CA LYS A 590 43.86 7.00 17.44
C LYS A 590 43.04 7.88 16.48
N LEU A 591 41.96 7.36 15.90
CA LEU A 591 41.18 8.10 14.90
C LEU A 591 40.31 9.17 15.60
N PRO A 592 39.74 10.14 14.86
CA PRO A 592 38.97 11.15 15.56
C PRO A 592 37.76 10.63 16.34
N THR A 593 37.29 11.48 17.22
CA THR A 593 36.13 11.28 18.06
C THR A 593 34.88 10.97 17.25
N GLY A 594 34.15 9.96 17.70
CA GLY A 594 32.94 9.52 17.02
C GLY A 594 33.17 8.49 15.93
N VAL A 595 34.41 8.27 15.53
CA VAL A 595 34.72 7.21 14.59
C VAL A 595 35.04 5.93 15.35
N GLY A 596 34.30 4.88 15.10
CA GLY A 596 34.47 3.57 15.73
C GLY A 596 34.69 2.50 14.70
N TYR A 597 34.63 1.24 15.13
CA TYR A 597 34.84 0.14 14.22
C TYR A 597 34.17 -1.15 14.70
N ASP A 598 34.08 -2.10 13.78
CA ASP A 598 33.64 -3.45 14.13
C ASP A 598 34.29 -4.42 13.15
N TRP A 599 34.19 -5.71 13.42
CA TRP A 599 34.76 -6.72 12.52
C TRP A 599 33.59 -7.49 11.93
N THR A 600 33.66 -7.79 10.62
CA THR A 600 32.59 -8.51 9.93
C THR A 600 33.19 -9.62 9.06
N GLY A 601 32.31 -10.51 8.55
CA GLY A 601 32.72 -11.59 7.61
C GLY A 601 33.69 -12.58 8.25
N MET A 602 34.81 -12.85 7.56
CA MET A 602 35.92 -13.70 8.07
C MET A 602 36.22 -13.42 9.55
N SER A 603 36.39 -12.12 9.83
CA SER A 603 36.82 -11.63 11.13
C SER A 603 35.79 -11.70 12.28
N TYR A 604 34.52 -11.92 11.96
CA TYR A 604 33.51 -12.13 13.01
C TYR A 604 33.75 -13.46 13.74
N ALA B 1 -2.37 -36.12 -0.67
CA ALA B 1 -2.59 -35.32 -1.93
C ALA B 1 -1.67 -34.09 -1.94
N PRO B 2 -1.36 -33.54 -3.14
CA PRO B 2 -0.46 -32.38 -3.15
C PRO B 2 -1.15 -31.12 -2.62
N PRO B 3 -0.57 -30.45 -1.60
CA PRO B 3 -1.26 -29.30 -1.06
C PRO B 3 -1.34 -28.16 -2.06
N ALA B 4 -2.43 -27.42 -2.01
CA ALA B 4 -2.67 -26.34 -2.91
C ALA B 4 -2.97 -25.07 -2.11
N VAL B 5 -2.37 -23.95 -2.51
CA VAL B 5 -2.66 -22.66 -1.90
C VAL B 5 -3.38 -21.85 -2.96
N THR B 6 -4.42 -21.12 -2.57
CA THR B 6 -5.29 -20.42 -3.51
C THR B 6 -5.25 -18.93 -3.20
N ILE B 7 -5.02 -18.09 -4.22
CA ILE B 7 -5.19 -16.66 -4.11
C ILE B 7 -6.50 -16.22 -4.79
N SER B 8 -7.31 -15.42 -4.11
CA SER B 8 -8.52 -14.86 -4.68
C SER B 8 -8.45 -13.38 -4.58
N ALA B 9 -8.80 -12.69 -5.65
CA ALA B 9 -8.95 -11.25 -5.62
C ALA B 9 -10.11 -10.87 -6.51
N SER B 10 -10.55 -9.63 -6.36
CA SER B 10 -11.64 -9.17 -7.21
C SER B 10 -11.58 -7.71 -7.58
N TYR B 11 -12.27 -7.37 -8.68
CA TYR B 11 -12.22 -6.05 -9.28
C TYR B 11 -13.66 -5.80 -9.75
N PRO B 12 -14.44 -5.08 -8.93
CA PRO B 12 -15.85 -4.96 -9.29
C PRO B 12 -16.02 -4.28 -10.62
N GLY B 13 -16.80 -4.91 -11.51
CA GLY B 13 -17.16 -4.33 -12.82
C GLY B 13 -16.14 -4.57 -13.95
N ALA B 14 -15.08 -5.33 -13.65
CA ALA B 14 -14.08 -5.62 -14.63
C ALA B 14 -14.40 -6.88 -15.39
N ASP B 15 -14.01 -6.86 -16.65
CA ASP B 15 -14.12 -7.97 -17.57
C ASP B 15 -12.89 -8.87 -17.41
N ALA B 16 -12.95 -10.10 -17.93
CA ALA B 16 -11.88 -11.07 -17.76
C ALA B 16 -10.43 -10.57 -18.18
N LYS B 17 -10.35 -9.89 -19.29
CA LYS B 17 -9.10 -9.40 -19.84
C LYS B 17 -8.51 -8.35 -18.95
N THR B 18 -9.35 -7.46 -18.48
CA THR B 18 -8.93 -6.43 -17.52
C THR B 18 -8.39 -7.07 -16.26
N VAL B 19 -9.11 -8.05 -15.74
CA VAL B 19 -8.66 -8.73 -14.56
C VAL B 19 -7.32 -9.39 -14.84
N GLN B 20 -7.25 -10.17 -15.92
CA GLN B 20 -6.03 -10.86 -16.27
C GLN B 20 -4.79 -9.93 -16.37
N ASP B 21 -4.98 -8.81 -17.05
CA ASP B 21 -3.86 -8.00 -17.43
C ASP B 21 -3.48 -6.92 -16.42
N THR B 22 -4.32 -6.62 -15.43
CA THR B 22 -3.96 -5.72 -14.36
C THR B 22 -3.76 -6.42 -13.06
N VAL B 23 -4.26 -7.66 -12.95
CA VAL B 23 -4.11 -8.41 -11.75
C VAL B 23 -3.38 -9.76 -11.91
N THR B 24 -3.92 -10.66 -12.70
CA THR B 24 -3.46 -11.98 -12.71
C THR B 24 -1.99 -12.11 -13.13
N GLN B 25 -1.66 -11.51 -14.24
CA GLN B 25 -0.27 -11.52 -14.73
C GLN B 25 0.69 -10.91 -13.75
N VAL B 26 0.27 -9.80 -13.11
CA VAL B 26 1.11 -9.12 -12.15
C VAL B 26 1.43 -10.02 -10.98
N ILE B 27 0.41 -10.62 -10.38
CA ILE B 27 0.67 -11.57 -9.28
C ILE B 27 1.59 -12.75 -9.72
N GLU B 28 1.20 -13.46 -10.79
CA GLU B 28 1.97 -14.57 -11.35
C GLU B 28 3.48 -14.26 -11.53
N GLN B 29 3.77 -13.11 -12.10
CA GLN B 29 5.16 -12.65 -12.38
C GLN B 29 6.05 -12.50 -11.11
N ASN B 30 5.40 -12.45 -9.96
CA ASN B 30 5.97 -12.16 -8.68
C ASN B 30 5.91 -13.32 -7.70
N MET B 31 5.53 -14.50 -8.19
CA MET B 31 5.48 -15.75 -7.43
C MET B 31 6.80 -16.52 -7.52
N ASN B 32 7.90 -15.82 -7.45
CA ASN B 32 9.22 -16.44 -7.56
C ASN B 32 9.73 -16.59 -6.16
N GLY B 33 10.67 -17.50 -6.03
CA GLY B 33 11.41 -17.68 -4.82
C GLY B 33 10.64 -18.45 -3.80
N ILE B 34 9.61 -19.14 -4.26
CA ILE B 34 8.77 -19.94 -3.40
C ILE B 34 9.19 -21.41 -3.55
N ASP B 35 9.39 -22.08 -2.40
CA ASP B 35 9.93 -23.44 -2.41
C ASP B 35 8.84 -24.47 -2.77
N ASN B 36 9.27 -25.49 -3.50
CA ASN B 36 8.47 -26.71 -3.79
C ASN B 36 7.17 -26.53 -4.57
N LEU B 37 7.13 -25.53 -5.42
CA LEU B 37 6.02 -25.28 -6.30
C LEU B 37 6.09 -26.26 -7.49
N MET B 38 5.14 -27.20 -7.61
CA MET B 38 5.04 -28.06 -8.77
C MET B 38 4.55 -27.33 -10.03
N TYR B 39 3.42 -26.62 -9.93
CA TYR B 39 2.83 -25.83 -11.03
C TYR B 39 1.83 -24.78 -10.51
N MET B 40 1.32 -23.96 -11.42
CA MET B 40 0.48 -22.83 -11.06
C MET B 40 -0.58 -22.66 -12.15
N SER B 41 -1.83 -22.40 -11.76
CA SER B 41 -2.92 -22.25 -12.72
C SER B 41 -3.82 -21.09 -12.33
N SER B 42 -4.51 -20.49 -13.27
CA SER B 42 -5.34 -19.37 -12.89
C SER B 42 -6.52 -19.11 -13.79
N ASN B 43 -7.54 -18.50 -13.20
CA ASN B 43 -8.70 -18.02 -13.94
C ASN B 43 -8.91 -16.58 -13.71
N SER B 44 -9.16 -15.85 -14.77
CA SER B 44 -9.56 -14.47 -14.75
C SER B 44 -10.95 -14.41 -15.40
N ASP B 45 -11.96 -13.98 -14.65
CA ASP B 45 -13.38 -14.06 -15.04
C ASP B 45 -14.04 -12.71 -15.28
N SER B 46 -15.09 -12.70 -16.10
CA SER B 46 -15.97 -11.53 -16.30
C SER B 46 -16.96 -11.24 -15.21
N THR B 47 -16.87 -12.00 -14.12
CA THR B 47 -17.41 -11.55 -12.86
C THR B 47 -16.48 -10.59 -12.11
N GLY B 48 -15.30 -10.26 -12.63
CA GLY B 48 -14.40 -9.39 -11.93
C GLY B 48 -13.52 -10.13 -10.92
N THR B 49 -13.20 -11.39 -11.18
CA THR B 49 -12.68 -12.27 -10.15
C THR B 49 -11.53 -13.02 -10.70
N VAL B 50 -10.49 -13.18 -9.89
CA VAL B 50 -9.40 -14.04 -10.24
C VAL B 50 -9.16 -15.05 -9.14
N GLN B 51 -8.84 -16.24 -9.60
CA GLN B 51 -8.46 -17.29 -8.71
C GLN B 51 -7.14 -17.90 -9.25
N ILE B 52 -6.08 -17.80 -8.44
CA ILE B 52 -4.77 -18.43 -8.73
C ILE B 52 -4.52 -19.62 -7.75
N THR B 53 -4.31 -20.84 -8.28
CA THR B 53 -4.07 -22.05 -7.50
C THR B 53 -2.58 -22.45 -7.63
N LEU B 54 -1.87 -22.54 -6.52
CA LEU B 54 -0.48 -22.93 -6.54
C LEU B 54 -0.41 -24.27 -5.84
N THR B 55 0.04 -25.27 -6.57
CA THR B 55 0.03 -26.66 -6.17
C THR B 55 1.49 -27.02 -5.89
N PHE B 56 1.74 -27.52 -4.68
CA PHE B 56 3.09 -27.83 -4.17
C PHE B 56 3.39 -29.33 -4.21
N GLU B 57 4.68 -29.68 -4.24
CA GLU B 57 5.12 -31.10 -4.17
C GLU B 57 4.51 -31.78 -2.94
N SER B 58 4.22 -33.07 -3.08
CA SER B 58 3.65 -33.83 -1.95
C SER B 58 4.70 -33.92 -0.84
N GLY B 59 4.28 -33.84 0.41
CA GLY B 59 5.22 -33.71 1.53
C GLY B 59 5.39 -32.29 2.05
N THR B 60 5.12 -31.27 1.22
CA THR B 60 5.37 -29.87 1.57
C THR B 60 4.56 -29.47 2.78
N ASP B 61 5.18 -28.73 3.68
CA ASP B 61 4.46 -28.13 4.81
C ASP B 61 3.55 -26.98 4.31
N ALA B 62 2.26 -27.28 4.24
CA ALA B 62 1.25 -26.35 3.78
C ALA B 62 1.26 -25.00 4.47
N ASP B 63 1.68 -24.93 5.75
CA ASP B 63 1.85 -23.65 6.52
C ASP B 63 2.94 -22.79 5.90
N ILE B 64 4.05 -23.41 5.55
CA ILE B 64 5.20 -22.74 4.93
C ILE B 64 4.83 -22.26 3.51
N ALA B 65 4.19 -23.11 2.72
CA ALA B 65 3.75 -22.71 1.37
C ALA B 65 2.84 -21.50 1.46
N GLN B 66 1.83 -21.56 2.32
CA GLN B 66 0.94 -20.43 2.51
C GLN B 66 1.72 -19.13 2.84
N VAL B 67 2.62 -19.23 3.80
CA VAL B 67 3.32 -18.04 4.30
C VAL B 67 4.19 -17.45 3.17
N GLN B 68 4.91 -18.32 2.44
CA GLN B 68 5.82 -17.84 1.39
C GLN B 68 5.01 -17.18 0.28
N VAL B 69 3.86 -17.74 -0.01
CA VAL B 69 2.94 -17.16 -0.99
C VAL B 69 2.45 -15.78 -0.52
N GLN B 70 1.94 -15.74 0.69
CA GLN B 70 1.36 -14.53 1.26
C GLN B 70 2.39 -13.47 1.22
N ASN B 71 3.62 -13.83 1.57
CA ASN B 71 4.67 -12.84 1.58
C ASN B 71 5.00 -12.28 0.22
N LYS B 72 5.05 -13.10 -0.82
CA LYS B 72 5.31 -12.62 -2.15
C LYS B 72 4.18 -11.76 -2.66
N LEU B 73 2.96 -12.21 -2.38
CA LEU B 73 1.79 -11.44 -2.71
C LEU B 73 1.84 -10.07 -2.07
N GLN B 74 2.21 -10.01 -0.78
CA GLN B 74 2.28 -8.73 -0.06
C GLN B 74 3.21 -7.74 -0.80
N LEU B 75 4.35 -8.24 -1.29
CA LEU B 75 5.31 -7.42 -2.02
C LEU B 75 4.83 -7.01 -3.42
N ALA B 76 3.94 -7.79 -4.03
CA ALA B 76 3.26 -7.41 -5.27
C ALA B 76 2.01 -6.51 -5.09
N MET B 77 1.51 -6.40 -3.87
CA MET B 77 0.25 -5.67 -3.63
C MET B 77 0.23 -4.23 -4.21
N PRO B 78 1.34 -3.46 -4.11
CA PRO B 78 1.41 -2.06 -4.61
C PRO B 78 1.39 -1.89 -6.10
N LEU B 79 1.55 -3.01 -6.79
CA LEU B 79 1.44 -3.07 -8.25
C LEU B 79 -0.01 -3.30 -8.71
N LEU B 80 -0.96 -3.63 -7.81
CA LEU B 80 -2.30 -3.95 -8.28
C LEU B 80 -3.11 -2.69 -8.23
N PRO B 81 -4.20 -2.66 -8.99
CA PRO B 81 -5.08 -1.48 -8.91
C PRO B 81 -5.63 -1.25 -7.48
N GLN B 82 -5.78 0.03 -7.15
CA GLN B 82 -6.41 0.51 -5.95
C GLN B 82 -7.72 -0.24 -5.69
N GLU B 83 -8.54 -0.40 -6.75
CA GLU B 83 -9.85 -1.03 -6.65
C GLU B 83 -9.72 -2.48 -6.20
N VAL B 84 -8.62 -3.13 -6.54
CA VAL B 84 -8.46 -4.53 -6.14
C VAL B 84 -7.91 -4.64 -4.74
N GLN B 85 -6.89 -3.85 -4.43
CA GLN B 85 -6.28 -3.86 -3.10
C GLN B 85 -7.39 -3.65 -2.05
N GLN B 86 -8.27 -2.69 -2.33
CA GLN B 86 -9.26 -2.25 -1.38
C GLN B 86 -10.38 -3.31 -1.20
N GLN B 87 -10.55 -4.27 -2.12
CA GLN B 87 -11.50 -5.39 -1.87
C GLN B 87 -10.94 -6.40 -0.85
N GLY B 88 -9.64 -6.34 -0.61
CA GLY B 88 -8.97 -7.34 0.21
C GLY B 88 -8.75 -8.67 -0.53
N VAL B 89 -7.50 -9.00 -0.70
CA VAL B 89 -7.09 -10.26 -1.33
C VAL B 89 -7.02 -11.34 -0.27
N SER B 90 -7.44 -12.56 -0.62
CA SER B 90 -7.35 -13.66 0.31
C SER B 90 -6.37 -14.73 -0.16
N VAL B 91 -5.70 -15.34 0.79
CA VAL B 91 -4.85 -16.47 0.52
C VAL B 91 -5.18 -17.62 1.41
N GLU B 92 -5.44 -18.77 0.79
CA GLU B 92 -6.00 -19.90 1.51
C GLU B 92 -5.37 -21.25 1.22
N LYS B 93 -5.44 -22.09 2.22
CA LYS B 93 -4.70 -23.34 2.32
C LYS B 93 -5.81 -24.27 2.68
N SER B 94 -6.55 -24.76 1.70
CA SER B 94 -7.69 -25.64 2.02
C SER B 94 -7.96 -26.61 0.90
N SER B 95 -8.68 -27.66 1.26
CA SER B 95 -9.36 -28.53 0.33
C SER B 95 -10.22 -27.71 -0.65
N SER B 96 -10.30 -28.20 -1.87
CA SER B 96 -11.20 -27.64 -2.88
C SER B 96 -12.69 -28.00 -2.65
N SER B 97 -12.97 -29.12 -1.98
CA SER B 97 -14.34 -29.52 -1.57
C SER B 97 -14.83 -29.10 -0.17
N PHE B 98 -16.15 -29.21 0.05
CA PHE B 98 -16.79 -28.82 1.31
C PHE B 98 -16.78 -29.90 2.39
N LEU B 99 -16.50 -29.48 3.64
CA LEU B 99 -16.68 -30.28 4.83
C LEU B 99 -18.12 -30.25 5.31
N MET B 100 -18.74 -29.07 5.30
CA MET B 100 -20.11 -28.94 5.72
C MET B 100 -20.70 -27.63 5.21
N VAL B 101 -22.04 -27.61 5.13
CA VAL B 101 -22.81 -26.43 4.81
C VAL B 101 -23.69 -26.11 6.00
N VAL B 102 -23.64 -24.86 6.48
CA VAL B 102 -24.54 -24.40 7.48
C VAL B 102 -25.59 -23.69 6.72
N GLY B 103 -26.84 -24.10 6.85
CA GLY B 103 -27.96 -23.44 6.19
C GLY B 103 -28.69 -22.59 7.17
N VAL B 104 -29.31 -21.53 6.68
CA VAL B 104 -30.10 -20.62 7.50
C VAL B 104 -31.38 -20.20 6.75
N ILE B 105 -32.52 -20.42 7.41
CA ILE B 105 -33.84 -20.09 6.88
C ILE B 105 -34.63 -19.30 7.92
N ASN B 106 -35.70 -18.67 7.46
CA ASN B 106 -36.58 -17.94 8.34
C ASN B 106 -37.97 -18.51 8.19
N THR B 107 -38.36 -19.35 9.16
CA THR B 107 -39.69 -20.02 9.18
C THR B 107 -40.93 -19.08 9.28
N ASP B 108 -40.78 -17.85 9.74
CA ASP B 108 -41.92 -16.91 9.81
C ASP B 108 -42.03 -16.01 8.60
N GLY B 109 -41.34 -16.34 7.49
CA GLY B 109 -41.17 -15.39 6.36
C GLY B 109 -41.09 -13.90 6.72
N THR B 110 -40.47 -13.57 7.86
CA THR B 110 -40.26 -12.17 8.25
C THR B 110 -39.00 -11.59 7.55
N MET B 111 -38.19 -12.48 6.95
CA MET B 111 -36.89 -12.10 6.35
C MET B 111 -36.75 -12.71 4.95
N THR B 112 -36.39 -11.87 3.97
CA THR B 112 -36.16 -12.36 2.60
C THR B 112 -34.79 -13.05 2.48
N GLN B 113 -34.52 -13.69 1.34
CA GLN B 113 -33.21 -14.27 1.09
C GLN B 113 -32.07 -13.25 1.35
N GLU B 114 -32.33 -11.98 1.03
CA GLU B 114 -31.33 -10.94 1.10
C GLU B 114 -31.10 -10.56 2.54
N ASP B 115 -32.15 -10.46 3.36
CA ASP B 115 -32.01 -10.21 4.83
C ASP B 115 -31.23 -11.32 5.54
N ILE B 116 -31.50 -12.57 5.16
CA ILE B 116 -30.92 -13.69 5.84
C ILE B 116 -29.43 -13.72 5.56
N SER B 117 -29.05 -13.47 4.31
CA SER B 117 -27.65 -13.47 3.87
C SER B 117 -26.81 -12.41 4.60
N ASP B 118 -27.43 -11.23 4.80
CA ASP B 118 -26.80 -10.17 5.55
C ASP B 118 -26.72 -10.57 6.97
N TYR B 119 -27.81 -11.06 7.58
CA TYR B 119 -27.72 -11.51 8.98
C TYR B 119 -26.50 -12.46 9.13
N VAL B 120 -26.38 -13.40 8.22
CA VAL B 120 -25.34 -14.40 8.30
C VAL B 120 -23.98 -13.74 8.15
N ALA B 121 -23.85 -12.86 7.17
CA ALA B 121 -22.55 -12.24 6.92
C ALA B 121 -22.11 -11.37 8.11
N ALA B 122 -23.09 -10.68 8.69
CA ALA B 122 -22.86 -9.64 9.68
C ALA B 122 -22.71 -10.19 11.12
N ASN B 123 -23.35 -11.34 11.38
CA ASN B 123 -23.42 -11.99 12.70
C ASN B 123 -22.84 -13.38 12.89
N MET B 124 -22.60 -14.13 11.81
CA MET B 124 -22.15 -15.51 11.95
C MET B 124 -20.82 -15.83 11.30
N LYS B 125 -20.56 -15.27 10.14
CA LYS B 125 -19.45 -15.70 9.30
C LYS B 125 -18.06 -15.49 9.90
N ASP B 126 -17.84 -14.35 10.54
CA ASP B 126 -16.51 -14.09 11.08
C ASP B 126 -16.19 -15.07 12.17
N ALA B 127 -17.12 -15.34 13.09
CA ALA B 127 -16.73 -16.27 14.16
C ALA B 127 -16.51 -17.67 13.62
N ILE B 128 -17.22 -18.04 12.57
CA ILE B 128 -16.99 -19.35 11.99
C ILE B 128 -15.64 -19.35 11.32
N SER B 129 -15.33 -18.30 10.58
CA SER B 129 -14.04 -18.14 9.95
C SER B 129 -12.80 -18.21 10.86
N ARG B 130 -12.95 -17.86 12.15
CA ARG B 130 -11.82 -17.86 13.10
C ARG B 130 -11.80 -19.12 13.89
N THR B 131 -12.68 -20.07 13.56
CA THR B 131 -12.61 -21.38 14.16
C THR B 131 -11.42 -22.12 13.52
N SER B 132 -10.58 -22.75 14.35
CA SER B 132 -9.39 -23.49 13.85
C SER B 132 -9.84 -24.72 13.00
N GLY B 133 -9.12 -24.97 11.94
CA GLY B 133 -9.54 -25.96 10.94
C GLY B 133 -10.43 -25.46 9.81
N VAL B 134 -10.89 -24.20 9.90
CA VAL B 134 -11.74 -23.64 8.87
C VAL B 134 -10.86 -22.95 7.81
N GLY B 135 -10.64 -23.63 6.71
CA GLY B 135 -9.80 -23.14 5.64
C GLY B 135 -10.42 -22.06 4.75
N ASP B 136 -11.72 -22.15 4.53
CA ASP B 136 -12.37 -21.30 3.53
C ASP B 136 -13.83 -21.35 3.87
N VAL B 137 -14.44 -20.18 3.96
CA VAL B 137 -15.85 -20.04 4.18
C VAL B 137 -16.39 -19.26 3.02
N GLN B 138 -17.40 -19.79 2.41
CA GLN B 138 -18.11 -19.21 1.29
C GLN B 138 -19.53 -18.84 1.77
N LEU B 139 -19.88 -17.56 1.67
CA LEU B 139 -21.25 -17.12 1.93
C LEU B 139 -22.12 -17.35 0.68
N PHE B 140 -23.29 -17.98 0.91
CA PHE B 140 -24.17 -18.29 -0.20
C PHE B 140 -25.17 -17.18 -0.21
N GLY B 141 -24.71 -16.03 -0.68
CA GLY B 141 -25.41 -14.76 -0.57
C GLY B 141 -24.37 -13.63 -0.49
N SER B 142 -24.82 -12.43 -0.17
CA SER B 142 -23.88 -11.33 0.03
C SER B 142 -24.22 -10.48 1.29
N GLN B 143 -23.20 -9.94 1.94
CA GLN B 143 -23.42 -8.98 3.06
C GLN B 143 -24.07 -7.72 2.46
N TYR B 144 -24.86 -6.98 3.23
CA TYR B 144 -25.35 -5.71 2.73
C TYR B 144 -24.24 -4.65 2.61
N ALA B 145 -24.43 -3.76 1.64
CA ALA B 145 -23.72 -2.52 1.45
C ALA B 145 -24.78 -1.43 1.46
N MET B 146 -24.41 -0.19 1.73
CA MET B 146 -25.31 0.93 1.46
C MET B 146 -25.34 1.06 -0.06
N ARG B 147 -26.47 0.79 -0.72
CA ARG B 147 -26.60 1.02 -2.17
C ARG B 147 -27.19 2.36 -2.57
N ILE B 148 -26.44 3.13 -3.35
CA ILE B 148 -26.89 4.37 -3.95
C ILE B 148 -27.17 4.03 -5.43
N TRP B 149 -28.46 4.04 -5.83
CA TRP B 149 -28.92 3.53 -7.16
C TRP B 149 -29.26 4.78 -7.96
N MET B 150 -28.36 5.17 -8.86
CA MET B 150 -28.35 6.50 -9.42
C MET B 150 -29.33 6.55 -10.59
N ASN B 151 -29.95 7.72 -10.78
CA ASN B 151 -30.87 7.98 -11.92
C ASN B 151 -30.25 9.01 -12.82
N PRO B 152 -29.96 8.68 -14.07
CA PRO B 152 -29.25 9.62 -14.94
C PRO B 152 -30.04 10.80 -15.47
N ASN B 153 -31.37 10.69 -15.49
CA ASN B 153 -32.25 11.80 -15.92
C ASN B 153 -32.20 12.85 -14.81
N GLU B 154 -32.27 12.41 -13.55
CA GLU B 154 -32.17 13.36 -12.43
C GLU B 154 -30.78 14.02 -12.28
N LEU B 155 -29.71 13.24 -12.46
CA LEU B 155 -28.35 13.77 -12.44
C LEU B 155 -28.16 14.82 -13.53
N ASN B 156 -28.54 14.51 -14.77
CA ASN B 156 -28.41 15.49 -15.85
C ASN B 156 -29.25 16.77 -15.59
N LYS B 157 -30.44 16.62 -15.02
CA LYS B 157 -31.30 17.74 -14.67
C LYS B 157 -30.61 18.78 -13.78
N PHE B 158 -29.83 18.32 -12.80
CA PHE B 158 -29.07 19.24 -11.96
C PHE B 158 -27.59 19.34 -12.39
N GLN B 159 -27.26 18.92 -13.60
CA GLN B 159 -25.86 18.98 -14.11
C GLN B 159 -24.80 18.33 -13.19
N LEU B 160 -25.12 17.11 -12.77
CA LEU B 160 -24.27 16.28 -11.94
C LEU B 160 -23.97 14.96 -12.62
N THR B 161 -22.97 14.29 -12.06
CA THR B 161 -22.49 13.02 -12.57
C THR B 161 -22.17 12.07 -11.43
N PRO B 162 -21.95 10.79 -11.78
CA PRO B 162 -21.51 9.90 -10.71
C PRO B 162 -20.24 10.40 -9.99
N VAL B 163 -19.37 11.14 -10.70
CA VAL B 163 -18.15 11.69 -10.09
C VAL B 163 -18.55 12.63 -8.94
N ASP B 164 -19.56 13.50 -9.15
CA ASP B 164 -20.02 14.40 -8.11
C ASP B 164 -20.63 13.58 -6.95
N VAL B 165 -21.41 12.53 -7.23
CA VAL B 165 -22.01 11.69 -6.16
C VAL B 165 -20.92 11.05 -5.27
N ILE B 166 -19.92 10.48 -5.92
CA ILE B 166 -18.80 9.79 -5.27
C ILE B 166 -18.03 10.77 -4.39
N THR B 167 -17.70 11.92 -4.95
CA THR B 167 -16.95 12.95 -4.23
C THR B 167 -17.71 13.39 -2.93
N ALA B 168 -19.02 13.52 -3.05
CA ALA B 168 -19.84 14.04 -1.99
C ALA B 168 -20.01 12.98 -0.89
N ILE B 169 -20.03 11.72 -1.29
CA ILE B 169 -20.11 10.63 -0.33
C ILE B 169 -18.84 10.54 0.45
N LYS B 170 -17.68 10.74 -0.16
CA LYS B 170 -16.44 10.67 0.60
C LYS B 170 -16.28 11.84 1.54
N ALA B 171 -16.80 12.99 1.17
CA ALA B 171 -16.73 14.15 1.98
C ALA B 171 -17.73 14.15 3.13
N GLN B 172 -18.91 13.52 2.96
CA GLN B 172 -20.00 13.54 3.94
C GLN B 172 -20.33 12.27 4.66
N ASN B 173 -19.71 11.16 4.28
CA ASN B 173 -19.71 9.92 5.05
C ASN B 173 -18.25 9.71 5.39
N ALA B 174 -17.81 10.42 6.42
CA ALA B 174 -16.38 10.51 6.76
C ALA B 174 -16.24 10.36 8.25
N GLN B 175 -15.06 9.91 8.65
CA GLN B 175 -14.78 9.66 10.04
C GLN B 175 -13.52 10.43 10.31
N VAL B 176 -13.68 11.55 10.98
CA VAL B 176 -12.61 12.52 11.09
C VAL B 176 -11.89 12.45 12.43
N ALA B 177 -10.58 12.44 12.36
CA ALA B 177 -9.70 12.57 13.52
C ALA B 177 -9.49 14.05 13.76
N ALA B 178 -9.94 14.54 14.92
CA ALA B 178 -9.99 15.99 15.14
C ALA B 178 -9.27 16.49 16.38
N GLY B 179 -8.54 15.59 17.04
CA GLY B 179 -7.69 15.93 18.17
C GLY B 179 -8.53 16.11 19.41
N GLN B 180 -7.98 16.89 20.36
CA GLN B 180 -8.57 17.09 21.65
C GLN B 180 -8.51 18.53 22.09
N LEU B 181 -9.42 18.88 22.99
CA LEU B 181 -9.25 20.07 23.83
C LEU B 181 -8.29 19.76 24.98
N GLY B 182 -7.41 20.70 25.29
CA GLY B 182 -6.39 20.48 26.29
C GLY B 182 -5.52 19.31 25.96
N GLY B 183 -5.29 19.09 24.67
CA GLY B 183 -4.41 18.00 24.24
C GLY B 183 -2.94 18.24 24.54
N THR B 184 -2.17 17.18 24.59
CA THR B 184 -0.73 17.28 24.85
C THR B 184 0.04 17.76 23.63
N PRO B 185 1.09 18.55 23.81
CA PRO B 185 1.53 19.16 25.08
C PRO B 185 0.61 20.35 25.42
N PRO B 186 0.18 20.48 26.68
CA PRO B 186 -0.78 21.51 27.06
C PRO B 186 -0.13 22.76 27.63
N VAL B 187 -0.88 23.86 27.67
CA VAL B 187 -0.48 25.01 28.47
C VAL B 187 -0.62 24.69 30.00
N LYS B 188 0.21 25.34 30.82
CA LYS B 188 0.10 25.27 32.29
C LYS B 188 -1.27 25.79 32.80
N GLY B 189 -1.81 25.19 33.85
CA GLY B 189 -3.13 25.57 34.37
C GLY B 189 -4.35 25.13 33.54
N GLN B 190 -4.16 24.26 32.54
CA GLN B 190 -5.25 23.71 31.76
C GLN B 190 -6.09 22.76 32.64
N GLN B 191 -7.39 23.00 32.74
CA GLN B 191 -8.29 22.18 33.60
C GLN B 191 -9.08 21.07 32.90
N LEU B 192 -9.34 21.32 31.61
CA LEU B 192 -10.20 20.53 30.76
C LEU B 192 -9.40 19.77 29.72
N ASN B 193 -9.65 18.46 29.70
CA ASN B 193 -9.24 17.59 28.59
C ASN B 193 -10.47 16.91 28.06
N ALA B 194 -10.72 17.08 26.76
CA ALA B 194 -11.83 16.40 26.08
C ALA B 194 -11.53 16.15 24.61
N SER B 195 -11.99 14.98 24.13
CA SER B 195 -11.91 14.65 22.69
C SER B 195 -12.82 15.60 21.91
N ILE B 196 -12.34 16.06 20.74
CA ILE B 196 -13.18 16.68 19.70
C ILE B 196 -13.71 15.63 18.76
N ILE B 197 -15.02 15.59 18.63
CA ILE B 197 -15.75 14.72 17.75
C ILE B 197 -16.38 15.53 16.61
N ALA B 198 -15.97 15.25 15.38
CA ALA B 198 -16.48 15.97 14.20
C ALA B 198 -17.30 14.98 13.44
N GLN B 199 -17.15 14.93 12.12
CA GLN B 199 -17.96 14.06 11.33
C GLN B 199 -17.67 12.63 11.75
N THR B 200 -18.72 11.83 11.70
CA THR B 200 -18.67 10.44 11.93
C THR B 200 -19.41 9.69 10.81
N ARG B 201 -19.05 8.41 10.58
CA ARG B 201 -19.65 7.61 9.50
C ARG B 201 -21.14 7.64 9.62
N LEU B 202 -21.83 7.58 8.49
CA LEU B 202 -23.27 7.51 8.48
C LEU B 202 -23.70 6.07 8.74
N THR B 203 -24.96 5.91 9.15
CA THR B 203 -25.48 4.68 9.75
C THR B 203 -26.80 4.20 9.17
N SER B 204 -27.34 4.93 8.20
CA SER B 204 -28.70 4.71 7.75
C SER B 204 -28.93 5.33 6.40
N THR B 205 -29.95 4.82 5.72
CA THR B 205 -30.36 5.35 4.40
C THR B 205 -30.87 6.81 4.51
N GLU B 206 -31.51 7.13 5.63
CA GLU B 206 -31.98 8.51 5.89
C GLU B 206 -30.81 9.43 5.83
N GLU B 207 -29.72 9.05 6.50
CA GLU B 207 -28.53 9.93 6.53
C GLU B 207 -27.87 10.14 5.19
N PHE B 208 -27.73 9.05 4.45
CA PHE B 208 -27.17 9.11 3.11
C PHE B 208 -28.09 9.91 2.22
N GLY B 209 -29.38 9.75 2.42
CA GLY B 209 -30.34 10.45 1.60
C GLY B 209 -30.20 11.94 1.71
N LYS B 210 -29.73 12.45 2.84
CA LYS B 210 -29.60 13.90 2.96
C LYS B 210 -28.21 14.45 2.67
N ILE B 211 -27.37 13.67 2.05
CA ILE B 211 -26.08 14.17 1.60
C ILE B 211 -26.37 15.31 0.64
N LEU B 212 -25.70 16.45 0.84
CA LEU B 212 -25.99 17.65 0.12
C LEU B 212 -25.06 17.72 -1.05
N LEU B 213 -25.57 17.50 -2.27
CA LEU B 213 -24.74 17.45 -3.46
C LEU B 213 -24.48 18.86 -3.95
N LYS B 214 -25.51 19.69 -3.98
CA LYS B 214 -25.30 21.09 -4.31
C LYS B 214 -26.43 22.03 -3.96
N VAL B 215 -26.04 23.30 -3.85
CA VAL B 215 -26.97 24.40 -3.64
C VAL B 215 -27.11 25.16 -4.95
N ASN B 216 -28.32 25.27 -5.50
CA ASN B 216 -28.54 25.95 -6.82
C ASN B 216 -28.46 27.49 -6.70
N GLN B 217 -28.49 28.18 -7.85
CA GLN B 217 -28.52 29.67 -7.88
C GLN B 217 -29.66 30.32 -7.08
N ASP B 218 -30.87 29.79 -7.17
CA ASP B 218 -31.98 30.27 -6.32
C ASP B 218 -31.91 29.81 -4.83
N GLY B 219 -30.78 29.22 -4.42
CA GLY B 219 -30.61 28.77 -3.04
C GLY B 219 -31.40 27.54 -2.63
N SER B 220 -31.97 26.79 -3.58
CA SER B 220 -32.56 25.48 -3.25
C SER B 220 -31.47 24.37 -3.28
N ARG B 221 -31.89 23.21 -2.79
CA ARG B 221 -31.01 22.18 -2.30
C ARG B 221 -31.21 20.92 -3.10
N VAL B 222 -30.13 20.38 -3.65
CA VAL B 222 -30.17 19.08 -4.31
C VAL B 222 -29.55 18.05 -3.37
N LEU B 223 -30.36 17.17 -2.80
CA LEU B 223 -29.89 16.10 -1.93
C LEU B 223 -29.66 14.82 -2.74
N LEU B 224 -28.94 13.86 -2.14
CA LEU B 224 -28.59 12.64 -2.82
C LEU B 224 -29.83 11.80 -3.12
N ARG B 225 -30.82 11.81 -2.24
CA ARG B 225 -32.09 11.15 -2.53
C ARG B 225 -32.84 11.80 -3.73
N ASP B 226 -32.45 13.01 -4.15
CA ASP B 226 -33.02 13.59 -5.39
C ASP B 226 -32.48 13.04 -6.69
N VAL B 227 -31.37 12.31 -6.64
CA VAL B 227 -30.74 11.72 -7.84
C VAL B 227 -30.52 10.22 -7.77
N ALA B 228 -31.04 9.58 -6.72
CA ALA B 228 -30.74 8.21 -6.39
C ALA B 228 -31.80 7.63 -5.50
N LYS B 229 -32.06 6.33 -5.65
CA LYS B 229 -32.78 5.56 -4.60
C LYS B 229 -31.77 4.99 -3.62
N ILE B 230 -32.10 5.01 -2.33
CA ILE B 230 -31.11 4.70 -1.29
C ILE B 230 -31.66 3.58 -0.41
N GLU B 231 -30.98 2.44 -0.42
CA GLU B 231 -31.36 1.24 0.29
C GLU B 231 -30.17 0.34 0.64
N LEU B 232 -30.32 -0.45 1.67
CA LEU B 232 -29.43 -1.56 1.89
C LEU B 232 -29.68 -2.61 0.81
N GLY B 233 -28.58 -3.18 0.30
CA GLY B 233 -28.63 -4.27 -0.67
C GLY B 233 -27.24 -4.87 -0.79
N GLY B 234 -27.14 -6.09 -1.30
CA GLY B 234 -25.91 -6.82 -1.31
C GLY B 234 -24.76 -6.08 -2.00
N GLU B 235 -23.53 -6.39 -1.61
CA GLU B 235 -22.35 -5.86 -2.23
C GLU B 235 -22.32 -6.43 -3.61
N ASN B 236 -22.79 -7.67 -3.77
CA ASN B 236 -23.16 -8.14 -5.12
C ASN B 236 -24.49 -8.90 -5.07
N TYR B 237 -25.00 -9.23 -6.27
CA TYR B 237 -26.29 -9.89 -6.38
C TYR B 237 -26.20 -11.25 -7.07
N ASP B 238 -25.02 -11.86 -7.05
CA ASP B 238 -24.76 -13.04 -7.88
C ASP B 238 -25.18 -14.39 -7.38
N ILE B 239 -25.40 -14.51 -6.07
CA ILE B 239 -25.57 -15.82 -5.42
C ILE B 239 -26.81 -15.84 -4.56
N ILE B 240 -27.68 -16.79 -4.85
CA ILE B 240 -28.99 -16.88 -4.24
C ILE B 240 -29.17 -18.31 -3.87
N ALA B 241 -29.68 -18.60 -2.69
CA ALA B 241 -29.84 -19.99 -2.24
C ALA B 241 -31.26 -20.33 -1.80
N GLU B 242 -31.55 -21.61 -1.83
CA GLU B 242 -32.82 -22.16 -1.40
C GLU B 242 -32.65 -23.51 -0.67
N PHE B 243 -33.51 -23.75 0.31
CA PHE B 243 -33.50 -24.95 1.10
C PHE B 243 -34.89 -25.50 0.95
N ASN B 244 -35.02 -26.68 0.39
CA ASN B 244 -36.34 -27.24 0.08
C ASN B 244 -37.30 -26.29 -0.54
N GLY B 245 -36.80 -25.50 -1.50
CA GLY B 245 -37.61 -24.51 -2.20
C GLY B 245 -37.85 -23.20 -1.45
N GLN B 246 -37.47 -23.10 -0.20
CA GLN B 246 -37.72 -21.85 0.53
C GLN B 246 -36.45 -20.95 0.63
N PRO B 247 -36.63 -19.62 0.75
CA PRO B 247 -35.53 -18.69 0.77
C PRO B 247 -34.52 -19.03 1.85
N ALA B 248 -33.23 -19.05 1.49
CA ALA B 248 -32.20 -19.42 2.40
C ALA B 248 -30.89 -18.69 2.13
N SER B 249 -30.04 -18.66 3.14
CA SER B 249 -28.65 -18.37 2.93
C SER B 249 -27.86 -19.48 3.61
N GLY B 250 -26.54 -19.35 3.68
CA GLY B 250 -25.71 -20.36 4.34
C GLY B 250 -24.20 -20.08 4.22
N LEU B 251 -23.41 -20.98 4.82
CA LEU B 251 -21.94 -20.92 4.77
C LEU B 251 -21.43 -22.24 4.27
N GLY B 252 -20.62 -22.24 3.22
CA GLY B 252 -20.03 -23.50 2.76
C GLY B 252 -18.65 -23.57 3.36
N ILE B 253 -18.38 -24.54 4.20
CA ILE B 253 -17.14 -24.56 4.96
C ILE B 253 -16.20 -25.66 4.43
N LYS B 254 -14.93 -25.28 4.18
CA LYS B 254 -13.88 -26.17 3.66
C LYS B 254 -12.81 -26.34 4.74
N LEU B 255 -12.30 -27.56 4.87
CA LEU B 255 -11.37 -27.95 5.93
C LEU B 255 -9.97 -27.45 5.60
N ALA B 256 -9.30 -26.80 6.54
CA ALA B 256 -7.88 -26.36 6.34
C ALA B 256 -7.00 -27.57 6.14
N THR B 257 -6.10 -27.48 5.14
CA THR B 257 -5.17 -28.58 4.79
C THR B 257 -4.55 -29.01 6.10
N GLY B 258 -4.73 -30.29 6.41
CA GLY B 258 -4.16 -30.89 7.61
C GLY B 258 -4.93 -30.84 8.92
N ALA B 259 -6.03 -30.13 8.98
CA ALA B 259 -6.85 -30.11 10.19
C ALA B 259 -7.68 -31.40 10.31
N ASN B 260 -8.17 -31.63 11.50
CA ASN B 260 -9.05 -32.74 11.70
C ASN B 260 -10.53 -32.44 11.34
N ALA B 261 -11.13 -33.24 10.46
CA ALA B 261 -12.54 -33.10 10.07
C ALA B 261 -13.52 -33.16 11.22
N LEU B 262 -13.44 -34.20 12.03
CA LEU B 262 -14.43 -34.37 13.08
C LEU B 262 -14.38 -33.24 14.10
N ASP B 263 -13.16 -32.88 14.49
CA ASP B 263 -12.97 -31.88 15.54
C ASP B 263 -13.35 -30.50 15.06
N THR B 264 -12.97 -30.21 13.82
CA THR B 264 -13.36 -28.99 13.17
C THR B 264 -14.88 -28.90 13.11
N ALA B 265 -15.57 -29.96 12.74
CA ALA B 265 -17.05 -29.88 12.62
C ALA B 265 -17.75 -29.66 13.93
N ALA B 266 -17.24 -30.28 15.00
CA ALA B 266 -17.69 -30.11 16.41
C ALA B 266 -17.52 -28.69 16.92
N ALA B 267 -16.34 -28.12 16.67
CA ALA B 267 -16.07 -26.74 17.03
C ALA B 267 -16.97 -25.78 16.26
N ILE B 268 -17.33 -26.09 15.01
CA ILE B 268 -18.30 -25.26 14.26
C ILE B 268 -19.68 -25.26 14.93
N ARG B 269 -20.10 -26.42 15.40
CA ARG B 269 -21.44 -26.58 15.98
C ARG B 269 -21.49 -25.87 17.32
N ALA B 270 -20.38 -25.96 18.08
CA ALA B 270 -20.20 -25.23 19.36
C ALA B 270 -20.35 -23.71 19.21
N GLU B 271 -19.76 -23.17 18.13
CA GLU B 271 -19.85 -21.74 17.85
C GLU B 271 -21.25 -21.29 17.42
N LEU B 272 -21.95 -22.12 16.63
CA LEU B 272 -23.33 -21.83 16.26
C LEU B 272 -24.25 -21.87 17.48
N ALA B 273 -23.96 -22.79 18.41
CA ALA B 273 -24.74 -22.90 19.63
C ALA B 273 -24.65 -21.62 20.47
N LYS B 274 -23.45 -21.02 20.56
CA LYS B 274 -23.30 -19.65 21.10
C LYS B 274 -24.08 -18.55 20.37
N MET B 275 -24.41 -18.74 19.10
CA MET B 275 -25.11 -17.71 18.35
C MET B 275 -26.62 -17.81 18.38
N GLU B 276 -27.18 -19.02 18.39
CA GLU B 276 -28.67 -19.24 18.30
C GLU B 276 -29.53 -18.40 19.20
N PRO B 277 -29.14 -18.25 20.47
CA PRO B 277 -30.05 -17.52 21.40
C PRO B 277 -30.33 -16.08 21.08
N PHE B 278 -29.49 -15.46 20.27
CA PHE B 278 -29.67 -14.06 19.91
C PHE B 278 -30.23 -13.85 18.50
N PHE B 279 -30.61 -14.93 17.82
CA PHE B 279 -31.24 -14.84 16.50
C PHE B 279 -32.54 -14.06 16.55
N PRO B 280 -32.85 -13.26 15.53
CA PRO B 280 -34.16 -12.65 15.46
C PRO B 280 -35.22 -13.70 15.27
N SER B 281 -36.47 -13.35 15.52
CA SER B 281 -37.51 -14.37 15.53
C SER B 281 -37.65 -14.96 14.12
N GLY B 282 -37.80 -16.28 14.07
CA GLY B 282 -37.99 -16.99 12.82
C GLY B 282 -36.73 -17.64 12.32
N LEU B 283 -35.58 -17.02 12.56
CA LEU B 283 -34.31 -17.54 12.09
C LEU B 283 -33.98 -18.86 12.71
N LYS B 284 -33.49 -19.77 11.89
CA LYS B 284 -33.20 -21.12 12.30
C LYS B 284 -32.07 -21.68 11.42
N ILE B 285 -31.33 -22.60 12.02
CA ILE B 285 -30.25 -23.30 11.41
C ILE B 285 -30.70 -24.69 10.97
N VAL B 286 -30.31 -25.06 9.75
CA VAL B 286 -30.52 -26.40 9.23
C VAL B 286 -29.17 -26.85 8.74
N TYR B 287 -29.00 -28.17 8.61
CA TYR B 287 -27.72 -28.81 8.42
C TYR B 287 -27.79 -29.70 7.16
N PRO B 288 -27.79 -29.08 5.97
CA PRO B 288 -28.08 -29.80 4.74
C PRO B 288 -26.97 -30.62 4.12
N TYR B 289 -25.76 -30.58 4.66
CA TYR B 289 -24.66 -31.32 4.07
C TYR B 289 -23.61 -31.49 5.16
N ASP B 290 -23.55 -32.66 5.77
CA ASP B 290 -22.45 -33.04 6.68
C ASP B 290 -21.72 -34.25 6.08
N THR B 291 -20.44 -34.12 5.78
CA THR B 291 -19.61 -35.28 5.47
C THR B 291 -19.26 -36.00 6.80
N GLN B 309 -22.75 -43.16 3.88
CA GLN B 309 -22.44 -41.78 3.44
C GLN B 309 -23.54 -40.72 3.71
N GLY B 310 -24.72 -40.93 3.15
CA GLY B 310 -25.88 -40.10 3.47
C GLY B 310 -26.01 -38.74 2.80
N VAL B 311 -25.02 -38.33 1.96
CA VAL B 311 -25.03 -37.00 1.28
C VAL B 311 -24.40 -37.13 -0.08
N PHE B 312 -24.76 -36.23 -0.99
CA PHE B 312 -24.10 -36.09 -2.28
C PHE B 312 -24.38 -34.71 -2.87
N MET B 313 -23.70 -34.37 -3.96
CA MET B 313 -23.93 -33.10 -4.63
C MET B 313 -24.48 -33.31 -6.01
N THR B 314 -25.08 -32.25 -6.55
CA THR B 314 -25.44 -32.21 -7.95
C THR B 314 -24.94 -30.91 -8.56
N MET B 315 -24.13 -31.05 -9.61
CA MET B 315 -23.52 -29.91 -10.31
C MET B 315 -24.41 -29.50 -11.46
N VAL B 316 -24.50 -28.20 -11.71
CA VAL B 316 -25.29 -27.67 -12.82
C VAL B 316 -24.37 -26.66 -13.52
N GLN B 317 -24.06 -26.92 -14.79
CA GLN B 317 -23.08 -26.13 -15.57
C GLN B 317 -23.78 -25.80 -16.89
N LEU B 318 -24.20 -24.56 -17.06
CA LEU B 318 -24.79 -24.14 -18.30
C LEU B 318 -23.67 -23.48 -19.16
N PRO B 319 -23.87 -23.42 -20.48
CA PRO B 319 -22.82 -22.74 -21.34
C PRO B 319 -22.78 -21.24 -21.04
N ALA B 320 -21.64 -20.60 -21.29
CA ALA B 320 -21.49 -19.16 -20.95
C ALA B 320 -22.47 -18.32 -21.80
N GLY B 321 -22.91 -17.19 -21.25
CA GLY B 321 -24.05 -16.48 -21.82
C GLY B 321 -25.39 -16.70 -21.12
N ALA B 322 -25.58 -17.86 -20.47
CA ALA B 322 -26.83 -18.14 -19.74
C ALA B 322 -26.97 -17.24 -18.51
N THR B 323 -28.14 -16.63 -18.34
CA THR B 323 -28.48 -15.83 -17.16
C THR B 323 -28.79 -16.66 -15.90
N GLN B 324 -28.92 -15.93 -14.80
CA GLN B 324 -29.45 -16.41 -13.53
C GLN B 324 -30.83 -17.11 -13.71
N GLU B 325 -31.69 -16.56 -14.56
CA GLU B 325 -33.03 -17.07 -14.75
C GLU B 325 -32.99 -18.49 -15.37
N ARG B 326 -32.16 -18.71 -16.39
CA ARG B 326 -32.03 -20.03 -17.01
C ARG B 326 -31.32 -21.02 -16.08
N THR B 327 -30.37 -20.53 -15.29
CA THR B 327 -29.76 -21.46 -14.33
C THR B 327 -30.78 -21.90 -13.24
N GLN B 328 -31.67 -20.96 -12.87
CA GLN B 328 -32.72 -21.21 -11.89
C GLN B 328 -33.73 -22.22 -12.38
N LYS B 329 -34.03 -22.18 -13.65
CA LYS B 329 -34.96 -23.13 -14.22
C LYS B 329 -34.43 -24.56 -14.11
N VAL B 330 -33.13 -24.74 -14.34
CA VAL B 330 -32.51 -26.01 -14.26
C VAL B 330 -32.39 -26.47 -12.81
N LEU B 331 -32.06 -25.56 -11.89
CA LEU B 331 -31.99 -25.94 -10.46
C LEU B 331 -33.34 -26.44 -9.95
N ASN B 332 -34.41 -25.77 -10.38
CA ASN B 332 -35.78 -26.10 -10.01
C ASN B 332 -36.16 -27.47 -10.48
N GLU B 333 -35.79 -27.85 -11.70
CA GLU B 333 -36.01 -29.20 -12.18
C GLU B 333 -35.23 -30.27 -11.35
N VAL B 334 -34.01 -29.94 -11.02
CA VAL B 334 -33.20 -30.78 -10.22
C VAL B 334 -33.81 -30.93 -8.79
N THR B 335 -34.24 -29.81 -8.18
CA THR B 335 -34.80 -29.79 -6.84
C THR B 335 -36.13 -30.56 -6.89
N HIS B 336 -36.92 -30.27 -7.92
CA HIS B 336 -38.23 -30.89 -8.06
C HIS B 336 -38.14 -32.42 -8.12
N TYR B 337 -37.13 -32.93 -8.80
CA TYR B 337 -36.91 -34.33 -9.00
C TYR B 337 -36.62 -34.93 -7.66
N TYR B 338 -35.71 -34.33 -6.90
CA TYR B 338 -35.38 -34.91 -5.58
C TYR B 338 -36.59 -34.83 -4.57
N LEU B 339 -37.43 -33.79 -4.70
CA LEU B 339 -38.54 -33.60 -3.77
C LEU B 339 -39.80 -34.33 -4.17
N THR B 340 -39.82 -34.99 -5.32
CA THR B 340 -40.96 -35.76 -5.80
C THR B 340 -40.55 -37.18 -6.12
N LYS B 341 -39.77 -37.39 -7.18
CA LYS B 341 -39.33 -38.76 -7.51
C LYS B 341 -38.47 -39.42 -6.41
N GLU B 342 -37.71 -38.64 -5.63
CA GLU B 342 -36.89 -39.24 -4.55
C GLU B 342 -37.29 -38.90 -3.09
N LYS B 343 -38.54 -38.48 -2.88
CA LYS B 343 -39.14 -38.15 -1.55
C LYS B 343 -38.76 -39.08 -0.45
N ASN B 344 -38.85 -40.37 -0.72
CA ASN B 344 -38.65 -41.39 0.30
C ASN B 344 -37.18 -41.53 0.71
N ASN B 345 -36.24 -41.07 -0.14
CA ASN B 345 -34.84 -41.17 0.17
C ASN B 345 -34.19 -39.88 0.56
N VAL B 346 -34.75 -38.75 0.15
CA VAL B 346 -34.12 -37.46 0.27
C VAL B 346 -34.81 -36.62 1.36
N GLU B 347 -34.02 -36.14 2.30
CA GLU B 347 -34.52 -35.33 3.40
C GLU B 347 -34.50 -33.89 2.94
N SER B 348 -33.40 -33.46 2.32
CA SER B 348 -33.35 -32.10 1.85
C SER B 348 -32.45 -31.82 0.68
N VAL B 349 -32.71 -30.66 0.08
CA VAL B 349 -31.89 -30.10 -0.99
C VAL B 349 -31.55 -28.64 -0.66
N PHE B 350 -30.28 -28.29 -0.60
CA PHE B 350 -29.85 -26.90 -0.50
C PHE B 350 -29.22 -26.59 -1.83
N ALA B 351 -29.83 -25.64 -2.57
CA ALA B 351 -29.48 -25.29 -3.94
C ALA B 351 -28.95 -23.83 -4.03
N VAL B 352 -27.84 -23.65 -4.72
CA VAL B 352 -27.21 -22.38 -4.82
C VAL B 352 -27.09 -22.02 -6.28
N ASN B 353 -27.70 -20.91 -6.68
CA ASN B 353 -27.65 -20.44 -8.06
C ASN B 353 -26.58 -19.36 -8.12
N GLY B 354 -25.59 -19.55 -9.00
CA GLY B 354 -24.49 -18.61 -9.15
C GLY B 354 -23.12 -19.03 -8.59
N PHE B 355 -23.04 -20.15 -7.89
CA PHE B 355 -21.80 -20.73 -7.39
C PHE B 355 -21.90 -22.12 -7.89
N GLY B 356 -20.83 -22.68 -8.40
CA GLY B 356 -20.76 -24.10 -8.81
C GLY B 356 -19.50 -24.78 -8.32
N PHE B 357 -19.40 -26.09 -8.56
CA PHE B 357 -18.22 -26.91 -8.18
C PHE B 357 -16.89 -26.23 -8.63
N ALA B 358 -16.94 -25.67 -9.84
CA ALA B 358 -15.82 -24.96 -10.49
C ALA B 358 -15.66 -23.49 -10.10
N GLY B 359 -16.33 -23.02 -9.04
CA GLY B 359 -16.32 -21.60 -8.68
C GLY B 359 -17.58 -20.89 -9.13
N ARG B 360 -17.47 -19.68 -9.69
CA ARG B 360 -18.55 -18.69 -9.62
C ARG B 360 -19.01 -18.03 -10.95
N GLY B 361 -20.30 -18.12 -11.29
CA GLY B 361 -20.83 -17.45 -12.49
C GLY B 361 -22.35 -17.47 -12.57
N GLN B 362 -22.94 -16.62 -13.42
CA GLN B 362 -24.41 -16.64 -13.66
C GLN B 362 -24.93 -17.95 -14.27
N ASN B 363 -24.03 -18.69 -14.90
CA ASN B 363 -24.32 -19.90 -15.65
C ASN B 363 -24.04 -21.20 -14.90
N THR B 364 -23.87 -21.13 -13.59
CA THR B 364 -23.52 -22.33 -12.85
C THR B 364 -24.29 -22.40 -11.53
N GLY B 365 -24.41 -23.60 -11.01
CA GLY B 365 -25.11 -23.82 -9.76
C GLY B 365 -24.67 -25.11 -9.15
N ILE B 366 -25.09 -25.34 -7.91
CA ILE B 366 -24.80 -26.59 -7.22
C ILE B 366 -25.97 -26.91 -6.32
N ALA B 367 -26.22 -28.20 -6.11
CA ALA B 367 -27.29 -28.63 -5.16
C ALA B 367 -26.71 -29.63 -4.18
N PHE B 368 -26.77 -29.34 -2.89
CA PHE B 368 -26.31 -30.28 -1.86
C PHE B 368 -27.52 -31.04 -1.40
N VAL B 369 -27.45 -32.36 -1.54
CA VAL B 369 -28.54 -33.25 -1.19
C VAL B 369 -28.25 -34.09 0.05
N SER B 370 -29.19 -34.10 0.97
CA SER B 370 -29.08 -34.93 2.15
C SER B 370 -30.15 -36.01 2.21
N LEU B 371 -29.75 -37.24 2.55
CA LEU B 371 -30.66 -38.34 2.58
C LEU B 371 -31.26 -38.57 3.98
N LYS B 372 -32.42 -39.23 3.99
CA LYS B 372 -33.01 -39.68 5.24
C LYS B 372 -32.04 -40.69 5.86
N ASP B 373 -32.33 -41.07 7.10
CA ASP B 373 -31.51 -42.05 7.79
C ASP B 373 -31.31 -43.33 6.92
N TRP B 374 -30.07 -43.76 6.88
CA TRP B 374 -29.63 -45.02 6.25
C TRP B 374 -30.59 -46.22 6.55
N ALA B 375 -30.94 -46.40 7.83
CA ALA B 375 -31.84 -47.48 8.26
C ALA B 375 -33.21 -47.44 7.57
N ASP B 376 -33.69 -46.24 7.23
CA ASP B 376 -34.98 -46.06 6.52
C ASP B 376 -34.88 -46.02 4.99
N ARG B 377 -33.71 -46.32 4.44
CA ARG B 377 -33.51 -46.53 3.02
C ARG B 377 -32.99 -47.96 2.79
N PRO B 378 -33.79 -48.98 3.20
CA PRO B 378 -33.33 -50.35 2.99
C PRO B 378 -33.39 -50.67 1.50
N GLY B 379 -32.48 -51.55 1.05
CA GLY B 379 -32.40 -52.00 -0.34
C GLY B 379 -31.19 -51.40 -1.06
N GLU B 380 -30.52 -52.23 -1.85
CA GLU B 380 -29.40 -51.77 -2.66
C GLU B 380 -29.75 -50.50 -3.42
N GLU B 381 -30.98 -50.46 -3.96
CA GLU B 381 -31.41 -49.39 -4.87
C GLU B 381 -31.71 -47.99 -4.21
N ASN B 382 -31.72 -47.96 -2.87
CA ASN B 382 -31.88 -46.74 -2.10
C ASN B 382 -30.63 -46.31 -1.35
N LYS B 383 -29.45 -46.82 -1.73
CA LYS B 383 -28.15 -46.33 -1.22
C LYS B 383 -27.59 -45.26 -2.16
N VAL B 384 -26.62 -44.48 -1.69
CA VAL B 384 -26.10 -43.35 -2.46
C VAL B 384 -25.72 -43.69 -3.91
N GLU B 385 -25.09 -44.84 -4.13
CA GLU B 385 -24.58 -45.12 -5.47
C GLU B 385 -25.73 -45.24 -6.48
N ALA B 386 -26.70 -46.07 -6.16
CA ALA B 386 -27.83 -46.21 -7.06
C ALA B 386 -28.64 -44.85 -7.20
N ILE B 387 -28.76 -44.05 -6.14
CA ILE B 387 -29.55 -42.78 -6.20
C ILE B 387 -28.92 -41.76 -7.18
N THR B 388 -27.62 -41.55 -7.01
CA THR B 388 -26.81 -40.66 -7.85
C THR B 388 -26.75 -41.08 -9.32
N MET B 389 -26.67 -42.38 -9.54
CA MET B 389 -26.79 -42.96 -10.87
C MET B 389 -28.18 -42.66 -11.49
N ARG B 390 -29.29 -42.97 -10.79
CA ARG B 390 -30.62 -42.70 -11.36
C ARG B 390 -30.80 -41.21 -11.70
N ALA B 391 -30.28 -40.34 -10.84
CA ALA B 391 -30.45 -38.91 -11.01
C ALA B 391 -29.67 -38.40 -12.24
N THR B 392 -28.40 -38.80 -12.34
CA THR B 392 -27.57 -38.47 -13.52
C THR B 392 -28.31 -38.92 -14.75
N ARG B 393 -28.86 -40.14 -14.71
CA ARG B 393 -29.67 -40.65 -15.82
C ARG B 393 -30.86 -39.71 -16.09
N ALA B 394 -31.67 -39.42 -15.07
CA ALA B 394 -32.82 -38.55 -15.21
C ALA B 394 -32.47 -37.12 -15.69
N PHE B 395 -31.29 -36.61 -15.33
CA PHE B 395 -30.88 -35.25 -15.76
C PHE B 395 -30.10 -35.22 -17.09
N SER B 396 -29.78 -36.40 -17.63
CA SER B 396 -28.95 -36.49 -18.83
C SER B 396 -29.65 -35.90 -20.07
N GLN B 397 -30.98 -35.81 -20.06
CA GLN B 397 -31.72 -35.25 -21.18
C GLN B 397 -32.20 -33.81 -20.93
N ILE B 398 -31.58 -33.07 -20.01
CA ILE B 398 -31.85 -31.65 -19.88
C ILE B 398 -31.03 -30.92 -20.96
N LYS B 399 -31.66 -29.90 -21.58
CA LYS B 399 -31.13 -29.20 -22.76
C LYS B 399 -30.12 -28.09 -22.45
N ASP B 400 -28.99 -28.10 -23.16
CA ASP B 400 -27.92 -27.07 -23.04
C ASP B 400 -27.47 -26.89 -21.57
N ALA B 401 -27.04 -27.99 -20.96
CA ALA B 401 -26.67 -28.09 -19.54
C ALA B 401 -26.01 -29.44 -19.23
N MET B 402 -24.83 -29.41 -18.65
CA MET B 402 -24.24 -30.58 -18.03
C MET B 402 -24.78 -30.58 -16.58
N VAL B 403 -25.54 -31.62 -16.25
CA VAL B 403 -26.07 -31.78 -14.92
C VAL B 403 -25.74 -33.15 -14.39
N PHE B 404 -24.97 -33.26 -13.32
CA PHE B 404 -24.75 -34.57 -12.75
C PHE B 404 -24.53 -34.62 -11.27
N ALA B 405 -24.78 -35.80 -10.73
CA ALA B 405 -24.81 -36.05 -9.33
C ALA B 405 -23.66 -36.96 -9.01
N PHE B 406 -22.95 -36.68 -7.90
CA PHE B 406 -21.70 -37.34 -7.54
C PHE B 406 -21.36 -37.19 -6.06
N ASN B 407 -20.68 -38.19 -5.52
CA ASN B 407 -20.15 -38.17 -4.16
C ASN B 407 -18.75 -37.58 -4.18
N LEU B 408 -18.15 -37.37 -3.02
CA LEU B 408 -16.84 -36.68 -2.95
C LEU B 408 -16.13 -36.80 -1.58
N THR B 418 -9.49 -41.97 -12.89
CA THR B 418 -10.49 -42.02 -13.96
C THR B 418 -9.90 -41.75 -15.38
N GLY B 419 -9.68 -40.47 -15.73
CA GLY B 419 -9.23 -40.06 -17.09
C GLY B 419 -7.95 -39.23 -17.18
N PHE B 420 -7.96 -38.15 -17.96
CA PHE B 420 -6.77 -37.32 -18.16
C PHE B 420 -7.05 -35.81 -18.12
N ASP B 421 -6.00 -35.04 -17.83
CA ASP B 421 -6.08 -33.59 -17.63
C ASP B 421 -4.92 -32.84 -18.40
N PHE B 422 -5.26 -32.24 -19.54
CA PHE B 422 -4.33 -31.70 -20.51
C PHE B 422 -4.43 -30.17 -20.57
N GLU B 423 -3.29 -29.47 -20.56
CA GLU B 423 -3.26 -28.05 -20.82
C GLU B 423 -2.62 -27.82 -22.17
N LEU B 424 -3.31 -27.10 -23.01
CA LEU B 424 -2.78 -26.57 -24.27
C LEU B 424 -2.26 -25.18 -23.96
N ILE B 425 -1.05 -24.85 -24.39
CA ILE B 425 -0.36 -23.64 -23.87
C ILE B 425 0.16 -22.74 -24.96
N ASP B 426 -0.08 -21.44 -24.82
CA ASP B 426 0.43 -20.41 -25.74
C ASP B 426 1.90 -20.11 -25.42
N GLN B 427 2.80 -20.64 -26.27
CA GLN B 427 4.21 -20.52 -25.99
C GLN B 427 4.89 -19.35 -26.72
N ALA B 428 4.19 -18.59 -27.56
CA ALA B 428 4.87 -17.57 -28.39
C ALA B 428 4.09 -16.31 -28.58
N GLY B 429 3.33 -15.90 -27.55
CA GLY B 429 2.50 -14.66 -27.65
C GLY B 429 1.44 -14.66 -28.75
N LEU B 430 0.90 -15.84 -29.05
CA LEU B 430 -0.02 -15.94 -30.20
C LEU B 430 -1.33 -15.21 -29.94
N GLY B 431 -1.80 -15.26 -28.69
CA GLY B 431 -3.04 -14.60 -28.30
C GLY B 431 -4.23 -15.56 -28.18
N HIS B 432 -5.31 -15.02 -27.62
CA HIS B 432 -6.48 -15.82 -27.26
C HIS B 432 -7.14 -16.46 -28.50
N GLU B 433 -7.30 -15.69 -29.56
CA GLU B 433 -8.09 -16.11 -30.74
C GLU B 433 -7.35 -17.32 -31.41
N LYS B 434 -6.04 -17.19 -31.58
CA LYS B 434 -5.25 -18.23 -32.19
C LYS B 434 -5.17 -19.43 -31.29
N LEU B 435 -5.06 -19.23 -29.99
CA LEU B 435 -5.03 -20.38 -29.14
C LEU B 435 -6.37 -21.08 -29.22
N THR B 436 -7.47 -20.35 -29.30
CA THR B 436 -8.80 -20.99 -29.50
C THR B 436 -8.81 -21.89 -30.79
N GLN B 437 -8.34 -21.36 -31.91
CA GLN B 437 -8.32 -22.17 -33.17
C GLN B 437 -7.50 -23.43 -33.07
N ALA B 438 -6.34 -23.30 -32.43
CA ALA B 438 -5.48 -24.44 -32.17
C ALA B 438 -6.12 -25.44 -31.24
N ARG B 439 -6.75 -24.99 -30.15
CA ARG B 439 -7.62 -25.84 -29.34
C ARG B 439 -8.63 -26.66 -30.19
N ASN B 440 -9.37 -25.98 -31.03
CA ASN B 440 -10.43 -26.60 -31.83
C ASN B 440 -9.89 -27.59 -32.83
N GLN B 441 -8.73 -27.29 -33.38
CA GLN B 441 -8.06 -28.22 -34.28
C GLN B 441 -7.68 -29.52 -33.54
N LEU B 442 -7.15 -29.40 -32.35
CA LEU B 442 -6.89 -30.61 -31.53
C LEU B 442 -8.15 -31.41 -31.16
N LEU B 443 -9.24 -30.72 -30.82
CA LEU B 443 -10.50 -31.39 -30.47
C LEU B 443 -11.05 -32.08 -31.70
N ALA B 444 -10.93 -31.45 -32.86
CA ALA B 444 -11.54 -32.02 -34.08
C ALA B 444 -10.78 -33.28 -34.54
N GLU B 445 -9.46 -33.29 -34.39
CA GLU B 445 -8.68 -34.53 -34.56
C GLU B 445 -8.97 -35.58 -33.50
N ALA B 446 -9.11 -35.19 -32.23
CA ALA B 446 -9.44 -36.18 -31.20
C ALA B 446 -10.80 -36.88 -31.44
N ALA B 447 -11.76 -36.19 -32.04
CA ALA B 447 -13.08 -36.74 -32.40
C ALA B 447 -13.02 -37.91 -33.40
N LYS B 448 -12.03 -37.85 -34.29
CA LYS B 448 -11.80 -38.84 -35.34
C LYS B 448 -11.04 -40.10 -34.86
N HIS B 449 -10.80 -40.23 -33.55
CA HIS B 449 -10.25 -41.44 -32.97
C HIS B 449 -11.17 -41.91 -31.82
N PRO B 450 -12.46 -42.22 -32.11
CA PRO B 450 -13.37 -42.65 -31.02
C PRO B 450 -13.04 -44.02 -30.44
N ASP B 451 -12.26 -44.80 -31.16
CA ASP B 451 -11.67 -46.03 -30.66
C ASP B 451 -10.68 -45.86 -29.49
N MET B 452 -9.99 -44.71 -29.43
CA MET B 452 -8.99 -44.41 -28.36
C MET B 452 -9.42 -43.36 -27.33
N LEU B 453 -10.15 -42.32 -27.77
CA LEU B 453 -10.48 -41.16 -26.92
C LEU B 453 -11.98 -40.92 -26.88
N THR B 454 -12.51 -40.65 -25.68
CA THR B 454 -13.92 -40.34 -25.52
C THR B 454 -14.09 -39.03 -24.74
N SER B 455 -15.07 -38.20 -25.11
CA SER B 455 -15.44 -36.99 -24.35
C SER B 455 -14.26 -36.01 -24.19
N VAL B 456 -13.50 -35.85 -25.28
CA VAL B 456 -12.46 -34.86 -25.30
C VAL B 456 -13.11 -33.51 -25.49
N ARG B 457 -12.87 -32.64 -24.50
CA ARG B 457 -13.65 -31.42 -24.31
C ARG B 457 -12.92 -30.35 -23.52
N PRO B 458 -13.20 -29.09 -23.81
CA PRO B 458 -12.62 -28.04 -23.00
C PRO B 458 -13.22 -28.06 -21.63
N ASN B 459 -12.43 -27.77 -20.61
CA ASN B 459 -13.03 -27.58 -19.28
C ASN B 459 -13.56 -26.16 -19.04
N GLY B 460 -13.15 -25.21 -19.85
CA GLY B 460 -13.55 -23.85 -19.65
C GLY B 460 -14.73 -23.40 -20.44
N LEU B 461 -14.70 -22.12 -20.81
CA LEU B 461 -15.86 -21.45 -21.37
C LEU B 461 -15.58 -20.89 -22.72
N GLU B 462 -16.65 -20.76 -23.49
CA GLU B 462 -16.63 -20.28 -24.86
C GLU B 462 -16.75 -18.76 -24.86
N ASP B 463 -16.17 -18.10 -25.87
CA ASP B 463 -16.38 -16.67 -26.05
C ASP B 463 -17.88 -16.34 -26.25
N THR B 464 -18.26 -15.15 -25.80
CA THR B 464 -19.62 -14.66 -25.92
C THR B 464 -19.63 -13.22 -26.45
N PRO B 465 -20.80 -12.77 -26.95
CA PRO B 465 -20.97 -11.36 -27.30
C PRO B 465 -20.65 -10.36 -26.18
N GLN B 466 -19.85 -9.35 -26.51
CA GLN B 466 -19.57 -8.26 -25.62
C GLN B 466 -19.68 -6.97 -26.42
N PHE B 467 -19.85 -5.89 -25.67
CA PHE B 467 -20.19 -4.59 -26.17
C PHE B 467 -18.94 -3.72 -26.10
N LYS B 468 -18.33 -3.44 -27.24
CA LYS B 468 -17.12 -2.70 -27.29
C LYS B 468 -17.47 -1.24 -27.54
N ILE B 469 -17.08 -0.39 -26.62
CA ILE B 469 -17.36 1.04 -26.74
C ILE B 469 -15.97 1.74 -26.82
N ASP B 470 -15.81 2.58 -27.85
CA ASP B 470 -14.61 3.35 -28.15
C ASP B 470 -14.96 4.79 -27.82
N ILE B 471 -14.18 5.37 -26.92
CA ILE B 471 -14.29 6.76 -26.53
C ILE B 471 -13.48 7.54 -27.54
N ASP B 472 -14.10 8.56 -28.14
CA ASP B 472 -13.38 9.38 -29.09
C ASP B 472 -12.60 10.49 -28.34
N GLN B 473 -11.28 10.29 -28.25
CA GLN B 473 -10.36 11.18 -27.52
C GLN B 473 -10.40 12.60 -28.11
N GLU B 474 -10.42 12.69 -29.44
CA GLU B 474 -10.55 14.00 -30.10
C GLU B 474 -11.82 14.78 -29.75
N LYS B 475 -12.98 14.13 -29.86
CA LYS B 475 -14.22 14.80 -29.52
C LYS B 475 -14.28 15.15 -28.00
N ALA B 476 -13.77 14.28 -27.14
CA ALA B 476 -13.79 14.58 -25.72
C ALA B 476 -12.95 15.84 -25.44
N GLN B 477 -11.76 15.89 -26.01
CA GLN B 477 -10.94 17.07 -25.92
C GLN B 477 -11.62 18.26 -26.56
N ALA B 478 -12.23 18.13 -27.74
CA ALA B 478 -12.88 19.35 -28.33
C ALA B 478 -14.02 19.98 -27.46
N LEU B 479 -14.77 19.12 -26.77
CA LEU B 479 -15.85 19.54 -25.89
C LEU B 479 -15.41 19.92 -24.50
N GLY B 480 -14.22 19.48 -24.13
CA GLY B 480 -13.62 19.72 -22.81
C GLY B 480 -14.19 18.81 -21.76
N VAL B 481 -14.36 17.57 -22.15
CA VAL B 481 -14.85 16.54 -21.26
C VAL B 481 -13.62 15.71 -20.91
N SER B 482 -13.40 15.53 -19.62
CA SER B 482 -12.24 14.78 -19.17
C SER B 482 -12.51 13.25 -19.29
N ILE B 483 -11.49 12.54 -19.75
CA ILE B 483 -11.54 11.07 -19.90
C ILE B 483 -11.76 10.30 -18.56
N ASN B 484 -11.18 10.82 -17.49
CA ASN B 484 -11.42 10.26 -16.18
C ASN B 484 -12.87 10.44 -15.81
N ASP B 485 -13.51 11.59 -16.05
CA ASP B 485 -14.97 11.69 -15.81
C ASP B 485 -15.85 10.74 -16.67
N ILE B 486 -15.45 10.57 -17.92
CA ILE B 486 -16.11 9.62 -18.82
C ILE B 486 -16.06 8.18 -18.27
N ASN B 487 -14.85 7.75 -17.93
CA ASN B 487 -14.62 6.41 -17.49
C ASN B 487 -15.17 6.14 -16.10
N THR B 488 -15.09 7.10 -15.19
CA THR B 488 -15.70 6.92 -13.86
C THR B 488 -17.19 6.89 -14.03
N THR B 489 -17.73 7.69 -14.94
CA THR B 489 -19.15 7.68 -15.22
C THR B 489 -19.67 6.34 -15.76
N LEU B 490 -18.95 5.79 -16.73
CA LEU B 490 -19.30 4.52 -17.35
C LEU B 490 -19.20 3.38 -16.38
N GLY B 491 -18.07 3.29 -15.73
CA GLY B 491 -17.82 2.22 -14.73
C GLY B 491 -18.70 2.25 -13.51
N ALA B 492 -18.86 3.42 -12.96
CA ALA B 492 -19.67 3.55 -11.76
C ALA B 492 -21.11 3.17 -12.08
N ALA B 493 -21.63 3.68 -13.19
CA ALA B 493 -23.02 3.48 -13.50
C ALA B 493 -23.31 2.06 -13.93
N TRP B 494 -22.49 1.50 -14.84
CA TRP B 494 -22.73 0.16 -15.41
C TRP B 494 -22.11 -1.01 -14.64
N GLY B 495 -21.07 -0.74 -13.87
CA GLY B 495 -20.37 -1.75 -13.08
C GLY B 495 -20.38 -1.58 -11.57
N GLY B 496 -20.68 -0.41 -11.07
CA GLY B 496 -20.68 -0.20 -9.64
C GLY B 496 -19.29 0.22 -9.19
N SER B 497 -19.26 1.06 -8.16
CA SER B 497 -18.02 1.53 -7.56
C SER B 497 -18.14 1.47 -6.03
N TYR B 498 -17.13 0.85 -5.38
CA TYR B 498 -16.95 0.86 -3.91
C TYR B 498 -16.37 2.18 -3.50
N VAL B 499 -17.17 3.03 -2.86
CA VAL B 499 -16.74 4.37 -2.53
C VAL B 499 -15.94 4.40 -1.22
N ASN B 500 -16.56 3.97 -0.12
CA ASN B 500 -15.91 3.95 1.18
C ASN B 500 -16.84 3.16 2.13
N ASP B 501 -16.57 3.18 3.42
CA ASP B 501 -17.30 2.38 4.41
C ASP B 501 -18.28 3.17 5.30
N PHE B 502 -19.26 2.48 5.83
CA PHE B 502 -20.22 3.07 6.75
C PHE B 502 -20.43 2.03 7.86
N ILE B 503 -21.28 2.38 8.84
CA ILE B 503 -21.53 1.51 9.97
C ILE B 503 -22.98 1.15 10.00
N ASP B 504 -23.28 -0.12 9.78
CA ASP B 504 -24.65 -0.65 9.79
C ASP B 504 -24.81 -1.45 11.08
N ARG B 505 -25.58 -0.90 12.02
CA ARG B 505 -25.80 -1.55 13.31
C ARG B 505 -24.51 -1.97 13.99
N GLY B 506 -23.64 -0.97 14.11
CA GLY B 506 -22.30 -1.07 14.70
C GLY B 506 -21.25 -1.91 13.96
N ARG B 507 -21.57 -2.43 12.75
CA ARG B 507 -20.61 -3.15 11.90
C ARG B 507 -20.19 -2.36 10.70
N VAL B 508 -18.87 -2.29 10.51
CA VAL B 508 -18.30 -1.71 9.31
C VAL B 508 -18.73 -2.49 8.06
N LYS B 509 -19.25 -1.79 7.07
CA LYS B 509 -19.68 -2.36 5.80
C LYS B 509 -19.46 -1.35 4.65
N LYS B 510 -19.63 -1.78 3.41
CA LYS B 510 -19.29 -0.93 2.23
C LYS B 510 -20.46 -0.09 1.75
N VAL B 511 -20.12 0.98 1.02
CA VAL B 511 -21.06 1.84 0.28
C VAL B 511 -20.73 1.67 -1.20
N TYR B 512 -21.77 1.49 -2.02
CA TYR B 512 -21.64 1.32 -3.48
C TYR B 512 -22.53 2.30 -4.23
N VAL B 513 -21.98 2.93 -5.26
CA VAL B 513 -22.83 3.69 -6.20
C VAL B 513 -22.89 2.90 -7.48
N MET B 514 -24.06 2.88 -8.11
CA MET B 514 -24.29 2.17 -9.39
C MET B 514 -25.58 2.70 -9.98
N SER B 515 -25.82 2.54 -11.28
CA SER B 515 -27.10 2.91 -11.86
C SER B 515 -28.17 2.01 -11.36
N GLU B 516 -29.34 2.59 -11.15
CA GLU B 516 -30.55 1.79 -10.99
C GLU B 516 -30.71 0.91 -12.22
N ALA B 517 -31.19 -0.29 -12.02
CA ALA B 517 -31.24 -1.35 -13.04
C ALA B 517 -31.78 -0.87 -14.38
N LYS B 518 -32.89 -0.15 -14.33
CA LYS B 518 -33.56 0.20 -15.54
C LYS B 518 -32.80 1.18 -16.42
N TYR B 519 -31.78 1.87 -15.92
CA TYR B 519 -31.02 2.77 -16.79
C TYR B 519 -29.72 2.16 -17.22
N ARG B 520 -29.54 0.87 -17.00
CA ARG B 520 -28.33 0.15 -17.42
C ARG B 520 -28.63 -1.24 -18.04
N MET B 521 -29.72 -1.33 -18.81
CA MET B 521 -30.14 -2.63 -19.30
C MET B 521 -29.88 -2.87 -20.77
N LEU B 522 -29.93 -1.82 -21.56
CA LEU B 522 -29.90 -1.94 -22.99
C LEU B 522 -28.94 -0.93 -23.61
N PRO B 523 -28.35 -1.27 -24.78
CA PRO B 523 -27.42 -0.39 -25.48
C PRO B 523 -27.86 1.06 -25.58
N ASP B 524 -29.12 1.31 -25.93
CA ASP B 524 -29.62 2.69 -25.99
C ASP B 524 -29.55 3.49 -24.68
N ASP B 525 -29.51 2.82 -23.54
CA ASP B 525 -29.30 3.48 -22.28
C ASP B 525 -27.94 4.20 -22.14
N ILE B 526 -26.90 3.69 -22.80
CA ILE B 526 -25.60 4.39 -22.86
C ILE B 526 -25.79 5.89 -23.14
N GLY B 527 -26.70 6.22 -24.05
CA GLY B 527 -26.89 7.58 -24.51
C GLY B 527 -27.64 8.48 -23.58
N ASP B 528 -28.20 7.96 -22.49
CA ASP B 528 -28.87 8.76 -21.47
C ASP B 528 -27.97 9.20 -20.30
N TRP B 529 -26.68 8.80 -20.33
CA TRP B 529 -25.77 9.16 -19.29
C TRP B 529 -25.04 10.39 -19.78
N TYR B 530 -24.96 11.39 -18.91
CA TYR B 530 -24.33 12.60 -19.29
C TYR B 530 -23.11 12.92 -18.42
N VAL B 531 -22.13 13.58 -19.02
CA VAL B 531 -20.95 14.00 -18.36
C VAL B 531 -20.80 15.52 -18.49
N ARG B 532 -20.39 16.21 -17.42
CA ARG B 532 -20.25 17.64 -17.40
C ARG B 532 -18.87 18.03 -17.98
N ALA B 533 -18.87 18.98 -18.91
CA ALA B 533 -17.64 19.48 -19.51
C ALA B 533 -17.05 20.58 -18.61
N ALA B 534 -15.77 20.90 -18.79
CA ALA B 534 -15.09 22.04 -18.12
C ALA B 534 -15.82 23.41 -18.13
N ASP B 535 -16.54 23.69 -19.21
CA ASP B 535 -17.37 24.90 -19.34
C ASP B 535 -18.81 24.79 -18.73
N GLY B 536 -19.09 23.70 -18.03
CA GLY B 536 -20.38 23.48 -17.39
C GLY B 536 -21.46 22.80 -18.21
N GLN B 537 -21.27 22.63 -19.49
CA GLN B 537 -22.31 21.98 -20.27
C GLN B 537 -22.34 20.47 -20.07
N MET B 538 -23.54 19.93 -20.12
CA MET B 538 -23.79 18.50 -20.03
C MET B 538 -23.74 17.91 -21.42
N VAL B 539 -22.99 16.82 -21.54
CA VAL B 539 -22.66 16.20 -22.79
C VAL B 539 -23.09 14.74 -22.71
N PRO B 540 -23.95 14.30 -23.64
CA PRO B 540 -24.39 12.89 -23.64
C PRO B 540 -23.27 12.00 -24.12
N PHE B 541 -23.27 10.75 -23.67
CA PHE B 541 -22.23 9.79 -24.00
C PHE B 541 -22.24 9.48 -25.49
N SER B 542 -23.38 9.72 -26.12
CA SER B 542 -23.49 9.46 -27.54
C SER B 542 -22.62 10.42 -28.30
N ALA B 543 -22.32 11.59 -27.76
CA ALA B 543 -21.54 12.57 -28.52
C ALA B 543 -20.05 12.24 -28.69
N PHE B 544 -19.49 11.37 -27.84
CA PHE B 544 -18.05 11.08 -27.86
C PHE B 544 -17.74 9.60 -27.83
N SER B 545 -18.70 8.74 -28.15
CA SER B 545 -18.46 7.31 -28.13
C SER B 545 -19.05 6.66 -29.31
N SER B 546 -18.66 5.45 -29.55
CA SER B 546 -19.23 4.68 -30.62
C SER B 546 -19.11 3.23 -30.23
N SER B 547 -20.06 2.40 -30.64
CA SER B 547 -20.04 1.03 -30.16
C SER B 547 -20.32 -0.02 -31.21
N ARG B 548 -19.79 -1.24 -30.98
CA ARG B 548 -20.09 -2.41 -31.79
C ARG B 548 -20.07 -3.67 -30.94
N TRP B 549 -20.76 -4.69 -31.46
CA TRP B 549 -20.68 -6.03 -30.90
C TRP B 549 -19.43 -6.76 -31.43
N GLU B 550 -18.81 -7.55 -30.56
CA GLU B 550 -17.69 -8.39 -30.92
C GLU B 550 -17.75 -9.63 -29.98
N TYR B 551 -16.87 -10.60 -30.17
CA TYR B 551 -16.69 -11.72 -29.24
C TYR B 551 -15.43 -11.59 -28.36
N GLY B 552 -15.53 -11.97 -27.10
CA GLY B 552 -14.41 -12.21 -26.27
C GLY B 552 -14.74 -13.20 -25.17
N SER B 553 -13.73 -13.47 -24.34
CA SER B 553 -13.74 -14.54 -23.38
C SER B 553 -14.28 -14.06 -22.03
N PRO B 554 -15.24 -14.84 -21.46
CA PRO B 554 -15.67 -14.65 -20.09
C PRO B 554 -14.77 -15.32 -19.08
N ARG B 555 -13.87 -16.19 -19.51
CA ARG B 555 -12.91 -16.73 -18.63
C ARG B 555 -11.60 -17.05 -19.35
N LEU B 556 -10.53 -16.35 -18.98
CA LEU B 556 -9.20 -16.53 -19.51
C LEU B 556 -8.42 -17.37 -18.52
N GLU B 557 -7.78 -18.41 -19.05
CA GLU B 557 -7.08 -19.43 -18.24
C GLU B 557 -5.60 -19.23 -18.46
N ARG B 558 -4.80 -19.50 -17.42
CA ARG B 558 -3.34 -19.51 -17.56
C ARG B 558 -2.78 -20.72 -16.83
N TYR B 559 -1.62 -21.21 -17.29
CA TYR B 559 -0.90 -22.37 -16.73
C TYR B 559 0.61 -22.12 -16.74
N ASN B 560 1.20 -22.25 -15.55
CA ASN B 560 2.55 -21.78 -15.29
C ASN B 560 2.90 -20.48 -16.00
N GLY B 561 2.01 -19.49 -15.84
CA GLY B 561 2.33 -18.13 -16.23
C GLY B 561 2.04 -17.74 -17.65
N LEU B 562 1.57 -18.73 -18.45
CA LEU B 562 1.30 -18.52 -19.87
C LEU B 562 -0.15 -18.78 -20.22
N PRO B 563 -0.64 -18.16 -21.30
CA PRO B 563 -2.05 -18.48 -21.64
C PRO B 563 -2.25 -19.97 -21.92
N SER B 564 -3.41 -20.48 -21.56
CA SER B 564 -3.69 -21.91 -21.61
C SER B 564 -5.13 -22.21 -21.76
N MET B 565 -5.39 -23.45 -22.20
CA MET B 565 -6.73 -23.97 -22.33
C MET B 565 -6.80 -25.42 -21.92
N GLU B 566 -7.57 -25.67 -20.87
CA GLU B 566 -7.58 -26.97 -20.24
C GLU B 566 -8.57 -27.83 -21.02
N ILE B 567 -8.08 -29.00 -21.38
CA ILE B 567 -8.83 -30.04 -22.09
C ILE B 567 -8.96 -31.29 -21.20
N LEU B 568 -10.20 -31.77 -21.05
CA LEU B 568 -10.45 -33.01 -20.33
C LEU B 568 -10.79 -34.11 -21.33
N GLY B 569 -10.77 -35.35 -20.85
CA GLY B 569 -11.02 -36.52 -21.69
C GLY B 569 -10.66 -37.81 -20.99
N GLN B 570 -11.04 -38.94 -21.59
CA GLN B 570 -10.70 -40.26 -21.03
C GLN B 570 -10.34 -41.23 -22.11
N ALA B 571 -9.72 -42.33 -21.69
CA ALA B 571 -9.53 -43.47 -22.56
C ALA B 571 -10.90 -44.00 -22.98
N ALA B 572 -11.06 -44.30 -24.27
CA ALA B 572 -12.13 -45.19 -24.76
C ALA B 572 -12.13 -46.58 -24.03
N PRO B 573 -13.29 -47.30 -24.10
CA PRO B 573 -13.36 -48.57 -23.35
C PRO B 573 -12.37 -49.60 -23.88
N GLY B 574 -11.76 -50.36 -22.98
CA GLY B 574 -10.74 -51.34 -23.34
C GLY B 574 -9.42 -50.74 -23.81
N LYS B 575 -9.06 -49.57 -23.26
CA LYS B 575 -7.79 -48.89 -23.58
C LYS B 575 -7.21 -48.29 -22.32
N SER B 576 -5.88 -48.20 -22.28
CA SER B 576 -5.16 -47.70 -21.12
C SER B 576 -4.99 -46.18 -21.21
N THR B 577 -5.22 -45.50 -20.08
CA THR B 577 -4.94 -44.10 -19.92
C THR B 577 -3.63 -43.69 -20.63
N GLY B 578 -2.58 -44.47 -20.43
CA GLY B 578 -1.28 -44.24 -21.06
C GLY B 578 -1.26 -44.24 -22.60
N GLU B 579 -2.07 -45.12 -23.20
CA GLU B 579 -2.22 -45.18 -24.66
C GLU B 579 -2.90 -43.92 -25.14
N ALA B 580 -3.97 -43.56 -24.42
CA ALA B 580 -4.72 -42.37 -24.73
C ALA B 580 -3.81 -41.14 -24.63
N MET B 581 -3.17 -40.96 -23.49
CA MET B 581 -2.25 -39.87 -23.32
C MET B 581 -1.23 -39.86 -24.45
N GLU B 582 -0.62 -41.01 -24.78
CA GLU B 582 0.33 -41.11 -25.93
C GLU B 582 -0.27 -40.49 -27.21
N LEU B 583 -1.50 -40.87 -27.56
CA LEU B 583 -2.16 -40.32 -28.73
C LEU B 583 -2.40 -38.77 -28.67
N MET B 584 -2.90 -38.30 -27.52
CA MET B 584 -3.02 -36.85 -27.30
C MET B 584 -1.68 -36.11 -27.58
N GLU B 585 -0.55 -36.67 -27.12
CA GLU B 585 0.80 -36.09 -27.34
C GLU B 585 1.16 -36.06 -28.82
N GLN B 586 0.75 -37.10 -29.54
CA GLN B 586 0.97 -37.18 -30.99
C GLN B 586 0.13 -36.16 -31.74
N LEU B 587 -1.12 -36.05 -31.35
CA LEU B 587 -2.01 -35.10 -31.99
C LEU B 587 -1.49 -33.70 -31.76
N ALA B 588 -1.05 -33.47 -30.53
CA ALA B 588 -0.52 -32.16 -30.10
C ALA B 588 0.72 -31.69 -30.87
N SER B 589 1.58 -32.64 -31.28
CA SER B 589 2.78 -32.34 -32.10
C SER B 589 2.50 -31.82 -33.50
N LYS B 590 1.24 -31.90 -33.92
CA LYS B 590 0.81 -31.42 -35.25
C LYS B 590 0.07 -30.06 -35.20
N LEU B 591 0.22 -29.29 -34.11
CA LEU B 591 -0.51 -28.02 -33.95
C LEU B 591 0.28 -26.82 -34.48
N PRO B 592 -0.38 -25.67 -34.72
CA PRO B 592 0.42 -24.59 -35.29
C PRO B 592 1.67 -24.17 -34.45
N THR B 593 2.65 -23.53 -35.10
CA THR B 593 3.87 -23.15 -34.44
C THR B 593 3.52 -22.23 -33.26
N GLY B 594 4.13 -22.51 -32.11
CA GLY B 594 3.93 -21.72 -30.91
C GLY B 594 2.96 -22.28 -29.87
N VAL B 595 2.34 -23.43 -30.16
CA VAL B 595 1.36 -24.05 -29.28
C VAL B 595 2.00 -25.25 -28.67
N GLY B 596 2.23 -25.22 -27.35
CA GLY B 596 2.75 -26.41 -26.64
C GLY B 596 1.65 -27.02 -25.81
N TYR B 597 2.03 -27.96 -24.92
CA TYR B 597 1.12 -28.55 -23.94
C TYR B 597 1.84 -29.11 -22.74
N ASP B 598 1.07 -29.40 -21.68
CA ASP B 598 1.54 -30.14 -20.50
C ASP B 598 0.42 -30.92 -19.87
N TRP B 599 0.80 -31.93 -19.10
CA TRP B 599 -0.12 -32.68 -18.25
C TRP B 599 -0.14 -32.09 -16.86
N THR B 600 -1.32 -32.12 -16.23
CA THR B 600 -1.50 -31.60 -14.87
C THR B 600 -2.51 -32.45 -14.13
N GLY B 601 -2.69 -32.10 -12.85
CA GLY B 601 -3.67 -32.78 -11.98
C GLY B 601 -3.41 -34.28 -11.93
N MET B 602 -4.48 -35.06 -12.08
CA MET B 602 -4.42 -36.52 -12.11
C MET B 602 -3.39 -37.00 -13.13
N SER B 603 -3.20 -36.30 -14.25
CA SER B 603 -2.18 -36.72 -15.24
C SER B 603 -0.70 -36.36 -14.96
N TYR B 604 -0.39 -35.70 -13.85
CA TYR B 604 1.04 -35.40 -13.52
C TYR B 604 1.72 -36.60 -12.79
N ALA C 1 0.88 -21.02 30.82
CA ALA C 1 0.43 -19.70 30.24
C ALA C 1 0.00 -19.87 28.75
N PRO C 2 -1.24 -19.42 28.37
CA PRO C 2 -1.59 -19.47 26.94
C PRO C 2 -0.84 -18.40 26.14
N PRO C 3 -0.18 -18.76 25.02
CA PRO C 3 0.51 -17.72 24.26
C PRO C 3 -0.45 -16.69 23.64
N ALA C 4 0.06 -15.47 23.50
CA ALA C 4 -0.76 -14.35 23.04
C ALA C 4 0.02 -13.48 22.07
N VAL C 5 -0.64 -13.01 21.03
CA VAL C 5 -0.07 -12.09 20.05
C VAL C 5 -0.85 -10.78 20.13
N THR C 6 -0.11 -9.67 20.09
CA THR C 6 -0.70 -8.35 20.18
C THR C 6 -0.49 -7.55 18.92
N ILE C 7 -1.56 -6.95 18.37
CA ILE C 7 -1.45 -5.97 17.27
C ILE C 7 -1.61 -4.56 17.86
N SER C 8 -0.68 -3.68 17.54
CA SER C 8 -0.73 -2.33 18.07
C SER C 8 -0.72 -1.35 16.93
N ALA C 9 -1.65 -0.42 16.95
CA ALA C 9 -1.73 0.55 15.90
C ALA C 9 -2.05 1.90 16.52
N SER C 10 -1.80 2.95 15.75
CA SER C 10 -1.82 4.29 16.26
C SER C 10 -2.38 5.25 15.21
N TYR C 11 -3.40 6.02 15.59
CA TYR C 11 -4.04 6.98 14.71
C TYR C 11 -3.94 8.32 15.43
N PRO C 12 -2.91 9.10 15.13
CA PRO C 12 -2.76 10.34 15.91
C PRO C 12 -3.91 11.33 15.72
N GLY C 13 -4.40 11.86 16.83
CA GLY C 13 -5.54 12.78 16.84
C GLY C 13 -6.88 12.09 16.82
N ALA C 14 -6.90 10.74 16.76
CA ALA C 14 -8.18 10.04 16.71
C ALA C 14 -8.79 9.76 18.09
N ASP C 15 -10.08 9.96 18.17
CA ASP C 15 -10.92 9.50 19.24
C ASP C 15 -11.24 7.99 19.15
N ALA C 16 -11.75 7.48 20.26
CA ALA C 16 -12.01 6.07 20.43
C ALA C 16 -12.85 5.47 19.30
N LYS C 17 -13.98 6.10 18.99
CA LYS C 17 -14.87 5.60 17.97
C LYS C 17 -14.26 5.61 16.56
N THR C 18 -13.60 6.69 16.20
CA THR C 18 -12.88 6.74 14.94
C THR C 18 -11.88 5.57 14.72
N VAL C 19 -11.15 5.24 15.76
CA VAL C 19 -10.14 4.22 15.71
C VAL C 19 -10.77 2.88 15.61
N GLN C 20 -11.78 2.63 16.43
CA GLN C 20 -12.57 1.40 16.31
C GLN C 20 -13.17 1.13 14.94
N ASP C 21 -13.82 2.16 14.37
CA ASP C 21 -14.56 1.97 13.15
C ASP C 21 -13.76 2.10 11.85
N THR C 22 -12.51 2.59 11.92
CA THR C 22 -11.64 2.66 10.77
C THR C 22 -10.45 1.71 10.87
N VAL C 23 -10.13 1.25 12.06
CA VAL C 23 -9.00 0.33 12.23
C VAL C 23 -9.40 -0.97 12.86
N THR C 24 -9.88 -0.89 14.11
CA THR C 24 -10.08 -2.07 14.90
C THR C 24 -11.03 -3.06 14.25
N GLN C 25 -12.20 -2.63 13.80
CA GLN C 25 -13.12 -3.58 13.15
C GLN C 25 -12.54 -4.18 11.85
N VAL C 26 -11.82 -3.34 11.09
CA VAL C 26 -11.28 -3.76 9.80
C VAL C 26 -10.27 -4.87 10.03
N ILE C 27 -9.39 -4.71 11.02
CA ILE C 27 -8.40 -5.71 11.35
C ILE C 27 -9.08 -6.96 11.90
N GLU C 28 -10.04 -6.79 12.82
CA GLU C 28 -10.78 -7.92 13.36
C GLU C 28 -11.45 -8.78 12.29
N GLN C 29 -12.11 -8.13 11.35
CA GLN C 29 -12.73 -8.83 10.20
C GLN C 29 -11.71 -9.57 9.28
N ASN C 30 -10.41 -9.30 9.39
CA ASN C 30 -9.42 -10.04 8.61
C ASN C 30 -8.63 -11.07 9.41
N MET C 31 -9.03 -11.35 10.66
CA MET C 31 -8.39 -12.39 11.50
C MET C 31 -8.94 -13.84 11.36
N ASN C 32 -9.50 -14.14 10.20
CA ASN C 32 -9.81 -15.51 9.80
C ASN C 32 -8.62 -16.32 9.31
N GLY C 33 -8.80 -17.64 9.24
CA GLY C 33 -7.79 -18.53 8.73
C GLY C 33 -6.58 -18.64 9.63
N ILE C 34 -6.69 -18.26 10.89
CA ILE C 34 -5.57 -18.38 11.83
C ILE C 34 -5.78 -19.60 12.74
N ASP C 35 -4.79 -20.50 12.78
CA ASP C 35 -4.86 -21.73 13.61
C ASP C 35 -4.74 -21.50 15.11
N ASN C 36 -5.52 -22.28 15.86
CA ASN C 36 -5.41 -22.46 17.31
C ASN C 36 -5.82 -21.27 18.16
N LEU C 37 -6.78 -20.49 17.66
CA LEU C 37 -7.15 -19.24 18.29
C LEU C 37 -8.22 -19.55 19.29
N MET C 38 -8.03 -19.30 20.58
CA MET C 38 -9.11 -19.49 21.55
C MET C 38 -10.06 -18.26 21.57
N TYR C 39 -9.49 -17.05 21.68
CA TYR C 39 -10.27 -15.84 21.68
C TYR C 39 -9.47 -14.59 21.26
N MET C 40 -10.18 -13.49 21.03
CA MET C 40 -9.62 -12.27 20.53
C MET C 40 -10.22 -11.16 21.37
N SER C 41 -9.44 -10.25 21.92
CA SER C 41 -10.03 -9.04 22.51
C SER C 41 -9.37 -7.75 22.04
N SER C 42 -10.10 -6.64 22.14
CA SER C 42 -9.48 -5.42 21.74
C SER C 42 -9.94 -4.18 22.53
N ASN C 43 -9.10 -3.16 22.53
CA ASN C 43 -9.39 -1.81 23.11
C ASN C 43 -9.07 -0.82 22.06
N SER C 44 -9.90 0.19 21.95
CA SER C 44 -9.68 1.32 21.04
C SER C 44 -9.90 2.53 21.91
N ASP C 45 -8.94 3.47 21.93
CA ASP C 45 -9.03 4.58 22.87
C ASP C 45 -8.84 6.00 22.35
N SER C 46 -9.13 6.95 23.25
CA SER C 46 -9.10 8.39 23.03
C SER C 46 -7.72 8.97 22.70
N THR C 47 -6.66 8.21 22.94
CA THR C 47 -5.35 8.62 22.55
C THR C 47 -5.04 8.12 21.15
N GLY C 48 -5.99 7.48 20.47
CA GLY C 48 -5.76 7.05 19.09
C GLY C 48 -5.10 5.69 18.97
N THR C 49 -5.09 4.93 20.04
CA THR C 49 -4.40 3.65 20.09
C THR C 49 -5.39 2.47 20.03
N VAL C 50 -5.01 1.40 19.36
CA VAL C 50 -5.79 0.18 19.36
C VAL C 50 -4.85 -0.94 19.76
N GLN C 51 -5.28 -1.85 20.64
CA GLN C 51 -4.50 -3.09 20.92
C GLN C 51 -5.41 -4.26 20.66
N ILE C 52 -5.02 -5.20 19.80
CA ILE C 52 -5.84 -6.38 19.58
C ILE C 52 -4.99 -7.56 20.03
N THR C 53 -5.47 -8.24 21.08
CA THR C 53 -4.79 -9.33 21.68
C THR C 53 -5.50 -10.61 21.22
N LEU C 54 -4.75 -11.50 20.57
CA LEU C 54 -5.19 -12.84 20.18
C LEU C 54 -4.51 -13.91 21.08
N THR C 55 -5.32 -14.79 21.66
CA THR C 55 -4.87 -15.74 22.62
C THR C 55 -5.10 -17.13 22.06
N PHE C 56 -4.03 -17.93 22.11
CA PHE C 56 -3.90 -19.21 21.42
C PHE C 56 -3.86 -20.34 22.40
N GLU C 57 -4.26 -21.53 21.92
CA GLU C 57 -4.28 -22.74 22.76
C GLU C 57 -2.89 -23.00 23.32
N SER C 58 -2.83 -23.43 24.58
CA SER C 58 -1.59 -23.90 25.16
C SER C 58 -0.87 -24.89 24.23
N GLY C 59 0.42 -24.67 24.03
CA GLY C 59 1.21 -25.58 23.16
C GLY C 59 1.35 -25.12 21.73
N THR C 60 0.63 -24.04 21.35
CA THR C 60 0.75 -23.44 20.04
C THR C 60 2.15 -22.84 19.90
N ASP C 61 2.81 -23.09 18.79
CA ASP C 61 4.04 -22.41 18.52
C ASP C 61 3.76 -20.89 18.34
N ALA C 62 4.17 -20.11 19.34
CA ALA C 62 4.08 -18.64 19.30
C ALA C 62 4.63 -17.94 18.05
N ASP C 63 5.68 -18.49 17.43
CA ASP C 63 6.26 -17.91 16.19
C ASP C 63 5.36 -18.15 14.98
N ILE C 64 4.70 -19.30 14.95
CA ILE C 64 3.73 -19.63 13.90
C ILE C 64 2.53 -18.71 14.05
N ALA C 65 2.06 -18.59 15.28
CA ALA C 65 0.97 -17.70 15.61
C ALA C 65 1.26 -16.27 15.17
N GLN C 66 2.44 -15.77 15.55
CA GLN C 66 2.82 -14.40 15.26
C GLN C 66 2.75 -14.19 13.74
N VAL C 67 3.31 -15.15 13.01
CA VAL C 67 3.47 -15.04 11.59
C VAL C 67 2.13 -15.11 10.89
N GLN C 68 1.27 -16.04 11.29
CA GLN C 68 -0.04 -16.08 10.69
C GLN C 68 -0.85 -14.83 10.91
N VAL C 69 -0.75 -14.26 12.10
CA VAL C 69 -1.44 -13.01 12.41
C VAL C 69 -0.88 -11.88 11.56
N GLN C 70 0.42 -11.83 11.44
CA GLN C 70 1.12 -10.74 10.78
C GLN C 70 0.75 -10.69 9.32
N ASN C 71 0.67 -11.86 8.71
CA ASN C 71 0.30 -11.93 7.29
C ASN C 71 -1.12 -11.51 6.99
N LYS C 72 -2.06 -11.92 7.85
CA LYS C 72 -3.44 -11.45 7.75
C LYS C 72 -3.50 -9.96 7.99
N LEU C 73 -2.81 -9.47 9.00
CA LEU C 73 -2.76 -8.03 9.19
C LEU C 73 -2.20 -7.32 7.93
N GLN C 74 -1.13 -7.84 7.37
CA GLN C 74 -0.46 -7.13 6.28
C GLN C 74 -1.26 -7.09 5.00
N LEU C 75 -2.05 -8.11 4.75
CA LEU C 75 -2.92 -8.09 3.60
C LEU C 75 -4.11 -7.15 3.76
N ALA C 76 -4.51 -6.88 4.99
CA ALA C 76 -5.55 -5.87 5.29
C ALA C 76 -5.05 -4.40 5.34
N MET C 77 -3.75 -4.19 5.26
CA MET C 77 -3.17 -2.83 5.39
C MET C 77 -3.72 -1.80 4.44
N PRO C 78 -4.00 -2.17 3.20
CA PRO C 78 -4.58 -1.17 2.32
C PRO C 78 -6.03 -0.79 2.67
N LEU C 79 -6.67 -1.58 3.51
CA LEU C 79 -7.98 -1.25 4.04
C LEU C 79 -7.97 -0.22 5.18
N LEU C 80 -6.78 0.14 5.69
CA LEU C 80 -6.65 1.01 6.83
C LEU C 80 -6.34 2.40 6.39
N PRO C 81 -6.59 3.39 7.25
CA PRO C 81 -6.26 4.74 6.83
C PRO C 81 -4.75 4.94 6.68
N GLN C 82 -4.40 5.85 5.79
CA GLN C 82 -3.01 6.24 5.48
C GLN C 82 -2.24 6.58 6.75
N GLU C 83 -2.87 7.40 7.58
CA GLU C 83 -2.27 7.94 8.79
C GLU C 83 -1.92 6.81 9.73
N VAL C 84 -2.71 5.76 9.72
CA VAL C 84 -2.42 4.58 10.51
C VAL C 84 -1.30 3.75 9.90
N GLN C 85 -1.34 3.53 8.58
CA GLN C 85 -0.27 2.82 7.92
C GLN C 85 1.10 3.47 8.14
N GLN C 86 1.17 4.80 8.10
CA GLN C 86 2.42 5.51 8.23
C GLN C 86 2.99 5.50 9.66
N GLN C 87 2.19 5.22 10.68
CA GLN C 87 2.74 5.06 12.05
C GLN C 87 3.34 3.67 12.30
N GLY C 88 3.03 2.69 11.42
CA GLY C 88 3.45 1.30 11.59
C GLY C 88 2.46 0.56 12.50
N VAL C 89 2.03 -0.59 12.04
CA VAL C 89 1.22 -1.44 12.82
C VAL C 89 2.08 -2.63 13.23
N SER C 90 2.44 -2.72 14.51
CA SER C 90 3.29 -3.81 15.03
C SER C 90 2.46 -5.01 15.48
N VAL C 91 3.06 -6.19 15.27
CA VAL C 91 2.55 -7.50 15.70
C VAL C 91 3.63 -8.23 16.52
N GLU C 92 3.42 -8.33 17.82
CA GLU C 92 4.42 -8.89 18.72
C GLU C 92 3.82 -9.93 19.67
N LYS C 93 4.62 -10.96 19.94
CA LYS C 93 4.39 -11.86 21.08
C LYS C 93 4.30 -11.05 22.35
N SER C 94 3.24 -11.24 23.12
CA SER C 94 3.05 -10.42 24.31
C SER C 94 3.05 -11.27 25.58
N SER C 95 4.10 -12.07 25.73
CA SER C 95 4.56 -12.54 27.06
C SER C 95 5.21 -11.34 27.80
N SER C 96 4.42 -10.26 27.93
CA SER C 96 4.95 -8.91 28.15
C SER C 96 5.31 -8.70 29.62
N SER C 97 6.52 -9.18 29.95
CA SER C 97 7.18 -9.02 31.24
C SER C 97 8.67 -8.87 30.94
N PHE C 98 9.25 -7.74 31.32
CA PHE C 98 10.62 -7.40 30.89
C PHE C 98 11.68 -8.28 31.60
N LEU C 99 12.72 -8.68 30.89
CA LEU C 99 13.94 -9.14 31.51
C LEU C 99 14.50 -8.05 32.40
N MET C 100 14.69 -6.83 31.87
CA MET C 100 15.06 -5.62 32.67
C MET C 100 14.68 -4.24 32.07
N VAL C 101 14.37 -3.33 32.98
CA VAL C 101 14.17 -1.93 32.66
C VAL C 101 15.47 -1.12 32.86
N VAL C 102 15.89 -0.41 31.81
CA VAL C 102 17.05 0.43 31.86
C VAL C 102 16.56 1.87 31.87
N GLY C 103 16.89 2.61 32.92
CA GLY C 103 16.54 4.05 33.00
C GLY C 103 17.71 4.90 32.52
N VAL C 104 17.41 6.03 31.89
CA VAL C 104 18.43 6.99 31.50
C VAL C 104 17.98 8.40 31.98
N ILE C 105 18.85 9.08 32.72
CA ILE C 105 18.60 10.43 33.29
C ILE C 105 19.81 11.33 33.02
N ASN C 106 19.66 12.62 33.31
CA ASN C 106 20.79 13.57 33.29
C ASN C 106 20.86 14.26 34.64
N THR C 107 21.97 14.07 35.35
CA THR C 107 22.18 14.57 36.72
C THR C 107 22.42 16.11 36.78
N ASP C 108 22.93 16.69 35.69
CA ASP C 108 23.07 18.14 35.53
C ASP C 108 21.73 18.95 35.42
N GLY C 109 20.56 18.30 35.25
CA GLY C 109 19.30 19.02 34.97
C GLY C 109 19.30 19.87 33.68
N THR C 110 20.15 19.49 32.70
CA THR C 110 20.30 20.20 31.44
C THR C 110 19.49 19.59 30.29
N MET C 111 18.84 18.43 30.49
CA MET C 111 18.14 17.75 29.39
C MET C 111 16.67 17.53 29.71
N THR C 112 15.78 17.80 28.76
CA THR C 112 14.36 17.37 28.85
C THR C 112 14.25 15.85 28.59
N GLN C 113 13.09 15.26 28.91
CA GLN C 113 12.89 13.84 28.58
C GLN C 113 12.97 13.54 27.05
N GLU C 114 12.64 14.52 26.23
CA GLU C 114 12.69 14.40 24.79
C GLU C 114 14.16 14.35 24.29
N ASP C 115 15.01 15.20 24.87
CA ASP C 115 16.43 15.21 24.58
C ASP C 115 17.06 13.88 24.97
N ILE C 116 16.72 13.39 26.14
CA ILE C 116 17.25 12.12 26.62
C ILE C 116 16.72 10.99 25.74
N SER C 117 15.44 11.04 25.40
CA SER C 117 14.85 9.95 24.63
C SER C 117 15.52 9.87 23.24
N ASP C 118 15.73 11.04 22.61
CA ASP C 118 16.48 11.09 21.36
C ASP C 118 17.89 10.51 21.48
N TYR C 119 18.60 10.86 22.56
CA TYR C 119 19.92 10.26 22.72
C TYR C 119 19.80 8.74 22.88
N VAL C 120 18.77 8.25 23.56
CA VAL C 120 18.58 6.80 23.68
C VAL C 120 18.24 6.12 22.32
N ALA C 121 17.32 6.71 21.54
CA ALA C 121 17.00 6.20 20.20
C ALA C 121 18.22 6.01 19.29
N ALA C 122 19.14 6.97 19.25
CA ALA C 122 20.15 7.03 18.21
C ALA C 122 21.53 6.59 18.67
N ASN C 123 21.71 6.35 19.95
CA ASN C 123 23.02 5.90 20.42
C ASN C 123 23.00 4.63 21.25
N MET C 124 21.84 4.23 21.80
CA MET C 124 21.83 3.14 22.76
C MET C 124 21.06 1.96 22.25
N LYS C 125 19.86 2.23 21.72
CA LYS C 125 18.85 1.20 21.48
C LYS C 125 19.36 0.11 20.58
N ASP C 126 19.95 0.51 19.46
CA ASP C 126 20.34 -0.44 18.41
C ASP C 126 21.48 -1.40 18.88
N ALA C 127 22.54 -0.87 19.53
CA ALA C 127 23.62 -1.71 20.16
C ALA C 127 23.11 -2.68 21.28
N ILE C 128 22.06 -2.24 22.00
CA ILE C 128 21.36 -3.06 22.97
C ILE C 128 20.51 -4.18 22.29
N SER C 129 19.74 -3.85 21.23
CA SER C 129 18.92 -4.89 20.57
C SER C 129 19.75 -5.94 19.69
N ARG C 130 21.04 -5.64 19.46
CA ARG C 130 22.08 -6.56 18.91
C ARG C 130 22.88 -7.35 19.95
N THR C 131 22.75 -7.02 21.23
CA THR C 131 23.45 -7.76 22.30
C THR C 131 22.90 -9.19 22.34
N SER C 132 23.74 -10.17 22.75
CA SER C 132 23.36 -11.60 22.65
C SER C 132 22.27 -12.02 23.69
N GLY C 133 21.21 -12.67 23.19
CA GLY C 133 20.03 -13.06 23.97
C GLY C 133 18.92 -12.00 24.12
N VAL C 134 19.11 -10.80 23.55
CA VAL C 134 18.07 -9.76 23.54
C VAL C 134 17.03 -10.03 22.40
N GLY C 135 15.74 -9.95 22.73
CA GLY C 135 14.66 -9.98 21.74
C GLY C 135 14.16 -8.58 21.42
N ASP C 136 12.86 -8.33 21.69
CA ASP C 136 12.23 -7.00 21.55
C ASP C 136 12.79 -6.00 22.57
N VAL C 137 12.79 -4.71 22.21
CA VAL C 137 13.24 -3.59 23.06
C VAL C 137 12.23 -2.46 22.87
N GLN C 138 11.58 -2.00 23.94
CA GLN C 138 10.72 -0.83 23.81
C GLN C 138 11.46 0.43 24.31
N LEU C 139 11.52 1.48 23.48
CA LEU C 139 11.97 2.86 23.89
C LEU C 139 10.92 3.67 24.75
N PHE C 140 11.35 4.28 25.88
CA PHE C 140 10.47 5.14 26.73
C PHE C 140 10.47 6.63 26.33
N GLY C 141 9.80 6.86 25.18
CA GLY C 141 9.63 8.15 24.53
C GLY C 141 9.93 7.90 23.07
N SER C 142 10.46 8.88 22.35
CA SER C 142 10.75 8.65 20.93
C SER C 142 12.01 9.38 20.55
N GLN C 143 12.48 9.10 19.34
CA GLN C 143 13.47 9.96 18.73
C GLN C 143 12.81 11.33 18.45
N TYR C 144 13.62 12.34 18.21
CA TYR C 144 13.05 13.65 17.99
C TYR C 144 12.20 13.60 16.71
N ALA C 145 11.16 14.42 16.67
CA ALA C 145 10.52 14.90 15.46
C ALA C 145 10.81 16.35 15.33
N MET C 146 10.80 16.84 14.09
CA MET C 146 10.82 18.28 13.85
C MET C 146 9.42 18.78 14.10
N ARG C 147 9.25 19.69 15.05
CA ARG C 147 7.92 20.22 15.41
C ARG C 147 7.76 21.60 14.82
N ILE C 148 6.62 21.78 14.16
CA ILE C 148 6.17 23.00 13.63
C ILE C 148 4.92 23.32 14.45
N TRP C 149 5.00 24.41 15.22
CA TRP C 149 3.93 24.80 16.12
C TRP C 149 3.30 26.04 15.55
N MET C 150 2.13 25.87 14.93
CA MET C 150 1.50 26.91 14.14
C MET C 150 0.76 27.92 14.98
N ASN C 151 0.70 29.15 14.48
CA ASN C 151 -0.04 30.27 15.08
C ASN C 151 -1.17 30.69 14.18
N PRO C 152 -2.41 30.59 14.65
CA PRO C 152 -3.55 30.89 13.79
C PRO C 152 -3.68 32.36 13.44
N ASN C 153 -3.21 33.23 14.33
CA ASN C 153 -3.32 34.66 14.09
C ASN C 153 -2.35 35.05 12.98
N GLU C 154 -1.09 34.62 13.09
CA GLU C 154 -0.10 34.93 12.03
C GLU C 154 -0.55 34.29 10.71
N LEU C 155 -1.09 33.06 10.75
CA LEU C 155 -1.60 32.41 9.54
C LEU C 155 -2.73 33.16 8.80
N ASN C 156 -3.69 33.64 9.57
CA ASN C 156 -4.81 34.42 9.02
C ASN C 156 -4.33 35.80 8.55
N LYS C 157 -3.40 36.40 9.28
CA LYS C 157 -2.81 37.69 8.86
C LYS C 157 -2.35 37.62 7.39
N PHE C 158 -1.76 36.50 7.00
CA PHE C 158 -1.22 36.31 5.64
C PHE C 158 -2.11 35.47 4.74
N GLN C 159 -3.34 35.25 5.18
CA GLN C 159 -4.34 34.54 4.41
C GLN C 159 -3.93 33.12 4.05
N LEU C 160 -3.25 32.45 5.00
CA LEU C 160 -2.79 31.08 4.85
C LEU C 160 -3.52 30.18 5.85
N THR C 161 -3.43 28.86 5.62
CA THR C 161 -4.02 27.85 6.49
C THR C 161 -3.03 26.75 6.77
N PRO C 162 -3.34 25.84 7.66
CA PRO C 162 -2.48 24.69 7.84
C PRO C 162 -2.30 23.84 6.60
N VAL C 163 -3.28 23.84 5.72
CA VAL C 163 -3.14 23.16 4.43
C VAL C 163 -1.97 23.71 3.60
N ASP C 164 -1.85 25.02 3.54
CA ASP C 164 -0.73 25.65 2.85
C ASP C 164 0.61 25.28 3.51
N VAL C 165 0.64 25.23 4.86
CA VAL C 165 1.86 24.84 5.58
C VAL C 165 2.28 23.41 5.22
N ILE C 166 1.31 22.52 5.14
CA ILE C 166 1.59 21.13 4.76
C ILE C 166 2.08 21.03 3.30
N THR C 167 1.38 21.71 2.41
CA THR C 167 1.74 21.71 0.99
C THR C 167 3.17 22.24 0.80
N ALA C 168 3.47 23.39 1.40
CA ALA C 168 4.82 23.95 1.43
C ALA C 168 5.89 23.05 2.03
N ILE C 169 5.63 22.43 3.17
CA ILE C 169 6.64 21.49 3.72
C ILE C 169 6.82 20.30 2.78
N LYS C 170 5.77 19.81 2.11
CA LYS C 170 6.01 18.62 1.24
C LYS C 170 6.85 18.98 0.01
N ALA C 171 6.71 20.22 -0.43
CA ALA C 171 7.34 20.74 -1.61
C ALA C 171 8.79 21.16 -1.36
N GLN C 172 9.07 21.71 -0.17
CA GLN C 172 10.38 22.23 0.13
C GLN C 172 11.22 21.44 1.13
N ASN C 173 10.64 20.44 1.80
CA ASN C 173 11.40 19.39 2.46
C ASN C 173 11.23 18.09 1.66
N ALA C 174 12.03 17.97 0.61
CA ALA C 174 11.90 16.87 -0.35
C ALA C 174 13.21 16.39 -0.93
N GLN C 175 13.16 15.20 -1.48
CA GLN C 175 14.31 14.52 -1.94
C GLN C 175 13.88 13.75 -3.15
N VAL C 176 14.27 14.27 -4.30
CA VAL C 176 13.71 13.87 -5.59
C VAL C 176 14.74 13.09 -6.37
N ALA C 177 14.31 12.06 -7.08
CA ALA C 177 15.11 11.45 -8.11
C ALA C 177 15.22 12.44 -9.27
N ALA C 178 16.42 12.80 -9.65
CA ALA C 178 16.65 13.78 -10.73
C ALA C 178 17.46 13.27 -11.93
N GLY C 179 17.89 12.01 -11.89
CA GLY C 179 18.56 11.41 -13.04
C GLY C 179 20.00 11.83 -13.21
N GLN C 180 20.51 11.76 -14.45
CA GLN C 180 21.92 12.00 -14.73
C GLN C 180 22.17 12.77 -16.02
N LEU C 181 23.27 13.53 -16.04
CA LEU C 181 23.96 13.94 -17.24
C LEU C 181 24.70 12.76 -17.77
N GLY C 182 24.50 12.52 -19.06
CA GLY C 182 25.22 11.49 -19.81
C GLY C 182 24.91 10.09 -19.37
N GLY C 183 23.69 9.88 -18.86
CA GLY C 183 23.26 8.56 -18.46
C GLY C 183 22.93 7.63 -19.63
N THR C 184 22.84 6.35 -19.37
CA THR C 184 22.50 5.43 -20.41
C THR C 184 20.99 5.48 -20.81
N PRO C 185 20.68 5.22 -22.08
CA PRO C 185 21.66 5.05 -23.14
C PRO C 185 22.19 6.43 -23.62
N PRO C 186 23.47 6.51 -23.95
CA PRO C 186 24.05 7.82 -24.18
C PRO C 186 24.13 8.15 -25.66
N VAL C 187 24.46 9.41 -26.03
CA VAL C 187 25.12 9.56 -27.33
C VAL C 187 26.47 8.88 -27.28
N LYS C 188 26.76 8.04 -28.27
CA LYS C 188 27.99 7.27 -28.24
C LYS C 188 29.17 8.25 -28.30
N GLY C 189 30.22 8.01 -27.49
CA GLY C 189 31.38 8.90 -27.36
C GLY C 189 31.29 9.91 -26.20
N GLN C 190 30.22 9.81 -25.43
CA GLN C 190 29.96 10.69 -24.27
C GLN C 190 31.04 10.45 -23.24
N GLN C 191 31.62 11.53 -22.74
CA GLN C 191 32.66 11.42 -21.70
C GLN C 191 32.10 11.79 -20.32
N LEU C 192 31.29 12.83 -20.26
CA LEU C 192 30.72 13.29 -19.00
C LEU C 192 29.59 12.37 -18.53
N ASN C 193 29.71 11.86 -17.30
CA ASN C 193 28.57 11.24 -16.60
C ASN C 193 28.49 11.69 -15.14
N ALA C 194 27.36 12.26 -14.74
CA ALA C 194 27.20 12.83 -13.40
C ALA C 194 25.78 12.72 -12.95
N SER C 195 25.58 12.33 -11.68
CA SER C 195 24.27 12.37 -11.08
C SER C 195 23.83 13.81 -11.03
N ILE C 196 22.56 14.07 -11.27
CA ILE C 196 21.97 15.36 -10.96
C ILE C 196 21.42 15.32 -9.53
N ILE C 197 21.80 16.31 -8.72
CA ILE C 197 21.37 16.40 -7.35
C ILE C 197 20.52 17.64 -7.24
N ALA C 198 19.23 17.46 -6.95
CA ALA C 198 18.30 18.57 -6.81
C ALA C 198 17.97 18.79 -5.30
N GLN C 199 16.75 19.02 -4.92
CA GLN C 199 16.44 19.21 -3.49
C GLN C 199 16.83 17.98 -2.64
N THR C 200 17.36 18.24 -1.46
CA THR C 200 17.58 17.24 -0.41
C THR C 200 16.73 17.62 0.80
N ARG C 201 16.43 16.62 1.61
CA ARG C 201 15.81 16.82 2.90
C ARG C 201 16.44 17.91 3.72
N LEU C 202 15.60 18.61 4.48
CA LEU C 202 16.10 19.63 5.38
C LEU C 202 16.63 18.94 6.59
N THR C 203 17.58 19.59 7.27
CA THR C 203 18.34 19.02 8.37
C THR C 203 18.26 19.76 9.73
N SER C 204 17.52 20.85 9.80
CA SER C 204 17.59 21.75 10.96
C SER C 204 16.37 22.67 11.05
N THR C 205 16.12 23.15 12.25
CA THR C 205 15.04 24.15 12.47
C THR C 205 15.22 25.40 11.63
N GLU C 206 16.45 25.88 11.54
CA GLU C 206 16.79 27.02 10.69
C GLU C 206 16.27 26.80 9.26
N GLU C 207 16.53 25.63 8.69
CA GLU C 207 16.11 25.38 7.29
C GLU C 207 14.58 25.32 7.19
N PHE C 208 13.93 24.70 8.17
CA PHE C 208 12.46 24.72 8.16
C PHE C 208 11.93 26.14 8.27
N GLY C 209 12.55 26.97 9.09
CA GLY C 209 12.13 28.35 9.27
C GLY C 209 12.17 29.19 8.03
N LYS C 210 13.03 28.87 7.07
CA LYS C 210 13.08 29.65 5.84
C LYS C 210 12.25 29.05 4.67
N ILE C 211 11.46 28.00 4.93
CA ILE C 211 10.50 27.54 3.92
C ILE C 211 9.65 28.74 3.52
N LEU C 212 9.53 28.95 2.22
CA LEU C 212 8.80 30.08 1.65
C LEU C 212 7.36 29.70 1.45
N LEU C 213 6.46 30.30 2.22
CA LEU C 213 5.04 30.03 2.10
C LEU C 213 4.41 30.80 0.96
N LYS C 214 4.81 32.05 0.74
CA LYS C 214 4.04 32.94 -0.12
C LYS C 214 4.85 34.20 -0.36
N VAL C 215 4.82 34.70 -1.58
CA VAL C 215 5.36 36.05 -1.86
C VAL C 215 4.18 37.03 -1.94
N ASN C 216 4.14 38.03 -1.02
CA ASN C 216 3.07 39.05 -0.98
C ASN C 216 3.07 39.98 -2.22
N GLN C 217 1.95 40.63 -2.51
CA GLN C 217 1.88 41.47 -3.73
C GLN C 217 2.91 42.66 -3.79
N ASP C 218 3.30 43.24 -2.64
CA ASP C 218 4.43 44.23 -2.52
C ASP C 218 5.88 43.66 -2.41
N GLY C 219 6.07 42.35 -2.66
CA GLY C 219 7.41 41.73 -2.65
C GLY C 219 7.98 41.33 -1.30
N SER C 220 7.22 41.47 -0.22
CA SER C 220 7.63 40.90 1.06
C SER C 220 7.37 39.35 1.04
N ARG C 221 8.25 38.62 1.74
CA ARG C 221 8.21 37.15 1.85
C ARG C 221 7.63 36.73 3.21
N VAL C 222 6.69 35.79 3.17
CA VAL C 222 6.23 35.07 4.37
C VAL C 222 6.93 33.74 4.44
N LEU C 223 7.70 33.55 5.49
CA LEU C 223 8.44 32.33 5.73
C LEU C 223 7.77 31.50 6.84
N LEU C 224 8.00 30.19 6.88
CA LEU C 224 7.36 29.35 7.88
C LEU C 224 7.57 29.87 9.31
N ARG C 225 8.77 30.39 9.63
CA ARG C 225 9.03 30.91 10.97
C ARG C 225 8.17 32.14 11.29
N ASP C 226 7.56 32.80 10.29
CA ASP C 226 6.63 33.90 10.52
C ASP C 226 5.21 33.45 10.94
N VAL C 227 4.90 32.19 10.76
CA VAL C 227 3.62 31.66 11.21
C VAL C 227 3.76 30.51 12.21
N ALA C 228 4.98 30.19 12.67
CA ALA C 228 5.14 29.01 13.52
C ALA C 228 6.37 29.09 14.31
N LYS C 229 6.38 28.44 15.47
CA LYS C 229 7.61 28.22 16.20
C LYS C 229 8.16 26.85 15.82
N ILE C 230 9.47 26.74 15.80
CA ILE C 230 10.14 25.57 15.24
C ILE C 230 11.15 24.99 16.19
N GLU C 231 10.96 23.72 16.55
CA GLU C 231 11.85 23.08 17.49
C GLU C 231 11.95 21.56 17.30
N LEU C 232 13.10 21.01 17.64
CA LEU C 232 13.20 19.58 17.79
C LEU C 232 12.40 19.25 19.04
N GLY C 233 11.51 18.27 18.95
CA GLY C 233 10.70 17.83 20.08
C GLY C 233 10.37 16.35 19.97
N GLY C 234 9.35 15.91 20.68
CA GLY C 234 8.92 14.53 20.62
C GLY C 234 7.92 14.26 19.51
N GLU C 235 7.83 13.01 19.10
CA GLU C 235 6.82 12.56 18.20
C GLU C 235 5.46 12.68 18.88
N ASN C 236 5.40 12.38 20.17
CA ASN C 236 4.26 12.83 20.95
C ASN C 236 4.53 13.03 22.45
N TYR C 237 3.52 13.56 23.13
CA TYR C 237 3.69 14.16 24.41
C TYR C 237 2.71 13.54 25.40
N ASP C 238 2.23 12.35 25.13
CA ASP C 238 1.23 11.72 26.01
C ASP C 238 1.78 11.17 27.31
N ILE C 239 3.08 10.83 27.32
CA ILE C 239 3.72 10.16 28.45
C ILE C 239 4.72 11.15 29.05
N ILE C 240 4.71 11.33 30.37
CA ILE C 240 5.83 12.02 31.08
C ILE C 240 6.47 11.06 32.05
N ALA C 241 7.79 10.88 31.94
CA ALA C 241 8.55 9.93 32.74
C ALA C 241 9.55 10.67 33.61
N GLU C 242 9.48 10.42 34.94
CA GLU C 242 10.48 10.90 35.90
C GLU C 242 11.13 9.75 36.73
N PHE C 243 12.38 9.98 37.09
CA PHE C 243 13.15 9.11 37.98
C PHE C 243 13.56 9.98 39.16
N ASN C 244 12.97 9.72 40.33
CA ASN C 244 13.17 10.57 41.52
C ASN C 244 13.02 12.04 41.21
N GLY C 245 11.94 12.34 40.51
CA GLY C 245 11.63 13.73 40.18
C GLY C 245 12.36 14.32 38.98
N GLN C 246 13.41 13.66 38.46
CA GLN C 246 14.17 14.11 37.29
C GLN C 246 13.68 13.49 35.97
N PRO C 247 13.81 14.25 34.88
CA PRO C 247 13.37 13.75 33.55
C PRO C 247 14.07 12.47 33.20
N ALA C 248 13.36 11.55 32.61
CA ALA C 248 13.99 10.32 32.21
C ALA C 248 13.50 9.80 30.88
N SER C 249 14.26 8.88 30.32
CA SER C 249 13.79 7.92 29.32
C SER C 249 14.36 6.53 29.69
N GLY C 250 14.46 5.62 28.73
CA GLY C 250 15.01 4.32 28.99
C GLY C 250 14.60 3.30 27.97
N LEU C 251 14.80 2.05 28.33
CA LEU C 251 14.56 0.92 27.47
C LEU C 251 13.94 -0.21 28.28
N GLY C 252 12.83 -0.74 27.78
CA GLY C 252 12.20 -1.98 28.31
C GLY C 252 12.72 -3.13 27.49
N ILE C 253 13.59 -3.95 28.06
CA ILE C 253 14.30 -4.98 27.27
C ILE C 253 13.72 -6.38 27.51
N LYS C 254 13.36 -7.11 26.43
CA LYS C 254 12.80 -8.50 26.48
C LYS C 254 13.78 -9.63 26.04
N LEU C 255 13.68 -10.78 26.70
CA LEU C 255 14.54 -11.94 26.43
C LEU C 255 14.03 -12.69 25.18
N ALA C 256 14.96 -13.01 24.27
CA ALA C 256 14.67 -13.82 23.05
C ALA C 256 14.37 -15.27 23.43
N THR C 257 13.44 -15.94 22.73
CA THR C 257 12.89 -17.24 23.17
C THR C 257 14.01 -18.26 23.45
N GLY C 258 13.99 -18.85 24.65
CA GLY C 258 14.96 -19.86 25.05
C GLY C 258 16.44 -19.45 25.08
N ALA C 259 16.74 -18.15 25.19
CA ALA C 259 18.10 -17.65 25.51
C ALA C 259 18.22 -17.47 27.03
N ASN C 260 19.44 -17.43 27.56
CA ASN C 260 19.68 -17.46 29.01
C ASN C 260 19.49 -16.10 29.73
N ALA C 261 18.71 -16.11 30.81
CA ALA C 261 18.30 -14.89 31.50
C ALA C 261 19.45 -14.15 32.23
N LEU C 262 20.31 -14.92 32.92
CA LEU C 262 21.43 -14.35 33.70
C LEU C 262 22.63 -13.93 32.82
N ASP C 263 22.83 -14.66 31.71
CA ASP C 263 23.90 -14.38 30.74
C ASP C 263 23.55 -13.17 29.87
N THR C 264 22.26 -13.03 29.56
CA THR C 264 21.77 -11.90 28.74
C THR C 264 21.84 -10.56 29.50
N ALA C 265 21.36 -10.56 30.74
CA ALA C 265 21.50 -9.44 31.70
C ALA C 265 22.93 -8.91 31.94
N ALA C 266 23.92 -9.82 32.00
CA ALA C 266 25.34 -9.43 32.19
C ALA C 266 25.98 -9.00 30.86
N ALA C 267 25.57 -9.62 29.74
CA ALA C 267 25.89 -9.09 28.41
C ALA C 267 25.35 -7.64 28.17
N ILE C 268 24.13 -7.35 28.65
CA ILE C 268 23.56 -5.98 28.58
C ILE C 268 24.31 -4.96 29.47
N ARG C 269 24.61 -5.35 30.72
CA ARG C 269 25.40 -4.51 31.64
C ARG C 269 26.78 -4.14 31.06
N ALA C 270 27.42 -5.13 30.43
CA ALA C 270 28.70 -4.97 29.71
C ALA C 270 28.58 -4.10 28.45
N GLU C 271 27.45 -4.18 27.74
CA GLU C 271 27.21 -3.29 26.60
C GLU C 271 26.99 -1.87 27.08
N LEU C 272 26.21 -1.73 28.14
CA LEU C 272 25.96 -0.42 28.79
C LEU C 272 27.27 0.18 29.39
N ALA C 273 28.12 -0.66 30.00
CA ALA C 273 29.48 -0.23 30.41
C ALA C 273 30.32 0.37 29.27
N LYS C 274 30.22 -0.21 28.08
CA LYS C 274 30.95 0.26 26.88
C LYS C 274 30.52 1.66 26.38
N MET C 275 29.25 2.00 26.58
CA MET C 275 28.70 3.29 26.16
C MET C 275 28.97 4.41 27.18
N GLU C 276 29.19 4.05 28.45
CA GLU C 276 29.31 5.04 29.58
C GLU C 276 30.44 6.07 29.48
N PRO C 277 31.64 5.66 29.01
CA PRO C 277 32.62 6.68 28.60
C PRO C 277 32.21 7.66 27.45
N PHE C 278 31.39 7.21 26.49
CA PHE C 278 30.92 8.07 25.36
C PHE C 278 29.71 8.98 25.66
N PHE C 279 29.07 8.85 26.83
CA PHE C 279 27.93 9.71 27.15
C PHE C 279 28.34 11.19 27.24
N PRO C 280 27.44 12.10 26.83
CA PRO C 280 27.68 13.48 27.24
C PRO C 280 27.55 13.64 28.74
N SER C 281 28.04 14.76 29.21
CA SER C 281 28.10 15.06 30.63
C SER C 281 26.73 14.94 31.27
N GLY C 282 26.70 14.32 32.44
CA GLY C 282 25.48 14.20 33.25
C GLY C 282 24.63 12.97 33.02
N LEU C 283 24.80 12.27 31.91
CA LEU C 283 23.88 11.20 31.51
C LEU C 283 24.20 9.99 32.34
N LYS C 284 23.19 9.37 32.95
CA LYS C 284 23.45 8.20 33.79
C LYS C 284 22.44 7.09 33.57
N ILE C 285 22.94 5.86 33.70
CA ILE C 285 22.09 4.70 33.73
C ILE C 285 21.63 4.43 35.14
N VAL C 286 20.35 4.10 35.27
CA VAL C 286 19.75 3.62 36.54
C VAL C 286 18.86 2.41 36.24
N TYR C 287 18.49 1.61 37.24
CA TYR C 287 17.70 0.39 37.01
C TYR C 287 16.47 0.44 37.93
N PRO C 288 15.35 0.99 37.41
CA PRO C 288 14.18 1.32 38.25
C PRO C 288 13.14 0.25 38.57
N TYR C 289 13.27 -0.96 38.03
CA TYR C 289 12.32 -2.05 38.40
C TYR C 289 12.99 -3.39 38.12
N ASP C 290 14.07 -3.60 38.87
CA ASP C 290 14.88 -4.80 38.86
C ASP C 290 14.12 -5.89 39.69
N THR C 291 13.32 -6.71 38.99
CA THR C 291 12.37 -7.67 39.62
C THR C 291 13.05 -8.88 40.32
N GLN C 309 10.36 -9.85 48.37
CA GLN C 309 10.65 -9.23 47.07
C GLN C 309 11.22 -7.81 47.27
N GLY C 310 11.71 -7.18 46.18
CA GLY C 310 12.40 -5.88 46.24
C GLY C 310 11.73 -4.63 45.62
N VAL C 311 10.45 -4.74 45.22
CA VAL C 311 9.80 -3.73 44.38
C VAL C 311 8.28 -3.74 44.56
N PHE C 312 7.60 -2.72 44.05
CA PHE C 312 6.13 -2.67 44.02
C PHE C 312 5.69 -1.46 43.21
N MET C 313 4.36 -1.28 43.09
CA MET C 313 3.77 -0.24 42.27
C MET C 313 2.75 0.59 43.02
N THR C 314 2.51 1.80 42.53
CA THR C 314 1.43 2.64 43.03
C THR C 314 0.64 3.14 41.87
N MET C 315 -0.62 2.76 41.77
CA MET C 315 -1.45 3.21 40.68
C MET C 315 -2.03 4.58 41.05
N VAL C 316 -2.36 5.35 40.02
CA VAL C 316 -2.87 6.70 40.18
C VAL C 316 -4.00 6.89 39.15
N GLN C 317 -5.21 7.14 39.61
CA GLN C 317 -6.33 7.40 38.74
C GLN C 317 -7.02 8.68 39.20
N LEU C 318 -7.09 9.62 38.30
CA LEU C 318 -7.85 10.83 38.53
C LEU C 318 -9.19 10.64 37.85
N PRO C 319 -10.17 11.51 38.17
CA PRO C 319 -11.46 11.32 37.51
C PRO C 319 -11.52 11.81 35.99
N ALA C 320 -12.63 11.41 35.35
CA ALA C 320 -12.94 11.72 33.97
C ALA C 320 -12.63 13.21 33.65
N GLY C 321 -11.84 13.45 32.60
CA GLY C 321 -11.51 14.81 32.19
C GLY C 321 -10.33 15.45 32.89
N ALA C 322 -9.74 14.77 33.85
CA ALA C 322 -8.56 15.28 34.54
C ALA C 322 -7.35 15.31 33.61
N THR C 323 -6.49 16.30 33.86
CA THR C 323 -5.42 16.63 32.96
C THR C 323 -4.11 16.05 33.38
N GLN C 324 -3.21 16.02 32.41
CA GLN C 324 -1.87 15.56 32.58
C GLN C 324 -1.23 16.30 33.75
N GLU C 325 -1.38 17.62 33.83
CA GLU C 325 -0.74 18.39 34.92
C GLU C 325 -1.25 17.98 36.30
N ARG C 326 -2.52 17.60 36.42
CA ARG C 326 -3.10 17.20 37.73
C ARG C 326 -2.67 15.83 38.16
N THR C 327 -2.57 14.95 37.21
CA THR C 327 -2.03 13.64 37.47
C THR C 327 -0.58 13.72 37.89
N GLN C 328 0.16 14.64 37.30
CA GLN C 328 1.58 14.86 37.62
C GLN C 328 1.80 15.36 39.06
N LYS C 329 0.91 16.24 39.50
CA LYS C 329 0.95 16.82 40.85
C LYS C 329 0.79 15.68 41.87
N VAL C 330 -0.07 14.72 41.53
CA VAL C 330 -0.29 13.55 42.38
C VAL C 330 0.91 12.58 42.34
N LEU C 331 1.42 12.31 41.17
CA LEU C 331 2.62 11.49 41.07
C LEU C 331 3.79 12.07 41.84
N ASN C 332 3.88 13.40 41.88
CA ASN C 332 4.97 14.09 42.61
C ASN C 332 4.82 13.95 44.13
N GLU C 333 3.60 14.11 44.65
CA GLU C 333 3.29 13.83 46.06
C GLU C 333 3.68 12.41 46.46
N VAL C 334 3.29 11.45 45.63
CA VAL C 334 3.68 10.05 45.76
C VAL C 334 5.21 9.85 45.75
N THR C 335 5.90 10.40 44.77
CA THR C 335 7.36 10.33 44.73
C THR C 335 7.95 10.89 46.05
N HIS C 336 7.44 12.05 46.46
CA HIS C 336 7.95 12.83 47.58
C HIS C 336 7.82 12.07 48.88
N TYR C 337 6.60 11.54 49.11
CA TYR C 337 6.31 10.61 50.20
C TYR C 337 7.32 9.44 50.29
N TYR C 338 7.57 8.73 49.18
CA TYR C 338 8.49 7.58 49.25
C TYR C 338 9.91 8.06 49.56
N LEU C 339 10.28 9.24 49.08
CA LEU C 339 11.65 9.71 49.26
C LEU C 339 11.87 10.46 50.58
N THR C 340 10.81 10.68 51.35
CA THR C 340 10.87 11.30 52.68
C THR C 340 10.46 10.30 53.75
N LYS C 341 9.15 9.99 53.87
CA LYS C 341 8.59 8.96 54.80
C LYS C 341 9.08 7.49 54.63
N GLU C 342 9.65 7.16 53.47
CA GLU C 342 10.31 5.85 53.31
C GLU C 342 11.75 6.00 52.78
N LYS C 343 12.43 7.11 53.08
CA LYS C 343 13.85 7.28 52.72
C LYS C 343 14.81 6.21 53.23
N ASN C 344 14.44 5.52 54.30
CA ASN C 344 15.23 4.38 54.77
C ASN C 344 14.95 3.11 53.97
N ASN C 345 13.79 3.00 53.35
CA ASN C 345 13.46 1.79 52.60
C ASN C 345 13.59 1.88 51.06
N VAL C 346 13.27 3.05 50.50
CA VAL C 346 13.13 3.24 49.06
C VAL C 346 14.45 3.72 48.46
N GLU C 347 14.85 3.16 47.32
CA GLU C 347 15.98 3.66 46.52
C GLU C 347 15.45 4.60 45.42
N SER C 348 14.39 4.21 44.71
CA SER C 348 13.84 5.04 43.66
C SER C 348 12.34 4.88 43.42
N VAL C 349 11.79 5.95 42.84
CA VAL C 349 10.44 6.03 42.30
C VAL C 349 10.53 6.50 40.82
N PHE C 350 10.04 5.63 39.92
CA PHE C 350 10.00 5.85 38.46
C PHE C 350 8.51 6.09 38.05
N ALA C 351 8.20 7.37 37.76
CA ALA C 351 6.82 7.83 37.66
C ALA C 351 6.47 8.03 36.20
N VAL C 352 5.40 7.40 35.75
CA VAL C 352 5.03 7.39 34.35
C VAL C 352 3.64 7.97 34.28
N ASN C 353 3.55 9.19 33.78
CA ASN C 353 2.29 9.92 33.65
C ASN C 353 1.68 9.64 32.29
N GLY C 354 0.47 9.10 32.27
CA GLY C 354 -0.24 8.78 31.00
C GLY C 354 -0.35 7.28 30.62
N PHE C 355 0.31 6.41 31.39
CA PHE C 355 0.19 4.94 31.28
C PHE C 355 -0.35 4.44 32.62
N GLY C 356 -1.08 3.32 32.60
CA GLY C 356 -1.59 2.70 33.82
C GLY C 356 -2.33 1.38 33.67
N PHE C 357 -2.83 0.88 34.80
CA PHE C 357 -3.90 -0.12 34.80
C PHE C 357 -5.11 0.72 34.36
N ALA C 358 -5.85 0.24 33.35
CA ALA C 358 -6.89 1.04 32.65
C ALA C 358 -6.42 1.77 31.36
N GLY C 359 -5.24 1.42 30.86
CA GLY C 359 -4.73 1.98 29.61
C GLY C 359 -4.16 3.39 29.67
N ARG C 360 -4.43 4.17 28.65
CA ARG C 360 -3.75 5.42 28.40
C ARG C 360 -4.63 6.62 28.71
N GLY C 361 -3.98 7.78 28.75
CA GLY C 361 -4.73 9.03 28.88
C GLY C 361 -4.16 9.90 29.95
N GLN C 362 -4.56 11.17 29.88
CA GLN C 362 -4.05 12.23 30.74
C GLN C 362 -4.37 12.08 32.23
N ASN C 363 -5.37 11.24 32.56
CA ASN C 363 -5.82 11.08 33.95
C ASN C 363 -5.36 9.77 34.64
N THR C 364 -4.46 9.00 34.03
CA THR C 364 -3.80 7.83 34.65
C THR C 364 -2.29 7.95 34.76
N GLY C 365 -1.77 7.20 35.72
CA GLY C 365 -0.36 7.13 36.02
C GLY C 365 0.00 5.97 36.92
N ILE C 366 1.28 5.63 36.90
CA ILE C 366 1.74 4.54 37.69
C ILE C 366 3.17 4.83 38.12
N ALA C 367 3.44 4.58 39.40
CA ALA C 367 4.74 4.75 40.02
C ALA C 367 5.32 3.38 40.34
N PHE C 368 6.48 3.09 39.76
CA PHE C 368 7.27 1.89 40.01
C PHE C 368 8.29 2.20 41.08
N VAL C 369 8.18 1.52 42.22
CA VAL C 369 9.04 1.80 43.38
C VAL C 369 10.07 0.68 43.51
N SER C 370 11.33 1.05 43.67
CA SER C 370 12.38 0.10 43.94
C SER C 370 12.94 0.32 45.34
N LEU C 371 13.14 -0.78 46.07
CA LEU C 371 13.62 -0.78 47.46
C LEU C 371 15.08 -1.14 47.55
N LYS C 372 15.70 -0.69 48.62
CA LYS C 372 17.02 -1.17 49.03
C LYS C 372 16.99 -2.67 49.23
N ASP C 373 18.18 -3.28 49.20
CA ASP C 373 18.34 -4.75 49.36
C ASP C 373 17.56 -5.27 50.56
N TRP C 374 16.81 -6.35 50.36
CA TRP C 374 16.07 -7.04 51.43
C TRP C 374 16.94 -7.10 52.73
N ALA C 375 18.16 -7.62 52.61
CA ALA C 375 19.08 -7.77 53.76
C ALA C 375 19.17 -6.49 54.61
N ASP C 376 19.17 -5.32 53.98
CA ASP C 376 19.37 -4.04 54.68
C ASP C 376 18.11 -3.29 55.12
N ARG C 377 16.96 -3.97 55.13
CA ARG C 377 15.71 -3.43 55.68
C ARG C 377 15.19 -4.37 56.77
N PRO C 378 15.94 -4.51 57.88
CA PRO C 378 15.53 -5.46 58.93
C PRO C 378 14.21 -5.09 59.60
N GLY C 379 13.36 -6.11 59.84
CA GLY C 379 12.14 -5.95 60.62
C GLY C 379 10.93 -5.99 59.72
N GLU C 380 9.83 -6.56 60.21
CA GLU C 380 8.58 -6.69 59.42
C GLU C 380 8.02 -5.36 58.88
N GLU C 381 8.26 -4.29 59.61
CA GLU C 381 7.78 -2.96 59.27
C GLU C 381 8.46 -2.39 58.00
N ASN C 382 9.62 -2.94 57.65
CA ASN C 382 10.38 -2.49 56.49
C ASN C 382 10.35 -3.45 55.30
N LYS C 383 9.35 -4.32 55.26
CA LYS C 383 9.10 -5.23 54.14
C LYS C 383 7.97 -4.71 53.30
N VAL C 384 7.92 -5.21 52.08
CA VAL C 384 6.98 -4.75 51.08
C VAL C 384 5.55 -4.61 51.62
N GLU C 385 5.05 -5.60 52.35
CA GLU C 385 3.66 -5.53 52.81
C GLU C 385 3.31 -4.35 53.76
N ALA C 386 4.13 -4.13 54.79
CA ALA C 386 3.96 -2.97 55.70
C ALA C 386 4.19 -1.66 54.95
N ILE C 387 5.16 -1.63 54.04
CA ILE C 387 5.40 -0.42 53.25
C ILE C 387 4.14 -0.07 52.42
N THR C 388 3.61 -1.05 51.69
CA THR C 388 2.46 -0.77 50.84
C THR C 388 1.18 -0.43 51.63
N MET C 389 1.03 -1.03 52.80
CA MET C 389 -0.16 -0.76 53.62
C MET C 389 -0.12 0.69 54.11
N ARG C 390 1.04 1.10 54.66
CA ARG C 390 1.23 2.49 55.11
C ARG C 390 1.14 3.46 53.95
N ALA C 391 1.74 3.11 52.82
CA ALA C 391 1.61 3.96 51.61
C ALA C 391 0.13 4.20 51.30
N THR C 392 -0.65 3.12 51.23
CA THR C 392 -2.08 3.24 50.94
C THR C 392 -2.83 4.02 51.99
N ARG C 393 -2.49 3.86 53.27
CA ARG C 393 -3.14 4.63 54.32
C ARG C 393 -2.84 6.14 54.11
N ALA C 394 -1.59 6.51 53.84
CA ALA C 394 -1.25 7.93 53.61
C ALA C 394 -1.88 8.57 52.37
N PHE C 395 -2.02 7.78 51.30
CA PHE C 395 -2.62 8.25 50.04
C PHE C 395 -4.17 8.27 49.98
N SER C 396 -4.87 7.71 50.95
CA SER C 396 -6.35 7.78 51.03
C SER C 396 -6.89 9.16 51.46
N GLN C 397 -6.01 10.03 51.94
CA GLN C 397 -6.35 11.42 52.19
C GLN C 397 -6.43 12.23 50.88
N ILE C 398 -5.56 11.92 49.90
CA ILE C 398 -5.50 12.66 48.62
C ILE C 398 -6.91 12.80 48.00
N LYS C 399 -7.30 14.06 47.85
CA LYS C 399 -8.60 14.40 47.32
C LYS C 399 -8.57 14.30 45.80
N ASP C 400 -9.67 13.78 45.27
CA ASP C 400 -9.93 13.74 43.82
C ASP C 400 -8.82 12.95 43.10
N ALA C 401 -8.56 11.76 43.64
CA ALA C 401 -7.65 10.77 43.09
C ALA C 401 -7.85 9.45 43.85
N MET C 402 -7.79 8.32 43.13
CA MET C 402 -7.66 6.98 43.71
C MET C 402 -6.17 6.70 43.58
N VAL C 403 -5.54 6.34 44.68
CA VAL C 403 -4.10 6.08 44.72
C VAL C 403 -3.88 4.86 45.59
N PHE C 404 -3.54 3.72 44.99
CA PHE C 404 -3.41 2.45 45.74
C PHE C 404 -2.00 1.90 45.52
N ALA C 405 -1.30 1.61 46.61
CA ALA C 405 -0.01 0.90 46.56
C ALA C 405 -0.21 -0.60 46.78
N PHE C 406 0.59 -1.42 46.11
CA PHE C 406 0.45 -2.88 46.12
C PHE C 406 1.59 -3.57 45.37
N ASN C 407 1.87 -4.82 45.70
CA ASN C 407 2.78 -5.64 44.89
C ASN C 407 1.96 -6.45 43.86
N LEU C 408 2.41 -6.51 42.61
CA LEU C 408 1.68 -7.26 41.55
C LEU C 408 1.59 -8.77 41.81
N PRO C 409 2.75 -9.47 42.01
CA PRO C 409 2.58 -10.89 42.32
C PRO C 409 1.73 -11.27 43.59
N ALA C 410 1.49 -10.34 44.54
CA ALA C 410 0.64 -10.63 45.73
C ALA C 410 -0.88 -10.64 45.47
N ILE C 411 -1.37 -9.70 44.64
CA ILE C 411 -2.82 -9.57 44.32
C ILE C 411 -3.23 -10.41 43.08
N GLY C 415 -0.90 -13.00 42.40
CA GLY C 415 -2.10 -13.74 42.07
C GLY C 415 -2.82 -14.17 43.33
N THR C 416 -4.14 -14.01 43.29
CA THR C 416 -5.09 -14.68 44.20
C THR C 416 -6.31 -15.18 43.36
N ALA C 417 -6.29 -16.47 43.02
CA ALA C 417 -7.38 -17.15 42.32
C ALA C 417 -8.61 -17.34 43.24
N THR C 418 -9.26 -16.22 43.56
CA THR C 418 -10.69 -16.15 43.93
C THR C 418 -11.51 -15.36 42.87
N GLY C 419 -10.83 -14.68 41.95
CA GLY C 419 -11.48 -13.79 40.99
C GLY C 419 -12.06 -14.51 39.76
N PHE C 420 -12.89 -13.78 39.05
CA PHE C 420 -13.39 -14.20 37.78
C PHE C 420 -13.31 -13.04 36.77
N ASP C 421 -13.46 -13.42 35.49
CA ASP C 421 -13.30 -12.50 34.36
C ASP C 421 -14.40 -12.70 33.34
N PHE C 422 -15.36 -11.79 33.37
CA PHE C 422 -16.61 -11.91 32.63
C PHE C 422 -16.64 -10.87 31.50
N GLU C 423 -17.13 -11.25 30.33
CA GLU C 423 -17.28 -10.33 29.20
C GLU C 423 -18.77 -10.26 28.92
N LEU C 424 -19.33 -9.07 29.01
CA LEU C 424 -20.69 -8.78 28.55
C LEU C 424 -20.60 -8.36 27.09
N ILE C 425 -21.46 -8.92 26.23
CA ILE C 425 -21.29 -8.81 24.80
C ILE C 425 -22.53 -8.29 24.08
N ASP C 426 -22.38 -7.29 23.23
CA ASP C 426 -23.50 -6.89 22.34
C ASP C 426 -23.64 -7.92 21.17
N GLN C 427 -24.73 -8.71 21.16
CA GLN C 427 -24.93 -9.80 20.17
C GLN C 427 -25.89 -9.43 18.99
N ALA C 428 -26.47 -8.23 19.00
CA ALA C 428 -27.55 -7.86 18.08
C ALA C 428 -27.52 -6.41 17.64
N GLY C 429 -26.33 -5.86 17.51
CA GLY C 429 -26.19 -4.52 17.03
C GLY C 429 -26.80 -3.46 17.95
N LEU C 430 -26.83 -3.73 19.26
CA LEU C 430 -27.45 -2.81 20.21
C LEU C 430 -26.81 -1.43 20.33
N GLY C 431 -25.50 -1.37 20.25
CA GLY C 431 -24.79 -0.11 20.44
C GLY C 431 -24.27 0.06 21.87
N HIS C 432 -23.30 0.95 21.98
CA HIS C 432 -22.64 1.30 23.22
C HIS C 432 -23.57 1.77 24.32
N GLU C 433 -24.49 2.68 24.00
CA GLU C 433 -25.40 3.21 25.03
C GLU C 433 -26.20 2.07 25.65
N LYS C 434 -26.80 1.24 24.82
CA LYS C 434 -27.57 0.10 25.36
C LYS C 434 -26.76 -0.92 26.08
N LEU C 435 -25.57 -1.22 25.60
CA LEU C 435 -24.72 -2.13 26.28
C LEU C 435 -24.28 -1.59 27.66
N THR C 436 -24.03 -0.29 27.79
CA THR C 436 -23.69 0.28 29.09
C THR C 436 -24.86 0.07 30.08
N GLN C 437 -26.08 0.33 29.63
CA GLN C 437 -27.32 0.14 30.42
C GLN C 437 -27.51 -1.29 30.87
N ALA C 438 -27.27 -2.23 29.98
CA ALA C 438 -27.30 -3.64 30.33
C ALA C 438 -26.23 -3.96 31.37
N ARG C 439 -25.05 -3.37 31.22
CA ARG C 439 -24.00 -3.55 32.19
C ARG C 439 -24.37 -3.02 33.58
N ASN C 440 -24.95 -1.81 33.60
CA ASN C 440 -25.44 -1.24 34.86
C ASN C 440 -26.54 -2.08 35.58
N GLN C 441 -27.50 -2.60 34.84
CA GLN C 441 -28.47 -3.60 35.35
C GLN C 441 -27.75 -4.81 35.95
N LEU C 442 -26.74 -5.35 35.29
CA LEU C 442 -26.02 -6.50 35.88
C LEU C 442 -25.22 -6.14 37.11
N LEU C 443 -24.63 -4.95 37.15
CA LEU C 443 -23.82 -4.56 38.31
C LEU C 443 -24.72 -4.25 39.52
N ALA C 444 -25.89 -3.64 39.28
CA ALA C 444 -26.82 -3.32 40.36
C ALA C 444 -27.36 -4.60 40.97
N GLU C 445 -27.66 -5.57 40.11
CA GLU C 445 -28.04 -6.91 40.55
C GLU C 445 -26.97 -7.65 41.34
N ALA C 446 -25.73 -7.63 40.87
CA ALA C 446 -24.66 -8.31 41.62
C ALA C 446 -24.44 -7.71 43.01
N ALA C 447 -24.67 -6.42 43.13
CA ALA C 447 -24.58 -5.70 44.41
C ALA C 447 -25.63 -6.17 45.44
N LYS C 448 -26.79 -6.62 44.95
CA LYS C 448 -27.82 -7.25 45.80
C LYS C 448 -27.53 -8.67 46.26
N HIS C 449 -26.38 -9.25 45.89
CA HIS C 449 -25.98 -10.56 46.41
C HIS C 449 -24.59 -10.49 47.00
N PRO C 450 -24.35 -9.54 47.94
CA PRO C 450 -23.04 -9.43 48.59
C PRO C 450 -22.66 -10.66 49.42
N ASP C 451 -23.68 -11.47 49.78
CA ASP C 451 -23.51 -12.85 50.28
C ASP C 451 -22.67 -13.81 49.39
N MET C 452 -22.81 -13.66 48.07
CA MET C 452 -22.17 -14.54 47.07
C MET C 452 -21.02 -13.86 46.26
N LEU C 453 -21.13 -12.54 46.02
CA LEU C 453 -20.20 -11.79 45.15
C LEU C 453 -19.73 -10.54 45.83
N THR C 454 -18.45 -10.25 45.75
CA THR C 454 -17.94 -8.94 46.17
C THR C 454 -16.99 -8.34 45.10
N SER C 455 -17.01 -7.01 45.04
CA SER C 455 -16.12 -6.23 44.19
C SER C 455 -16.41 -6.45 42.66
N VAL C 456 -17.70 -6.56 42.32
CA VAL C 456 -18.11 -6.75 40.92
C VAL C 456 -18.15 -5.39 40.26
N ARG C 457 -17.26 -5.19 39.29
CA ARG C 457 -16.95 -3.88 38.76
C ARG C 457 -16.47 -3.99 37.27
N PRO C 458 -16.65 -2.92 36.46
CA PRO C 458 -16.09 -2.94 35.14
C PRO C 458 -14.58 -2.82 35.19
N ASN C 459 -13.86 -3.55 34.34
CA ASN C 459 -12.42 -3.40 34.20
C ASN C 459 -12.09 -2.17 33.39
N GLY C 460 -13.06 -1.63 32.64
CA GLY C 460 -12.84 -0.49 31.78
C GLY C 460 -13.25 0.85 32.38
N LEU C 461 -13.54 1.80 31.49
CA LEU C 461 -13.68 3.21 31.79
C LEU C 461 -15.08 3.71 31.46
N GLU C 462 -15.46 4.81 32.09
CA GLU C 462 -16.82 5.35 31.95
C GLU C 462 -16.87 6.40 30.87
N ASP C 463 -18.03 6.57 30.25
CA ASP C 463 -18.21 7.67 29.27
C ASP C 463 -17.81 8.96 29.90
N THR C 464 -17.23 9.88 29.16
CA THR C 464 -16.83 11.20 29.70
C THR C 464 -17.33 12.30 28.76
N PRO C 465 -17.26 13.59 29.19
CA PRO C 465 -17.72 14.66 28.30
C PRO C 465 -16.87 14.77 27.06
N GLN C 466 -17.50 14.97 25.90
CA GLN C 466 -16.73 15.28 24.70
C GLN C 466 -17.35 16.42 23.88
N PHE C 467 -16.53 17.06 23.06
CA PHE C 467 -16.88 18.31 22.35
C PHE C 467 -17.26 17.96 20.90
N LYS C 468 -18.57 17.99 20.61
CA LYS C 468 -19.09 17.55 19.34
C LYS C 468 -19.19 18.72 18.45
N ILE C 469 -18.49 18.75 17.34
CA ILE C 469 -18.58 19.90 16.45
C ILE C 469 -19.20 19.43 15.11
N ASP C 470 -20.25 20.08 14.66
CA ASP C 470 -20.87 19.75 13.38
C ASP C 470 -20.47 20.76 12.34
N ILE C 471 -19.98 20.30 11.20
CA ILE C 471 -19.77 21.18 10.06
C ILE C 471 -21.08 21.32 9.31
N ASP C 472 -21.47 22.55 9.01
CA ASP C 472 -22.67 22.80 8.22
C ASP C 472 -22.34 22.76 6.72
N GLN C 473 -22.73 21.69 6.05
CA GLN C 473 -22.33 21.50 4.64
C GLN C 473 -22.90 22.57 3.75
N GLU C 474 -24.13 22.98 3.99
CA GLU C 474 -24.74 24.03 3.19
C GLU C 474 -23.98 25.36 3.27
N LYS C 475 -23.68 25.83 4.47
CA LYS C 475 -22.90 27.06 4.62
C LYS C 475 -21.46 26.95 4.03
N ALA C 476 -20.87 25.76 4.11
CA ALA C 476 -19.56 25.57 3.53
C ALA C 476 -19.67 25.65 2.04
N GLN C 477 -20.69 25.03 1.47
CA GLN C 477 -20.87 25.12 0.00
C GLN C 477 -21.22 26.55 -0.46
N ALA C 478 -22.15 27.21 0.21
CA ALA C 478 -22.47 28.65 -0.06
C ALA C 478 -21.22 29.54 -0.09
N LEU C 479 -20.30 29.36 0.85
CA LEU C 479 -19.09 30.17 0.95
C LEU C 479 -17.95 29.73 0.08
N GLY C 480 -18.00 28.51 -0.42
CA GLY C 480 -16.93 27.98 -1.29
C GLY C 480 -15.77 27.46 -0.46
N VAL C 481 -16.08 26.95 0.72
CA VAL C 481 -15.06 26.41 1.64
C VAL C 481 -15.09 24.89 1.40
N SER C 482 -13.97 24.34 1.00
CA SER C 482 -13.86 22.88 0.79
C SER C 482 -13.87 22.16 2.13
N ILE C 483 -14.57 21.04 2.18
CA ILE C 483 -14.67 20.24 3.40
C ILE C 483 -13.31 19.68 3.76
N ASN C 484 -12.50 19.35 2.74
CA ASN C 484 -11.18 18.80 2.97
C ASN C 484 -10.28 19.80 3.64
N ASP C 485 -10.35 21.07 3.21
CA ASP C 485 -9.62 22.12 3.88
C ASP C 485 -10.09 22.28 5.33
N ILE C 486 -11.42 22.24 5.51
CA ILE C 486 -12.02 22.32 6.87
C ILE C 486 -11.47 21.22 7.78
N ASN C 487 -11.55 19.98 7.35
CA ASN C 487 -11.10 18.84 8.16
C ASN C 487 -9.60 18.68 8.35
N THR C 488 -8.80 19.13 7.41
CA THR C 488 -7.36 19.16 7.56
C THR C 488 -6.98 20.32 8.48
N THR C 489 -7.66 21.46 8.38
CA THR C 489 -7.35 22.55 9.28
C THR C 489 -7.60 22.20 10.72
N LEU C 490 -8.78 21.63 10.99
CA LEU C 490 -9.17 21.18 12.32
C LEU C 490 -8.24 20.11 12.83
N GLY C 491 -8.14 19.02 12.07
CA GLY C 491 -7.27 17.90 12.44
C GLY C 491 -5.79 18.28 12.60
N ALA C 492 -5.25 19.01 11.64
CA ALA C 492 -3.82 19.34 11.68
C ALA C 492 -3.52 20.23 12.91
N ALA C 493 -4.34 21.25 13.18
CA ALA C 493 -4.13 22.15 14.29
C ALA C 493 -4.36 21.50 15.63
N TRP C 494 -5.45 20.75 15.79
CA TRP C 494 -5.81 20.28 17.12
C TRP C 494 -5.32 18.89 17.46
N GLY C 495 -5.13 18.05 16.44
CA GLY C 495 -4.64 16.69 16.62
C GLY C 495 -3.21 16.49 16.15
N GLY C 496 -2.69 17.34 15.27
CA GLY C 496 -1.35 17.18 14.74
C GLY C 496 -1.33 16.31 13.52
N SER C 497 -0.35 16.52 12.65
CA SER C 497 -0.22 15.73 11.43
C SER C 497 1.24 15.38 11.08
N TYR C 498 1.50 14.10 10.87
CA TYR C 498 2.78 13.59 10.31
C TYR C 498 2.84 13.92 8.83
N VAL C 499 3.64 14.92 8.48
CA VAL C 499 3.71 15.49 7.13
C VAL C 499 4.64 14.67 6.26
N ASN C 500 5.90 14.56 6.69
CA ASN C 500 6.97 13.81 5.96
C ASN C 500 8.20 13.70 6.85
N ASP C 501 9.31 13.23 6.29
CA ASP C 501 10.51 12.91 7.04
C ASP C 501 11.67 13.91 6.75
N PHE C 502 12.57 14.05 7.70
CA PHE C 502 13.68 14.92 7.52
C PHE C 502 14.89 14.17 8.04
N ILE C 503 16.08 14.78 7.90
CA ILE C 503 17.34 14.12 8.29
C ILE C 503 18.04 14.94 9.35
N ASP C 504 18.15 14.37 10.55
CA ASP C 504 18.68 15.06 11.72
C ASP C 504 19.99 14.37 12.07
N ARG C 505 21.09 15.10 11.90
CA ARG C 505 22.43 14.56 12.12
C ARG C 505 22.61 13.20 11.38
N GLY C 506 22.15 13.13 10.14
CA GLY C 506 22.31 11.90 9.31
C GLY C 506 21.29 10.79 9.52
N ARG C 507 20.32 11.02 10.39
CA ARG C 507 19.32 10.00 10.74
C ARG C 507 17.90 10.45 10.36
N VAL C 508 17.19 9.61 9.60
CA VAL C 508 15.80 9.87 9.23
C VAL C 508 14.88 9.88 10.42
N LYS C 509 14.00 10.88 10.44
CA LYS C 509 13.15 11.26 11.55
C LYS C 509 11.94 12.02 11.02
N LYS C 510 10.85 12.05 11.82
CA LYS C 510 9.55 12.60 11.39
C LYS C 510 9.44 14.12 11.52
N VAL C 511 8.46 14.69 10.79
CA VAL C 511 8.14 16.13 10.87
C VAL C 511 6.65 16.20 11.14
N TYR C 512 6.27 16.91 12.20
CA TYR C 512 4.89 17.05 12.61
C TYR C 512 4.56 18.51 12.60
N VAL C 513 3.37 18.82 12.10
CA VAL C 513 2.76 20.10 12.24
C VAL C 513 1.61 19.93 13.23
N MET C 514 1.38 20.95 14.05
CA MET C 514 0.26 21.01 15.02
C MET C 514 0.12 22.44 15.53
N SER C 515 -1.01 22.83 16.12
CA SER C 515 -1.11 24.22 16.67
C SER C 515 -0.20 24.37 17.83
N GLU C 516 0.37 25.56 18.02
CA GLU C 516 1.03 25.85 19.30
C GLU C 516 -0.01 25.72 20.43
N ALA C 517 0.41 25.21 21.59
CA ALA C 517 -0.54 24.77 22.63
C ALA C 517 -1.63 25.80 23.00
N LYS C 518 -1.24 27.07 23.10
CA LYS C 518 -2.19 28.10 23.58
C LYS C 518 -3.30 28.42 22.61
N TYR C 519 -3.23 27.89 21.39
CA TYR C 519 -4.32 28.09 20.43
C TYR C 519 -5.19 26.86 20.21
N ARG C 520 -5.00 25.79 20.98
CA ARG C 520 -5.84 24.57 20.86
C ARG C 520 -6.22 23.99 22.21
N MET C 521 -6.56 24.87 23.15
CA MET C 521 -6.85 24.45 24.52
C MET C 521 -8.34 24.37 24.84
N LEU C 522 -9.08 25.39 24.42
CA LEU C 522 -10.46 25.60 24.81
C LEU C 522 -11.42 25.85 23.66
N PRO C 523 -12.73 25.72 23.92
CA PRO C 523 -13.73 25.91 22.87
C PRO C 523 -13.64 27.20 22.11
N ASP C 524 -13.49 28.33 22.81
CA ASP C 524 -13.28 29.64 22.14
C ASP C 524 -12.12 29.68 21.15
N ASP C 525 -11.07 28.89 21.39
CA ASP C 525 -9.95 28.85 20.45
C ASP C 525 -10.37 28.38 19.03
N ILE C 526 -11.46 27.59 18.91
CA ILE C 526 -12.02 27.14 17.60
C ILE C 526 -12.27 28.31 16.64
N GLY C 527 -12.83 29.40 17.12
CA GLY C 527 -13.09 30.56 16.25
C GLY C 527 -11.88 31.37 15.80
N ASP C 528 -10.72 31.15 16.43
CA ASP C 528 -9.43 31.75 15.99
C ASP C 528 -8.89 31.11 14.69
N TRP C 529 -9.47 29.98 14.27
CA TRP C 529 -8.97 29.26 13.09
C TRP C 529 -9.74 29.57 11.81
N TYR C 530 -9.01 29.92 10.75
CA TYR C 530 -9.62 30.37 9.51
C TYR C 530 -9.27 29.42 8.40
N VAL C 531 -10.20 29.27 7.45
CA VAL C 531 -10.02 28.49 6.25
C VAL C 531 -10.22 29.41 5.04
N ARG C 532 -9.42 29.25 4.00
CA ARG C 532 -9.50 30.09 2.82
C ARG C 532 -10.50 29.47 1.85
N ALA C 533 -11.46 30.26 1.42
CA ALA C 533 -12.48 29.81 0.50
C ALA C 533 -11.93 29.88 -0.89
N ALA C 534 -12.63 29.22 -1.81
CA ALA C 534 -12.26 29.20 -3.23
C ALA C 534 -12.02 30.62 -3.81
N ASP C 535 -12.79 31.64 -3.36
CA ASP C 535 -12.63 33.06 -3.81
C ASP C 535 -11.54 33.88 -3.11
N GLY C 536 -10.77 33.25 -2.23
CA GLY C 536 -9.71 33.95 -1.47
C GLY C 536 -10.07 34.60 -0.13
N GLN C 537 -11.34 34.67 0.22
CA GLN C 537 -11.66 35.19 1.53
C GLN C 537 -11.29 34.17 2.61
N MET C 538 -10.82 34.69 3.73
CA MET C 538 -10.59 33.92 4.95
C MET C 538 -11.91 33.85 5.70
N VAL C 539 -12.35 32.63 6.02
CA VAL C 539 -13.63 32.33 6.71
C VAL C 539 -13.38 31.67 8.08
N PRO C 540 -13.89 32.28 9.20
CA PRO C 540 -13.59 31.68 10.50
C PRO C 540 -14.44 30.41 10.75
N PHE C 541 -13.97 29.56 11.65
CA PHE C 541 -14.60 28.25 11.90
C PHE C 541 -16.03 28.40 12.35
N SER C 542 -16.28 29.44 13.12
CA SER C 542 -17.62 29.77 13.61
C SER C 542 -18.65 30.02 12.53
N ALA C 543 -18.23 30.44 11.33
CA ALA C 543 -19.25 30.73 10.32
C ALA C 543 -19.90 29.45 9.76
N PHE C 544 -19.19 28.32 9.80
CA PHE C 544 -19.75 27.08 9.21
C PHE C 544 -19.87 25.95 10.20
N SER C 545 -19.84 26.24 11.51
CA SER C 545 -19.87 25.16 12.49
C SER C 545 -20.66 25.47 13.75
N SER C 546 -21.04 24.44 14.49
CA SER C 546 -21.74 24.59 15.75
C SER C 546 -21.29 23.48 16.59
N SER C 547 -21.32 23.65 17.90
CA SER C 547 -20.87 22.63 18.79
C SER C 547 -21.73 22.49 20.03
N ARG C 548 -21.54 21.37 20.71
CA ARG C 548 -22.20 21.10 21.96
C ARG C 548 -21.44 20.00 22.73
N TRP C 549 -21.74 19.90 24.01
CA TRP C 549 -21.15 18.86 24.84
C TRP C 549 -22.04 17.63 24.79
N GLU C 550 -21.41 16.46 24.78
CA GLU C 550 -22.09 15.17 24.93
C GLU C 550 -21.18 14.21 25.68
N TYR C 551 -21.66 13.00 25.96
CA TYR C 551 -20.86 11.92 26.52
C TYR C 551 -20.56 10.89 25.43
N GLY C 552 -19.45 10.24 25.56
CA GLY C 552 -19.04 9.16 24.67
C GLY C 552 -17.87 8.45 25.32
N SER C 553 -17.42 7.36 24.73
CA SER C 553 -16.43 6.53 25.34
C SER C 553 -15.01 6.98 25.04
N PRO C 554 -14.18 7.05 26.07
CA PRO C 554 -12.75 7.21 25.84
C PRO C 554 -12.03 5.83 25.67
N ARG C 555 -12.75 4.71 25.80
CA ARG C 555 -12.18 3.40 25.63
C ARG C 555 -13.26 2.34 25.33
N LEU C 556 -13.36 1.99 24.05
CA LEU C 556 -14.31 0.98 23.54
C LEU C 556 -13.62 -0.36 23.53
N GLU C 557 -14.33 -1.39 23.99
CA GLU C 557 -13.76 -2.73 24.13
C GLU C 557 -14.56 -3.63 23.19
N ARG C 558 -13.93 -4.70 22.73
CA ARG C 558 -14.55 -5.74 21.92
C ARG C 558 -13.99 -7.11 22.32
N TYR C 559 -14.82 -8.13 22.16
CA TYR C 559 -14.44 -9.50 22.52
C TYR C 559 -14.92 -10.35 21.38
N ASN C 560 -14.02 -11.13 20.78
CA ASN C 560 -14.35 -11.96 19.61
C ASN C 560 -15.10 -11.23 18.49
N GLY C 561 -14.66 -10.02 18.23
CA GLY C 561 -15.21 -9.24 17.16
C GLY C 561 -16.48 -8.47 17.40
N LEU C 562 -17.03 -8.61 18.61
CA LEU C 562 -18.24 -7.90 18.99
C LEU C 562 -18.02 -6.89 20.11
N PRO C 563 -18.83 -5.82 20.13
CA PRO C 563 -18.71 -4.89 21.23
C PRO C 563 -18.88 -5.59 22.56
N SER C 564 -18.03 -5.25 23.52
CA SER C 564 -17.98 -5.93 24.76
C SER C 564 -17.72 -4.96 25.93
N MET C 565 -17.91 -5.47 27.16
CA MET C 565 -17.53 -4.78 28.39
C MET C 565 -17.06 -5.80 29.36
N GLU C 566 -15.81 -5.72 29.69
CA GLU C 566 -15.24 -6.61 30.68
C GLU C 566 -15.62 -6.30 32.14
N ILE C 567 -16.03 -7.33 32.86
CA ILE C 567 -16.44 -7.23 34.26
C ILE C 567 -15.63 -8.16 35.14
N LEU C 568 -14.97 -7.59 36.16
CA LEU C 568 -14.23 -8.36 37.17
C LEU C 568 -15.01 -8.46 38.45
N GLY C 569 -14.66 -9.45 39.23
CA GLY C 569 -15.30 -9.71 40.50
C GLY C 569 -14.63 -10.89 41.17
N GLN C 570 -15.12 -11.22 42.36
CA GLN C 570 -14.70 -12.44 43.05
C GLN C 570 -15.79 -12.99 43.95
N ALA C 571 -15.65 -14.27 44.27
CA ALA C 571 -16.54 -14.93 45.22
C ALA C 571 -16.42 -14.30 46.60
N ALA C 572 -17.54 -14.20 47.30
CA ALA C 572 -17.57 -13.80 48.73
C ALA C 572 -16.78 -14.78 49.62
N PRO C 573 -16.42 -14.34 50.85
CA PRO C 573 -15.87 -15.21 51.91
C PRO C 573 -16.67 -16.51 52.06
N GLY C 574 -15.94 -17.63 51.98
CA GLY C 574 -16.53 -18.97 52.13
C GLY C 574 -17.48 -19.45 51.02
N LYS C 575 -17.32 -18.92 49.79
CA LYS C 575 -18.01 -19.41 48.59
C LYS C 575 -16.96 -19.81 47.54
N SER C 576 -17.28 -20.76 46.67
CA SER C 576 -16.35 -21.22 45.60
C SER C 576 -16.35 -20.22 44.43
N THR C 577 -15.28 -20.22 43.63
CA THR C 577 -15.34 -19.50 42.34
C THR C 577 -16.50 -20.05 41.45
N GLY C 578 -16.59 -21.38 41.31
CA GLY C 578 -17.66 -22.04 40.54
C GLY C 578 -19.10 -21.59 40.85
N GLU C 579 -19.34 -21.17 42.08
CA GLU C 579 -20.69 -20.80 42.54
C GLU C 579 -21.02 -19.30 42.31
N ALA C 580 -19.97 -18.48 42.44
CA ALA C 580 -19.97 -17.07 42.07
C ALA C 580 -20.20 -16.94 40.55
N MET C 581 -19.51 -17.77 39.78
CA MET C 581 -19.75 -17.83 38.33
C MET C 581 -21.21 -18.25 38.01
N GLU C 582 -21.69 -19.28 38.69
CA GLU C 582 -23.06 -19.76 38.52
C GLU C 582 -24.06 -18.61 38.67
N LEU C 583 -23.87 -17.80 39.71
CA LEU C 583 -24.80 -16.68 39.93
C LEU C 583 -24.69 -15.63 38.82
N MET C 584 -23.45 -15.29 38.44
CA MET C 584 -23.23 -14.29 37.37
C MET C 584 -24.02 -14.69 36.11
N GLU C 585 -23.97 -15.98 35.77
CA GLU C 585 -24.74 -16.54 34.66
C GLU C 585 -26.24 -16.45 34.80
N GLN C 586 -26.74 -16.60 36.02
CA GLN C 586 -28.18 -16.46 36.30
C GLN C 586 -28.60 -15.02 36.12
N LEU C 587 -27.85 -14.10 36.71
CA LEU C 587 -28.16 -12.66 36.54
C LEU C 587 -28.08 -12.29 35.05
N ALA C 588 -27.02 -12.73 34.39
CA ALA C 588 -26.81 -12.41 32.97
C ALA C 588 -27.93 -12.86 32.03
N SER C 589 -28.66 -13.91 32.39
CA SER C 589 -29.79 -14.39 31.57
C SER C 589 -31.04 -13.49 31.62
N LYS C 590 -31.06 -12.53 32.57
CA LYS C 590 -32.19 -11.63 32.75
C LYS C 590 -31.95 -10.22 32.16
N LEU C 591 -30.86 -10.06 31.39
CA LEU C 591 -30.51 -8.77 30.79
C LEU C 591 -31.31 -8.55 29.53
N PRO C 592 -31.35 -7.31 29.01
CA PRO C 592 -32.23 -7.12 27.81
C PRO C 592 -31.90 -8.00 26.62
N THR C 593 -32.85 -8.09 25.70
CA THR C 593 -32.70 -8.92 24.50
C THR C 593 -31.48 -8.53 23.67
N GLY C 594 -30.68 -9.50 23.30
CA GLY C 594 -29.55 -9.28 22.45
C GLY C 594 -28.23 -9.16 23.21
N VAL C 595 -28.24 -9.29 24.56
CA VAL C 595 -27.02 -9.17 25.38
C VAL C 595 -26.62 -10.57 25.85
N GLY C 596 -25.36 -10.90 25.60
CA GLY C 596 -24.83 -12.22 25.84
C GLY C 596 -23.67 -12.08 26.76
N TYR C 597 -23.01 -13.21 27.09
CA TYR C 597 -21.76 -13.09 27.83
C TYR C 597 -20.81 -14.19 27.47
N ASP C 598 -19.57 -14.02 27.87
CA ASP C 598 -18.63 -15.13 27.80
C ASP C 598 -17.60 -15.02 28.92
N TRP C 599 -16.87 -16.12 29.18
CA TRP C 599 -15.87 -16.19 30.24
C TRP C 599 -14.49 -16.17 29.59
N THR C 600 -13.53 -15.46 30.20
CA THR C 600 -12.23 -15.28 29.59
C THR C 600 -11.07 -15.36 30.60
N GLY C 601 -9.83 -15.14 30.13
CA GLY C 601 -8.63 -15.06 30.99
C GLY C 601 -8.58 -16.22 32.00
N MET C 602 -8.42 -15.87 33.29
CA MET C 602 -8.46 -16.87 34.40
C MET C 602 -9.76 -17.72 34.47
N SER C 603 -10.89 -17.21 34.00
CA SER C 603 -12.15 -17.96 34.02
C SER C 603 -12.44 -18.86 32.79
N TYR C 604 -11.59 -18.85 31.77
CA TYR C 604 -11.80 -19.70 30.59
C TYR C 604 -11.51 -21.16 30.95
N HIS D 6 -34.70 -5.96 -42.32
CA HIS D 6 -33.23 -6.25 -42.22
C HIS D 6 -32.74 -6.53 -40.74
N HIS D 7 -33.42 -5.97 -39.71
CA HIS D 7 -33.33 -6.43 -38.30
C HIS D 7 -34.27 -7.64 -38.06
N HIS D 8 -33.73 -8.84 -38.01
CA HIS D 8 -34.53 -10.07 -37.87
C HIS D 8 -34.74 -10.43 -36.40
N HIS D 9 -35.86 -11.08 -36.09
CA HIS D 9 -36.21 -11.47 -34.69
C HIS D 9 -35.83 -12.95 -34.35
N HIS D 10 -35.96 -13.30 -33.07
CA HIS D 10 -35.71 -14.67 -32.50
C HIS D 10 -36.46 -15.89 -33.05
N GLY D 11 -35.70 -16.87 -33.57
CA GLY D 11 -36.21 -18.21 -33.86
C GLY D 11 -36.36 -19.06 -32.60
N SER D 12 -36.17 -20.37 -32.78
CA SER D 12 -36.12 -21.37 -31.68
C SER D 12 -35.29 -22.59 -32.12
N ASP D 13 -35.19 -23.61 -31.27
CA ASP D 13 -34.54 -24.93 -31.55
C ASP D 13 -33.66 -25.10 -32.84
N LEU D 14 -34.25 -25.11 -34.03
CA LEU D 14 -33.46 -25.25 -35.31
C LEU D 14 -32.70 -23.96 -35.71
N GLY D 15 -33.31 -22.79 -35.50
CA GLY D 15 -32.64 -21.50 -35.57
C GLY D 15 -31.43 -21.44 -34.64
N LYS D 16 -31.60 -21.93 -33.41
CA LYS D 16 -30.52 -21.92 -32.42
C LYS D 16 -29.42 -22.88 -32.85
N LYS D 17 -29.78 -24.08 -33.30
CA LYS D 17 -28.78 -25.01 -33.82
C LYS D 17 -28.00 -24.39 -34.99
N LEU D 18 -28.67 -23.60 -35.82
CA LEU D 18 -28.05 -23.11 -37.06
C LEU D 18 -27.05 -22.02 -36.69
N LEU D 19 -27.52 -21.06 -35.90
CA LEU D 19 -26.68 -20.00 -35.33
C LEU D 19 -25.41 -20.60 -34.72
N GLU D 20 -25.56 -21.68 -33.96
CA GLU D 20 -24.39 -22.27 -33.31
C GLU D 20 -23.47 -23.04 -34.28
N ALA D 21 -24.05 -23.67 -35.29
CA ALA D 21 -23.26 -24.38 -36.27
C ALA D 21 -22.55 -23.42 -37.21
N ALA D 22 -23.23 -22.33 -37.57
CA ALA D 22 -22.63 -21.27 -38.41
C ALA D 22 -21.38 -20.66 -37.76
N ARG D 23 -21.50 -20.42 -36.45
CA ARG D 23 -20.45 -19.95 -35.57
C ARG D 23 -19.27 -20.95 -35.43
N ALA D 24 -19.53 -22.25 -35.29
CA ALA D 24 -18.42 -23.27 -35.15
C ALA D 24 -17.81 -23.83 -36.45
N GLY D 25 -18.32 -23.40 -37.60
CA GLY D 25 -17.81 -23.88 -38.87
C GLY D 25 -18.24 -25.28 -39.28
N ARG D 26 -19.31 -25.83 -38.69
CA ARG D 26 -19.74 -27.21 -39.04
C ARG D 26 -20.53 -27.16 -40.35
N ASP D 27 -19.79 -27.33 -41.45
CA ASP D 27 -20.28 -27.21 -42.84
C ASP D 27 -21.44 -28.21 -43.09
N ASP D 28 -21.22 -29.46 -42.72
CA ASP D 28 -22.22 -30.53 -42.92
C ASP D 28 -23.51 -30.20 -42.19
N GLU D 29 -23.38 -29.91 -40.89
CA GLU D 29 -24.54 -29.61 -40.05
C GLU D 29 -25.37 -28.41 -40.54
N VAL D 30 -24.71 -27.35 -41.05
CA VAL D 30 -25.44 -26.24 -41.67
C VAL D 30 -26.31 -26.72 -42.83
N ARG D 31 -25.76 -27.59 -43.70
CA ARG D 31 -26.52 -28.12 -44.86
C ARG D 31 -27.75 -28.98 -44.45
N ILE D 32 -27.61 -29.80 -43.41
CA ILE D 32 -28.72 -30.63 -42.91
C ILE D 32 -29.86 -29.74 -42.39
N LEU D 33 -29.52 -28.79 -41.54
CA LEU D 33 -30.51 -27.91 -40.93
C LEU D 33 -31.24 -27.10 -41.97
N MET D 34 -30.53 -26.63 -42.97
CA MET D 34 -31.12 -25.94 -44.13
C MET D 34 -32.16 -26.79 -44.88
N ALA D 35 -31.80 -28.04 -45.19
CA ALA D 35 -32.70 -29.03 -45.85
C ALA D 35 -33.95 -29.36 -45.01
N ASN D 36 -33.78 -29.32 -43.68
CA ASN D 36 -34.87 -29.46 -42.70
C ASN D 36 -35.61 -28.17 -42.27
N GLY D 37 -35.49 -27.12 -43.08
CA GLY D 37 -36.34 -25.92 -43.00
C GLY D 37 -35.95 -24.84 -42.01
N ALA D 38 -34.75 -24.94 -41.42
CA ALA D 38 -34.26 -23.97 -40.42
C ALA D 38 -34.31 -22.56 -40.98
N ASP D 39 -34.72 -21.60 -40.15
CA ASP D 39 -34.83 -20.21 -40.57
C ASP D 39 -33.43 -19.68 -40.91
N VAL D 40 -33.21 -19.34 -42.17
CA VAL D 40 -31.89 -18.84 -42.61
C VAL D 40 -31.54 -17.43 -42.01
N ASN D 41 -32.54 -16.66 -41.59
CA ASN D 41 -32.35 -15.38 -40.89
C ASN D 41 -32.73 -15.40 -39.38
N ALA D 42 -32.53 -16.54 -38.72
CA ALA D 42 -32.66 -16.62 -37.27
C ALA D 42 -31.65 -15.67 -36.65
N ALA D 43 -32.09 -14.93 -35.66
CA ALA D 43 -31.25 -13.94 -35.02
C ALA D 43 -31.09 -14.36 -33.59
N ASP D 44 -29.88 -14.13 -33.06
CA ASP D 44 -29.65 -14.20 -31.61
C ASP D 44 -29.98 -12.85 -30.91
N VAL D 45 -29.81 -12.85 -29.61
CA VAL D 45 -30.09 -11.66 -28.85
C VAL D 45 -29.35 -10.36 -29.25
N VAL D 46 -28.18 -10.44 -29.90
CA VAL D 46 -27.57 -9.17 -30.40
C VAL D 46 -27.96 -8.84 -31.87
N GLY D 47 -28.88 -9.60 -32.47
CA GLY D 47 -29.28 -9.39 -33.84
C GLY D 47 -28.41 -10.10 -34.89
N TRP D 48 -27.54 -11.03 -34.49
CA TRP D 48 -26.62 -11.65 -35.43
C TRP D 48 -27.37 -12.82 -36.05
N THR D 49 -27.32 -12.88 -37.38
CA THR D 49 -27.84 -13.99 -38.16
C THR D 49 -26.70 -14.96 -38.37
N PRO D 50 -27.00 -16.16 -38.89
CA PRO D 50 -25.92 -17.12 -39.14
C PRO D 50 -24.86 -16.56 -40.09
N LEU D 51 -25.27 -15.64 -40.97
CA LEU D 51 -24.37 -14.97 -41.91
C LEU D 51 -23.43 -14.02 -41.18
N HIS D 52 -23.93 -13.28 -40.20
CA HIS D 52 -23.04 -12.50 -39.30
C HIS D 52 -21.98 -13.38 -38.62
N LEU D 53 -22.41 -14.51 -38.08
CA LEU D 53 -21.49 -15.39 -37.41
C LEU D 53 -20.42 -15.97 -38.34
N ALA D 54 -20.87 -16.49 -39.49
CA ALA D 54 -19.98 -17.11 -40.47
C ALA D 54 -18.95 -16.13 -41.02
N ALA D 55 -19.38 -14.88 -41.21
CA ALA D 55 -18.54 -13.82 -41.68
C ALA D 55 -17.53 -13.41 -40.61
N TYR D 56 -17.96 -13.28 -39.36
CA TYR D 56 -17.06 -12.91 -38.28
C TYR D 56 -16.00 -13.97 -38.04
N TRP D 57 -16.38 -15.23 -38.05
CA TRP D 57 -15.41 -16.27 -37.72
C TRP D 57 -14.70 -16.83 -38.95
N GLY D 58 -14.92 -16.22 -40.11
CA GLY D 58 -14.22 -16.59 -41.33
C GLY D 58 -14.58 -17.92 -42.03
N HIS D 59 -15.80 -18.43 -41.84
CA HIS D 59 -16.23 -19.69 -42.46
C HIS D 59 -16.87 -19.40 -43.84
N LEU D 60 -16.01 -19.41 -44.87
CA LEU D 60 -16.37 -19.07 -46.26
C LEU D 60 -17.50 -19.97 -46.88
N GLU D 61 -17.39 -21.28 -46.71
CA GLU D 61 -18.34 -22.23 -47.35
C GLU D 61 -19.76 -22.02 -46.80
N ILE D 62 -19.83 -21.87 -45.48
CA ILE D 62 -21.09 -21.59 -44.82
C ILE D 62 -21.64 -20.29 -45.33
N VAL D 63 -20.78 -19.26 -45.48
CA VAL D 63 -21.27 -17.99 -46.05
C VAL D 63 -21.93 -18.23 -47.42
N GLU D 64 -21.30 -19.05 -48.27
CA GLU D 64 -21.83 -19.33 -49.62
C GLU D 64 -23.16 -20.09 -49.54
N VAL D 65 -23.18 -21.13 -48.71
CA VAL D 65 -24.41 -21.94 -48.47
C VAL D 65 -25.61 -21.14 -47.94
N LEU D 66 -25.37 -20.31 -46.95
CA LEU D 66 -26.44 -19.49 -46.41
C LEU D 66 -27.00 -18.57 -47.50
N LEU D 67 -26.11 -18.01 -48.32
CA LEU D 67 -26.55 -17.13 -49.43
C LEU D 67 -27.35 -17.91 -50.52
N LYS D 68 -26.86 -19.08 -50.95
CA LYS D 68 -27.64 -19.98 -51.85
C LYS D 68 -29.05 -20.27 -51.35
N ASN D 69 -29.20 -20.41 -50.02
CA ASN D 69 -30.48 -20.63 -49.39
C ASN D 69 -31.20 -19.37 -48.98
N GLY D 70 -30.90 -18.24 -49.60
CA GLY D 70 -31.72 -17.05 -49.39
C GLY D 70 -31.46 -16.18 -48.17
N ALA D 71 -30.26 -16.20 -47.61
CA ALA D 71 -29.95 -15.38 -46.40
C ALA D 71 -29.90 -13.92 -46.77
N ASP D 72 -30.40 -13.10 -45.86
CA ASP D 72 -30.38 -11.66 -46.08
C ASP D 72 -28.91 -11.22 -46.02
N VAL D 73 -28.36 -10.79 -47.17
CA VAL D 73 -26.98 -10.39 -47.29
C VAL D 73 -26.75 -9.11 -46.51
N ASN D 74 -27.78 -8.30 -46.31
CA ASN D 74 -27.65 -7.01 -45.63
C ASN D 74 -28.32 -6.97 -44.26
N ALA D 75 -28.39 -8.11 -43.60
CA ALA D 75 -28.90 -8.17 -42.22
C ALA D 75 -28.20 -7.14 -41.33
N TYR D 76 -28.96 -6.53 -40.46
CA TYR D 76 -28.47 -5.59 -39.48
C TYR D 76 -28.53 -6.21 -38.09
N ASP D 77 -27.44 -6.15 -37.32
CA ASP D 77 -27.50 -6.51 -35.87
C ASP D 77 -28.09 -5.35 -35.11
N THR D 78 -28.17 -5.41 -33.79
CA THR D 78 -28.91 -4.33 -33.14
C THR D 78 -28.20 -2.95 -33.17
N LEU D 79 -26.97 -2.84 -33.68
CA LEU D 79 -26.27 -1.56 -33.76
C LEU D 79 -26.05 -1.13 -35.21
N GLY D 80 -26.85 -1.70 -36.12
CA GLY D 80 -26.79 -1.35 -37.55
C GLY D 80 -25.65 -1.95 -38.35
N SER D 81 -25.07 -3.06 -37.89
CA SER D 81 -23.89 -3.60 -38.53
C SER D 81 -24.24 -4.87 -39.29
N THR D 82 -23.53 -5.09 -40.40
CA THR D 82 -23.96 -6.03 -41.44
C THR D 82 -22.88 -7.09 -41.52
N PRO D 83 -23.15 -8.22 -42.15
CA PRO D 83 -22.05 -9.15 -42.35
C PRO D 83 -20.83 -8.58 -43.07
N LEU D 84 -21.03 -7.65 -43.98
CA LEU D 84 -19.88 -7.10 -44.75
C LEU D 84 -18.97 -6.29 -43.78
N HIS D 85 -19.59 -5.56 -42.85
CA HIS D 85 -18.81 -4.90 -41.83
C HIS D 85 -17.86 -5.86 -41.16
N LEU D 86 -18.41 -7.01 -40.70
CA LEU D 86 -17.62 -7.93 -39.91
C LEU D 86 -16.49 -8.49 -40.77
N ALA D 87 -16.83 -8.90 -41.98
CA ALA D 87 -15.84 -9.50 -42.87
C ALA D 87 -14.69 -8.51 -43.26
N ALA D 88 -15.04 -7.25 -43.49
CA ALA D 88 -14.08 -6.27 -43.83
C ALA D 88 -13.23 -6.02 -42.61
N HIS D 89 -13.84 -5.94 -41.44
CA HIS D 89 -13.12 -5.61 -40.23
C HIS D 89 -12.08 -6.64 -39.85
N PHE D 90 -12.40 -7.91 -40.01
CA PHE D 90 -11.52 -9.00 -39.57
C PHE D 90 -10.68 -9.66 -40.72
N GLY D 91 -10.51 -8.96 -41.84
CA GLY D 91 -9.59 -9.41 -42.87
C GLY D 91 -9.98 -10.68 -43.61
N HIS D 92 -11.29 -10.95 -43.78
CA HIS D 92 -11.75 -12.15 -44.50
C HIS D 92 -12.02 -11.78 -45.96
N LEU D 93 -10.95 -11.78 -46.76
CA LEU D 93 -10.99 -11.31 -48.16
C LEU D 93 -11.99 -12.05 -49.05
N GLU D 94 -11.97 -13.38 -49.02
CA GLU D 94 -12.79 -14.16 -49.95
C GLU D 94 -14.26 -13.95 -49.61
N ILE D 95 -14.56 -13.89 -48.30
CA ILE D 95 -15.92 -13.70 -47.80
C ILE D 95 -16.42 -12.34 -48.21
N VAL D 96 -15.58 -11.31 -48.06
CA VAL D 96 -15.92 -9.96 -48.55
C VAL D 96 -16.35 -10.01 -50.01
N GLU D 97 -15.51 -10.64 -50.84
CA GLU D 97 -15.82 -10.77 -52.29
C GLU D 97 -17.13 -11.48 -52.53
N VAL D 98 -17.33 -12.60 -51.86
CA VAL D 98 -18.57 -13.33 -52.01
C VAL D 98 -19.77 -12.46 -51.62
N LEU D 99 -19.67 -11.77 -50.49
CA LEU D 99 -20.81 -10.98 -50.05
C LEU D 99 -21.17 -9.89 -51.07
N LEU D 100 -20.16 -9.16 -51.55
CA LEU D 100 -20.41 -8.06 -52.49
C LEU D 100 -20.96 -8.57 -53.82
N LYS D 101 -20.50 -9.73 -54.29
CA LYS D 101 -21.09 -10.38 -55.46
C LYS D 101 -22.56 -10.80 -55.29
N ASN D 102 -23.05 -10.94 -54.04
CA ASN D 102 -24.48 -11.30 -53.74
C ASN D 102 -25.40 -10.15 -53.31
N GLY D 103 -24.98 -8.92 -53.57
CA GLY D 103 -25.76 -7.72 -53.26
C GLY D 103 -25.47 -7.04 -51.94
N ALA D 104 -24.34 -7.33 -51.30
CA ALA D 104 -24.00 -6.65 -50.05
C ALA D 104 -23.86 -5.18 -50.36
N ASP D 105 -24.54 -4.37 -49.54
CA ASP D 105 -24.49 -2.93 -49.62
C ASP D 105 -23.08 -2.43 -49.15
N VAL D 106 -22.31 -1.93 -50.13
CA VAL D 106 -20.90 -1.61 -49.93
C VAL D 106 -20.75 -0.34 -49.09
N ASN D 107 -21.84 0.41 -48.96
CA ASN D 107 -21.91 1.70 -48.27
C ASN D 107 -22.85 1.70 -47.05
N ALA D 108 -23.15 0.53 -46.53
CA ALA D 108 -24.00 0.43 -45.38
C ALA D 108 -23.25 1.06 -44.20
N LYS D 109 -23.95 1.91 -43.47
CA LYS D 109 -23.43 2.59 -42.29
C LYS D 109 -24.07 1.95 -41.10
N ASP D 110 -23.28 1.75 -40.04
CA ASP D 110 -23.83 1.33 -38.76
C ASP D 110 -24.41 2.54 -38.03
N ASP D 111 -24.97 2.29 -36.86
CA ASP D 111 -25.45 3.36 -35.95
C ASP D 111 -24.49 4.54 -35.75
N ASN D 112 -23.19 4.27 -35.86
CA ASN D 112 -22.15 5.27 -35.65
C ASN D 112 -21.68 5.96 -36.94
N GLY D 113 -22.36 5.69 -38.06
CA GLY D 113 -21.90 6.15 -39.37
C GLY D 113 -20.69 5.42 -39.93
N ILE D 114 -20.37 4.27 -39.39
CA ILE D 114 -19.15 3.55 -39.76
C ILE D 114 -19.52 2.61 -40.91
N THR D 115 -18.72 2.59 -41.96
CA THR D 115 -18.95 1.79 -43.18
C THR D 115 -17.93 0.64 -43.17
N PRO D 116 -18.10 -0.35 -44.04
CA PRO D 116 -17.08 -1.38 -44.17
C PRO D 116 -15.70 -0.85 -44.54
N LEU D 117 -15.66 0.25 -45.30
CA LEU D 117 -14.38 0.82 -45.72
C LEU D 117 -13.63 1.43 -44.51
N HIS D 118 -14.34 2.10 -43.61
CA HIS D 118 -13.71 2.61 -42.38
C HIS D 118 -13.01 1.50 -41.59
N LEU D 119 -13.70 0.38 -41.43
CA LEU D 119 -13.17 -0.76 -40.71
C LEU D 119 -11.98 -1.41 -41.37
N ALA D 120 -12.10 -1.70 -42.66
CA ALA D 120 -11.02 -2.29 -43.43
C ALA D 120 -9.83 -1.38 -43.37
N ALA D 121 -10.10 -0.07 -43.53
CA ALA D 121 -9.08 0.96 -43.44
C ALA D 121 -8.40 0.99 -42.06
N ASN D 122 -9.20 1.04 -41.01
CA ASN D 122 -8.67 1.14 -39.66
C ASN D 122 -7.71 -0.01 -39.34
N ARG D 123 -7.99 -1.21 -39.80
CA ARG D 123 -7.15 -2.39 -39.49
C ARG D 123 -6.10 -2.65 -40.59
N GLY D 124 -5.92 -1.72 -41.53
CA GLY D 124 -4.94 -1.86 -42.60
C GLY D 124 -5.13 -3.03 -43.53
N HIS D 125 -6.36 -3.46 -43.73
CA HIS D 125 -6.65 -4.60 -44.60
C HIS D 125 -6.77 -4.15 -46.05
N LEU D 126 -5.61 -4.05 -46.71
CA LEU D 126 -5.46 -3.28 -47.97
C LEU D 126 -6.12 -3.93 -49.20
N GLU D 127 -6.06 -5.25 -49.30
CA GLU D 127 -6.69 -5.94 -50.40
C GLU D 127 -8.23 -5.78 -50.32
N ILE D 128 -8.77 -5.86 -49.10
CA ILE D 128 -10.19 -5.56 -48.86
C ILE D 128 -10.60 -4.13 -49.22
N VAL D 129 -9.80 -3.15 -48.86
CA VAL D 129 -10.10 -1.76 -49.23
C VAL D 129 -10.26 -1.65 -50.77
N GLU D 130 -9.36 -2.29 -51.52
CA GLU D 130 -9.43 -2.22 -53.00
C GLU D 130 -10.72 -2.80 -53.58
N VAL D 131 -11.11 -3.98 -53.07
CA VAL D 131 -12.36 -4.64 -53.48
C VAL D 131 -13.59 -3.77 -53.17
N LEU D 132 -13.63 -3.20 -51.98
CA LEU D 132 -14.72 -2.28 -51.61
C LEU D 132 -14.83 -1.06 -52.56
N LEU D 133 -13.68 -0.47 -52.91
CA LEU D 133 -13.64 0.70 -53.82
C LEU D 133 -14.10 0.24 -55.18
N LYS D 134 -13.47 -0.83 -55.67
CA LYS D 134 -13.88 -1.56 -56.90
C LYS D 134 -15.40 -1.70 -57.04
N TYR D 135 -16.08 -2.08 -55.93
CA TYR D 135 -17.54 -2.25 -55.90
C TYR D 135 -18.38 -1.00 -55.58
N GLY D 136 -17.80 0.18 -55.68
CA GLY D 136 -18.54 1.42 -55.49
C GLY D 136 -18.45 2.13 -54.13
N ALA D 137 -17.49 1.79 -53.27
CA ALA D 137 -17.46 2.40 -51.92
C ALA D 137 -17.27 3.89 -52.01
N ASP D 138 -18.07 4.68 -51.31
CA ASP D 138 -17.89 6.13 -51.25
C ASP D 138 -16.62 6.40 -50.44
N VAL D 139 -15.54 6.78 -51.12
CA VAL D 139 -14.21 6.98 -50.48
C VAL D 139 -14.20 8.20 -49.54
N ASN D 140 -15.18 9.07 -49.68
CA ASN D 140 -15.37 10.21 -48.83
C ASN D 140 -16.52 10.04 -47.83
N ALA D 141 -17.05 8.83 -47.66
CA ALA D 141 -18.02 8.62 -46.60
C ALA D 141 -17.37 8.98 -45.25
N GLN D 142 -18.20 9.56 -44.40
CA GLN D 142 -17.83 10.22 -43.16
C GLN D 142 -18.68 9.63 -42.06
N ASP D 143 -18.01 9.16 -40.99
CA ASP D 143 -18.67 8.65 -39.80
C ASP D 143 -19.23 9.82 -38.99
N LYS D 144 -19.77 9.51 -37.82
CA LYS D 144 -20.31 10.51 -36.94
C LYS D 144 -19.32 11.57 -36.46
N PHE D 145 -18.04 11.21 -36.43
CA PHE D 145 -17.00 12.14 -36.00
C PHE D 145 -16.42 12.93 -37.17
N GLY D 146 -16.96 12.70 -38.39
CA GLY D 146 -16.58 13.43 -39.58
C GLY D 146 -15.35 12.85 -40.23
N LYS D 147 -15.01 11.60 -39.91
CA LYS D 147 -13.79 10.98 -40.43
C LYS D 147 -14.06 10.13 -41.64
N THR D 148 -13.17 10.28 -42.62
CA THR D 148 -13.09 9.42 -43.79
C THR D 148 -12.01 8.39 -43.57
N ALA D 149 -11.95 7.44 -44.48
CA ALA D 149 -10.86 6.45 -44.56
C ALA D 149 -9.48 7.06 -44.76
N PHE D 150 -9.44 8.19 -45.45
CA PHE D 150 -8.20 8.95 -45.58
C PHE D 150 -7.71 9.51 -44.20
N ASP D 151 -8.60 10.09 -43.40
CA ASP D 151 -8.28 10.62 -42.09
C ASP D 151 -7.77 9.49 -41.25
N ILE D 152 -8.36 8.31 -41.42
CA ILE D 152 -7.96 7.13 -40.69
C ILE D 152 -6.51 6.78 -41.05
N SER D 153 -6.19 6.78 -42.35
CA SER D 153 -4.85 6.45 -42.83
C SER D 153 -3.77 7.45 -42.29
N ILE D 154 -4.09 8.73 -42.27
CA ILE D 154 -3.25 9.73 -41.62
C ILE D 154 -3.11 9.48 -40.11
N ASN D 155 -4.20 9.30 -39.39
CA ASN D 155 -4.10 9.07 -37.94
C ASN D 155 -3.26 7.84 -37.58
N ASN D 156 -3.44 6.76 -38.31
CA ASN D 156 -2.66 5.52 -38.09
C ASN D 156 -1.24 5.56 -38.63
N GLY D 157 -0.94 6.48 -39.53
CA GLY D 157 0.36 6.61 -40.16
C GLY D 157 0.65 5.48 -41.12
N ASN D 158 -0.34 5.08 -41.90
CA ASN D 158 -0.25 3.96 -42.87
C ASN D 158 -0.17 4.55 -44.26
N GLU D 159 1.05 4.80 -44.72
CA GLU D 159 1.29 5.43 -46.05
C GLU D 159 0.80 4.62 -47.25
N ASP D 160 0.98 3.29 -47.21
CA ASP D 160 0.43 2.39 -48.25
C ASP D 160 -1.06 2.65 -48.52
N LEU D 161 -1.84 2.78 -47.43
CA LEU D 161 -3.29 3.03 -47.52
C LEU D 161 -3.60 4.41 -48.13
N ALA D 162 -2.94 5.45 -47.63
CA ALA D 162 -3.07 6.80 -48.21
C ALA D 162 -2.92 6.82 -49.73
N GLU D 163 -1.94 6.09 -50.25
CA GLU D 163 -1.69 6.06 -51.70
C GLU D 163 -2.74 5.28 -52.46
N ILE D 164 -3.28 4.21 -51.87
CA ILE D 164 -4.42 3.50 -52.45
C ILE D 164 -5.62 4.42 -52.57
N LEU D 165 -5.93 5.16 -51.50
CA LEU D 165 -7.09 6.07 -51.50
C LEU D 165 -6.80 7.26 -52.42
N GLN D 166 -5.54 7.69 -52.44
CA GLN D 166 -4.98 8.58 -53.50
C GLN D 166 -5.46 10.03 -53.41
N GLY E 11 -14.19 24.04 47.01
CA GLY E 11 -15.13 24.33 48.13
C GLY E 11 -15.85 23.10 48.68
N SER E 12 -17.03 22.81 48.13
CA SER E 12 -17.78 21.60 48.50
C SER E 12 -17.21 20.37 47.73
N ASP E 13 -16.59 19.47 48.50
CA ASP E 13 -16.31 18.10 48.08
C ASP E 13 -17.62 17.30 47.84
N LEU E 14 -18.68 17.65 48.58
CA LEU E 14 -20.03 17.05 48.38
C LEU E 14 -20.62 17.42 47.01
N GLY E 15 -20.30 18.61 46.52
CA GLY E 15 -20.62 19.05 45.14
C GLY E 15 -20.24 18.03 44.09
N LYS E 16 -19.00 17.55 44.13
CA LYS E 16 -18.51 16.60 43.14
C LYS E 16 -19.22 15.26 43.25
N LYS E 17 -19.45 14.84 44.49
CA LYS E 17 -20.08 13.54 44.72
C LYS E 17 -21.50 13.59 44.26
N LEU E 18 -22.15 14.75 44.35
CA LEU E 18 -23.51 14.90 43.86
C LEU E 18 -23.53 14.89 42.31
N LEU E 19 -22.53 15.50 41.68
CA LEU E 19 -22.42 15.44 40.23
C LEU E 19 -22.33 13.98 39.74
N GLU E 20 -21.48 13.19 40.39
CA GLU E 20 -21.27 11.78 40.02
C GLU E 20 -22.48 10.92 40.29
N ALA E 21 -23.12 11.14 41.43
CA ALA E 21 -24.26 10.35 41.83
C ALA E 21 -25.42 10.62 40.90
N ALA E 22 -25.57 11.88 40.48
CA ALA E 22 -26.66 12.26 39.57
C ALA E 22 -26.41 11.75 38.15
N ARG E 23 -25.16 11.82 37.71
CA ARG E 23 -24.66 11.21 36.47
C ARG E 23 -25.01 9.71 36.42
N ALA E 24 -24.60 8.98 37.45
CA ALA E 24 -24.80 7.52 37.51
C ALA E 24 -26.16 7.04 38.09
N GLY E 25 -27.17 7.91 38.15
CA GLY E 25 -28.52 7.48 38.51
C GLY E 25 -28.80 6.99 39.94
N ARG E 26 -28.00 7.37 40.93
CA ARG E 26 -28.15 6.84 42.31
C ARG E 26 -29.13 7.67 43.15
N ASP E 27 -30.44 7.42 42.98
CA ASP E 27 -31.50 8.28 43.61
C ASP E 27 -31.30 8.41 45.13
N ASP E 28 -30.82 7.33 45.75
CA ASP E 28 -30.63 7.31 47.20
C ASP E 28 -29.43 8.10 47.64
N GLU E 29 -28.29 7.92 46.98
CA GLU E 29 -27.10 8.72 47.32
C GLU E 29 -27.36 10.24 47.08
N VAL E 30 -28.29 10.59 46.19
CA VAL E 30 -28.65 11.99 45.98
C VAL E 30 -29.34 12.60 47.23
N ARG E 31 -30.35 11.92 47.80
CA ARG E 31 -31.06 12.45 48.99
C ARG E 31 -30.15 12.71 50.17
N ILE E 32 -29.24 11.76 50.39
CA ILE E 32 -28.29 11.78 51.50
C ILE E 32 -27.41 13.01 51.34
N LEU E 33 -26.90 13.23 50.13
CA LEU E 33 -26.02 14.39 49.89
C LEU E 33 -26.76 15.71 49.94
N MET E 34 -28.03 15.70 49.54
CA MET E 34 -28.87 16.91 49.64
C MET E 34 -29.14 17.32 51.08
N ALA E 35 -29.46 16.32 51.92
CA ALA E 35 -29.65 16.50 53.36
C ALA E 35 -28.38 16.97 54.08
N ASN E 36 -27.20 16.53 53.63
CA ASN E 36 -25.91 16.96 54.22
C ASN E 36 -25.33 18.24 53.60
N GLY E 37 -26.14 19.03 52.85
CA GLY E 37 -25.75 20.40 52.41
C GLY E 37 -25.07 20.60 51.05
N ALA E 38 -25.10 19.58 50.19
CA ALA E 38 -24.37 19.62 48.93
C ALA E 38 -24.99 20.68 48.02
N ASP E 39 -24.08 21.41 47.35
CA ASP E 39 -24.44 22.45 46.39
C ASP E 39 -25.23 21.80 45.24
N VAL E 40 -26.53 22.07 45.30
CA VAL E 40 -27.50 21.63 44.34
C VAL E 40 -27.22 22.13 42.90
N ASN E 41 -26.56 23.28 42.78
CA ASN E 41 -26.13 23.86 41.51
C ASN E 41 -24.60 23.81 41.26
N ALA E 42 -23.92 22.87 41.88
CA ALA E 42 -22.54 22.56 41.57
C ALA E 42 -22.43 22.24 40.10
N ALA E 43 -21.37 22.71 39.50
CA ALA E 43 -21.12 22.61 38.08
C ALA E 43 -19.74 21.99 37.85
N ASP E 44 -19.66 21.02 36.93
CA ASP E 44 -18.38 20.43 36.52
C ASP E 44 -17.66 21.34 35.55
N VAL E 45 -16.54 20.88 35.01
CA VAL E 45 -15.73 21.70 34.12
C VAL E 45 -16.41 22.12 32.80
N VAL E 46 -17.42 21.39 32.35
CA VAL E 46 -18.10 21.76 31.12
C VAL E 46 -19.37 22.57 31.47
N GLY E 47 -19.58 22.88 32.76
CA GLY E 47 -20.69 23.75 33.16
C GLY E 47 -21.98 22.99 33.35
N TRP E 48 -21.87 21.68 33.55
CA TRP E 48 -23.01 20.82 33.71
C TRP E 48 -23.28 20.68 35.21
N THR E 49 -24.57 20.78 35.56
CA THR E 49 -25.07 20.73 36.92
C THR E 49 -25.63 19.34 37.13
N PRO E 50 -25.91 18.95 38.38
CA PRO E 50 -26.57 17.65 38.54
C PRO E 50 -27.85 17.52 37.73
N LEU E 51 -28.53 18.65 37.50
CA LEU E 51 -29.78 18.65 36.78
C LEU E 51 -29.54 18.42 35.29
N HIS E 52 -28.44 18.97 34.75
CA HIS E 52 -28.05 18.65 33.37
C HIS E 52 -27.82 17.15 33.23
N LEU E 53 -27.09 16.58 34.19
CA LEU E 53 -26.65 15.21 34.12
C LEU E 53 -27.86 14.29 34.20
N ALA E 54 -28.66 14.45 35.23
CA ALA E 54 -29.88 13.68 35.35
C ALA E 54 -30.76 13.84 34.11
N ALA E 55 -30.83 15.03 33.55
CA ALA E 55 -31.67 15.23 32.37
C ALA E 55 -31.11 14.51 31.14
N TYR E 56 -29.79 14.48 30.99
CA TYR E 56 -29.14 13.82 29.82
C TYR E 56 -29.28 12.31 29.92
N TRP E 57 -29.00 11.75 31.12
CA TRP E 57 -29.07 10.31 31.36
C TRP E 57 -30.48 9.83 31.73
N GLY E 58 -31.49 10.69 31.61
CA GLY E 58 -32.89 10.26 31.71
C GLY E 58 -33.41 9.79 33.07
N HIS E 59 -32.89 10.36 34.17
CA HIS E 59 -33.21 9.90 35.54
C HIS E 59 -34.32 10.75 36.17
N LEU E 60 -35.58 10.35 35.94
CA LEU E 60 -36.72 11.24 36.25
C LEU E 60 -36.76 11.66 37.75
N GLU E 61 -36.47 10.72 38.64
CA GLU E 61 -36.69 10.93 40.07
C GLU E 61 -35.63 11.90 40.63
N ILE E 62 -34.42 11.77 40.09
CA ILE E 62 -33.34 12.64 40.47
C ILE E 62 -33.67 14.04 40.00
N VAL E 63 -34.21 14.19 38.78
CA VAL E 63 -34.62 15.51 38.31
C VAL E 63 -35.62 16.15 39.28
N GLU E 64 -36.61 15.37 39.70
CA GLU E 64 -37.67 15.84 40.61
C GLU E 64 -37.13 16.27 41.99
N VAL E 65 -36.26 15.45 42.57
CA VAL E 65 -35.66 15.75 43.87
C VAL E 65 -34.81 17.05 43.81
N LEU E 66 -33.96 17.14 42.80
CA LEU E 66 -33.14 18.32 42.61
C LEU E 66 -33.97 19.60 42.44
N LEU E 67 -35.11 19.51 41.77
CA LEU E 67 -35.91 20.71 41.53
C LEU E 67 -36.52 21.20 42.85
N LYS E 68 -37.13 20.27 43.59
CA LYS E 68 -37.67 20.52 44.92
C LYS E 68 -36.63 21.13 45.83
N ASN E 69 -35.38 20.65 45.76
CA ASN E 69 -34.29 21.26 46.53
C ASN E 69 -33.61 22.49 45.87
N GLY E 70 -34.34 23.23 45.03
CA GLY E 70 -33.93 24.55 44.55
C GLY E 70 -33.06 24.64 43.31
N ALA E 71 -32.77 23.50 42.66
CA ALA E 71 -31.97 23.52 41.44
C ALA E 71 -32.48 24.53 40.41
N ASP E 72 -31.52 25.31 39.87
CA ASP E 72 -31.75 26.31 38.84
C ASP E 72 -32.15 25.55 37.59
N VAL E 73 -33.39 25.76 37.20
CA VAL E 73 -33.95 25.05 36.11
C VAL E 73 -33.40 25.51 34.74
N ASN E 74 -32.79 26.69 34.68
CA ASN E 74 -32.20 27.22 33.48
C ASN E 74 -30.70 27.46 33.57
N ALA E 75 -30.01 26.71 34.41
CA ALA E 75 -28.55 26.67 34.42
C ALA E 75 -28.08 26.42 32.99
N TYR E 76 -27.05 27.12 32.56
CA TYR E 76 -26.55 26.88 31.23
C TYR E 76 -25.07 26.38 31.32
N ASP E 77 -24.67 25.49 30.40
CA ASP E 77 -23.30 24.99 30.37
C ASP E 77 -22.42 26.03 29.69
N THR E 78 -21.13 25.78 29.56
CA THR E 78 -20.20 26.71 28.88
C THR E 78 -20.52 26.97 27.37
N LEU E 79 -21.48 26.25 26.79
CA LEU E 79 -21.90 26.47 25.41
C LEU E 79 -23.37 26.88 25.31
N GLY E 80 -23.99 27.23 26.41
CA GLY E 80 -25.34 27.82 26.40
C GLY E 80 -26.48 26.83 26.49
N SER E 81 -26.16 25.57 26.73
CA SER E 81 -27.15 24.54 26.73
C SER E 81 -27.73 24.32 28.13
N THR E 82 -29.03 24.06 28.15
CA THR E 82 -29.81 23.93 29.40
C THR E 82 -30.31 22.50 29.59
N PRO E 83 -30.75 22.15 30.79
CA PRO E 83 -31.25 20.80 30.99
C PRO E 83 -32.36 20.38 30.03
N LEU E 84 -33.21 21.33 29.68
CA LEU E 84 -34.28 21.09 28.74
C LEU E 84 -33.71 20.82 27.33
N HIS E 85 -32.67 21.54 26.90
CA HIS E 85 -32.02 21.16 25.64
C HIS E 85 -31.72 19.63 25.63
N LEU E 86 -31.12 19.13 26.71
CA LEU E 86 -30.65 17.77 26.81
C LEU E 86 -31.79 16.75 26.85
N ALA E 87 -32.78 16.97 27.71
CA ALA E 87 -33.93 16.07 27.79
C ALA E 87 -34.74 16.01 26.47
N ALA E 88 -34.80 17.15 25.78
CA ALA E 88 -35.52 17.24 24.52
C ALA E 88 -34.73 16.52 23.43
N HIS E 89 -33.42 16.66 23.45
CA HIS E 89 -32.58 16.03 22.45
C HIS E 89 -32.53 14.52 22.65
N PHE E 90 -32.51 14.05 23.88
CA PHE E 90 -32.36 12.61 24.13
C PHE E 90 -33.69 11.88 24.44
N GLY E 91 -34.81 12.53 24.09
CA GLY E 91 -36.12 11.86 24.05
C GLY E 91 -36.68 11.45 25.40
N HIS E 92 -36.41 12.22 26.46
CA HIS E 92 -36.86 11.94 27.81
C HIS E 92 -38.08 12.85 28.10
N LEU E 93 -39.21 12.43 27.55
CA LEU E 93 -40.48 13.16 27.61
C LEU E 93 -40.96 13.63 29.00
N GLU E 94 -40.95 12.71 29.94
CA GLU E 94 -41.50 13.02 31.27
C GLU E 94 -40.61 14.06 31.93
N ILE E 95 -39.29 13.97 31.69
CA ILE E 95 -38.36 14.99 32.17
C ILE E 95 -38.60 16.35 31.51
N VAL E 96 -38.91 16.31 30.22
CA VAL E 96 -39.26 17.54 29.52
C VAL E 96 -40.48 18.20 30.23
N GLU E 97 -41.56 17.43 30.50
CA GLU E 97 -42.77 18.01 31.14
C GLU E 97 -42.43 18.67 32.48
N VAL E 98 -41.73 17.92 33.33
CA VAL E 98 -41.32 18.42 34.64
C VAL E 98 -40.50 19.73 34.56
N LEU E 99 -39.56 19.79 33.61
CA LEU E 99 -38.73 20.96 33.55
C LEU E 99 -39.59 22.11 33.11
N LEU E 100 -40.47 21.87 32.17
CA LEU E 100 -41.37 22.94 31.74
C LEU E 100 -42.30 23.39 32.91
N LYS E 101 -42.83 22.42 33.70
CA LYS E 101 -43.64 22.69 34.91
C LYS E 101 -42.91 23.50 35.93
N ASN E 102 -41.60 23.27 36.10
CA ASN E 102 -40.79 24.06 37.02
C ASN E 102 -40.27 25.38 36.48
N GLY E 103 -40.78 25.83 35.34
CA GLY E 103 -40.37 27.11 34.78
C GLY E 103 -39.23 27.06 33.78
N ALA E 104 -38.79 25.88 33.29
CA ALA E 104 -37.76 25.85 32.20
C ALA E 104 -38.13 26.76 31.06
N ASP E 105 -37.12 27.47 30.57
CA ASP E 105 -37.30 28.41 29.47
C ASP E 105 -37.47 27.62 28.20
N VAL E 106 -38.66 27.61 27.66
CA VAL E 106 -38.99 26.84 26.48
C VAL E 106 -38.25 27.31 25.21
N ASN E 107 -37.97 28.60 25.10
CA ASN E 107 -37.20 29.14 23.97
C ASN E 107 -35.72 29.47 24.23
N ALA E 108 -35.14 28.87 25.26
CA ALA E 108 -33.72 29.08 25.50
C ALA E 108 -32.90 28.70 24.26
N LYS E 109 -31.96 29.56 23.91
CA LYS E 109 -31.06 29.36 22.80
C LYS E 109 -29.65 29.13 23.35
N ASP E 110 -28.93 28.18 22.74
CA ASP E 110 -27.52 27.92 23.11
C ASP E 110 -26.63 28.84 22.29
N ASP E 111 -25.31 28.75 22.42
CA ASP E 111 -24.41 29.65 21.66
C ASP E 111 -24.62 29.57 20.13
N ASN E 112 -25.12 28.45 19.64
CA ASN E 112 -25.38 28.25 18.21
C ASN E 112 -26.77 28.76 17.77
N GLY E 113 -27.54 29.25 18.76
CA GLY E 113 -28.93 29.64 18.55
C GLY E 113 -29.87 28.46 18.49
N ILE E 114 -29.46 27.32 19.05
CA ILE E 114 -30.29 26.13 18.94
C ILE E 114 -31.22 26.10 20.14
N THR E 115 -32.48 25.73 19.88
CA THR E 115 -33.57 25.69 20.88
C THR E 115 -33.91 24.24 21.12
N PRO E 116 -34.57 23.94 22.22
CA PRO E 116 -34.99 22.56 22.41
C PRO E 116 -35.90 22.01 21.31
N LEU E 117 -36.72 22.85 20.74
CA LEU E 117 -37.57 22.47 19.63
C LEU E 117 -36.72 21.98 18.43
N HIS E 118 -35.67 22.73 18.04
CA HIS E 118 -34.74 22.28 16.96
C HIS E 118 -34.21 20.88 17.25
N LEU E 119 -33.82 20.63 18.49
CA LEU E 119 -33.18 19.37 18.85
C LEU E 119 -34.17 18.22 18.89
N ALA E 120 -35.37 18.46 19.37
CA ALA E 120 -36.34 17.42 19.42
C ALA E 120 -36.72 17.11 17.98
N ALA E 121 -36.90 18.15 17.16
CA ALA E 121 -37.22 17.99 15.71
C ALA E 121 -36.19 17.14 14.95
N ASN E 122 -34.93 17.51 15.11
CA ASN E 122 -33.80 16.82 14.47
C ASN E 122 -33.80 15.31 14.74
N ARG E 123 -34.20 14.89 15.95
CA ARG E 123 -34.20 13.48 16.32
C ARG E 123 -35.56 12.78 16.17
N GLY E 124 -36.55 13.49 15.64
CA GLY E 124 -37.83 12.86 15.41
C GLY E 124 -38.64 12.59 16.66
N HIS E 125 -38.36 13.28 17.77
CA HIS E 125 -39.12 13.08 19.01
C HIS E 125 -40.43 13.88 18.97
N LEU E 126 -41.47 13.29 18.36
CA LEU E 126 -42.74 14.02 18.09
C LEU E 126 -43.55 14.44 19.31
N GLU E 127 -43.64 13.58 20.32
CA GLU E 127 -44.46 13.85 21.52
C GLU E 127 -43.89 15.03 22.32
N ILE E 128 -42.55 15.05 22.36
CA ILE E 128 -41.77 16.16 22.88
C ILE E 128 -42.02 17.45 22.09
N VAL E 129 -41.88 17.40 20.78
CA VAL E 129 -42.22 18.58 19.94
C VAL E 129 -43.61 19.18 20.30
N GLU E 130 -44.60 18.31 20.49
CA GLU E 130 -45.98 18.74 20.82
C GLU E 130 -46.03 19.44 22.19
N VAL E 131 -45.40 18.81 23.18
CA VAL E 131 -45.30 19.38 24.52
C VAL E 131 -44.59 20.72 24.46
N LEU E 132 -43.51 20.85 23.69
CA LEU E 132 -42.80 22.14 23.65
C LEU E 132 -43.68 23.22 23.04
N LEU E 133 -44.39 22.87 21.96
CA LEU E 133 -45.36 23.78 21.33
C LEU E 133 -46.50 24.14 22.28
N LYS E 134 -47.01 23.15 23.01
CA LYS E 134 -47.98 23.40 24.11
C LYS E 134 -47.50 24.50 25.10
N TYR E 135 -46.24 24.42 25.56
CA TYR E 135 -45.71 25.40 26.51
C TYR E 135 -45.18 26.65 25.84
N GLY E 136 -45.49 26.80 24.55
CA GLY E 136 -45.31 28.07 23.84
C GLY E 136 -43.97 28.24 23.13
N ALA E 137 -43.31 27.12 22.80
CA ALA E 137 -42.12 27.15 21.94
C ALA E 137 -42.42 27.92 20.65
N ASP E 138 -41.46 28.74 20.24
CA ASP E 138 -41.56 29.52 18.99
C ASP E 138 -41.20 28.66 17.76
N VAL E 139 -42.18 28.48 16.88
CA VAL E 139 -42.10 27.66 15.67
C VAL E 139 -41.15 28.25 14.64
N ASN E 140 -40.92 29.55 14.67
CA ASN E 140 -40.12 30.24 13.64
C ASN E 140 -38.76 30.66 14.12
N ALA E 141 -38.40 30.19 15.29
CA ALA E 141 -37.06 30.43 15.82
C ALA E 141 -36.03 29.79 14.85
N GLN E 142 -35.05 30.59 14.50
CA GLN E 142 -33.98 30.26 13.62
C GLN E 142 -32.72 30.07 14.46
N ASP E 143 -31.88 29.14 14.04
CA ASP E 143 -30.56 28.99 14.62
C ASP E 143 -29.63 29.94 13.85
N LYS E 144 -28.34 29.86 14.08
CA LYS E 144 -27.44 30.79 13.45
C LYS E 144 -27.39 30.63 11.94
N PHE E 145 -27.80 29.48 11.41
CA PHE E 145 -27.80 29.26 9.94
C PHE E 145 -29.14 29.60 9.25
N GLY E 146 -30.10 30.16 9.99
CA GLY E 146 -31.39 30.56 9.45
C GLY E 146 -32.44 29.48 9.52
N LYS E 147 -32.12 28.34 10.13
CA LYS E 147 -33.03 27.21 10.06
C LYS E 147 -34.04 27.19 11.19
N THR E 148 -35.24 26.80 10.84
CA THR E 148 -36.33 26.54 11.76
C THR E 148 -36.52 25.05 11.90
N ALA E 149 -37.32 24.65 12.89
CA ALA E 149 -37.79 23.27 13.03
C ALA E 149 -38.44 22.70 11.77
N PHE E 150 -39.17 23.55 11.05
CA PHE E 150 -39.80 23.17 9.78
C PHE E 150 -38.74 22.81 8.71
N ASP E 151 -37.71 23.62 8.56
CA ASP E 151 -36.62 23.31 7.63
C ASP E 151 -35.99 21.98 7.99
N ILE E 152 -35.80 21.74 9.29
CA ILE E 152 -35.20 20.52 9.77
C ILE E 152 -36.07 19.33 9.33
N SER E 153 -37.40 19.46 9.44
CA SER E 153 -38.29 18.35 9.01
C SER E 153 -38.25 18.03 7.46
N ILE E 154 -38.16 19.08 6.65
CA ILE E 154 -37.99 18.96 5.22
C ILE E 154 -36.65 18.24 4.91
N ASN E 155 -35.57 18.67 5.53
CA ASN E 155 -34.25 18.13 5.21
C ASN E 155 -34.11 16.65 5.60
N ASN E 156 -34.61 16.33 6.78
CA ASN E 156 -34.70 14.95 7.26
C ASN E 156 -35.77 14.06 6.60
N GLY E 157 -36.72 14.69 5.87
CA GLY E 157 -37.75 13.99 5.10
C GLY E 157 -38.68 13.24 6.05
N ASN E 158 -39.20 13.98 7.03
CA ASN E 158 -40.02 13.40 8.08
C ASN E 158 -41.37 14.06 7.92
N GLU E 159 -42.23 13.46 7.11
CA GLU E 159 -43.58 13.98 6.84
C GLU E 159 -44.46 14.16 8.11
N ASP E 160 -44.32 13.25 9.07
CA ASP E 160 -45.08 13.32 10.34
C ASP E 160 -44.86 14.65 11.11
N LEU E 161 -43.59 15.00 11.23
CA LEU E 161 -43.17 16.21 11.90
C LEU E 161 -43.52 17.44 11.10
N ALA E 162 -43.47 17.31 9.77
CA ALA E 162 -43.84 18.40 8.87
C ALA E 162 -45.34 18.80 9.00
N GLU E 163 -46.21 17.80 9.17
CA GLU E 163 -47.65 18.06 9.39
C GLU E 163 -47.83 18.85 10.65
N ILE E 164 -47.38 18.29 11.77
CA ILE E 164 -47.49 18.94 13.09
C ILE E 164 -47.05 20.43 13.09
N LEU E 165 -45.98 20.75 12.36
CA LEU E 165 -45.48 22.13 12.24
C LEU E 165 -46.07 22.87 11.01
N GLN E 166 -47.38 22.70 10.76
CA GLN E 166 -48.12 23.33 9.61
C GLN E 166 -47.56 24.67 9.09
N HIS F 5 41.17 30.78 -19.56
CA HIS F 5 40.40 30.59 -18.27
C HIS F 5 39.55 29.26 -18.24
N HIS F 6 38.74 28.98 -19.27
CA HIS F 6 38.14 27.63 -19.46
C HIS F 6 39.19 26.74 -20.13
N HIS F 7 39.94 25.99 -19.32
CA HIS F 7 41.04 25.15 -19.83
C HIS F 7 40.53 23.86 -20.50
N HIS F 8 41.33 23.34 -21.42
CA HIS F 8 40.95 22.19 -22.25
C HIS F 8 41.24 20.84 -21.55
N HIS F 9 40.26 19.93 -21.62
CA HIS F 9 40.37 18.55 -21.14
C HIS F 9 41.21 17.70 -22.14
N HIS F 10 42.53 17.67 -21.95
CA HIS F 10 43.43 16.81 -22.78
C HIS F 10 43.38 15.34 -22.34
N GLY F 11 43.36 15.12 -21.02
CA GLY F 11 43.67 13.81 -20.45
C GLY F 11 45.17 13.53 -20.53
N SER F 12 45.98 14.59 -20.36
CA SER F 12 47.46 14.51 -20.29
C SER F 12 47.82 13.53 -19.17
N ASP F 13 48.71 12.58 -19.44
CA ASP F 13 49.02 11.50 -18.47
C ASP F 13 49.57 12.05 -17.15
N LEU F 14 50.49 13.02 -17.23
CA LEU F 14 51.01 13.71 -16.04
C LEU F 14 49.93 14.63 -15.47
N GLY F 15 49.28 15.38 -16.36
CA GLY F 15 48.06 16.17 -16.08
C GLY F 15 46.99 15.44 -15.28
N LYS F 16 46.74 14.16 -15.61
CA LYS F 16 45.79 13.32 -14.86
C LYS F 16 46.31 13.04 -13.49
N LYS F 17 47.55 12.57 -13.39
CA LYS F 17 48.12 12.28 -12.06
C LYS F 17 48.19 13.49 -11.13
N LEU F 18 48.41 14.69 -11.71
CA LEU F 18 48.53 15.91 -10.91
C LEU F 18 47.15 16.27 -10.38
N LEU F 19 46.13 16.15 -11.23
CA LEU F 19 44.74 16.33 -10.78
C LEU F 19 44.40 15.35 -9.64
N GLU F 20 44.83 14.09 -9.74
CA GLU F 20 44.54 13.09 -8.69
C GLU F 20 45.35 13.39 -7.42
N ALA F 21 46.59 13.83 -7.61
CA ALA F 21 47.49 14.17 -6.49
C ALA F 21 47.02 15.47 -5.81
N ALA F 22 46.63 16.48 -6.59
CA ALA F 22 46.06 17.76 -6.06
C ALA F 22 44.79 17.56 -5.20
N ARG F 23 43.97 16.60 -5.62
CA ARG F 23 42.76 16.23 -4.92
C ARG F 23 43.01 15.46 -3.61
N ALA F 24 43.88 14.45 -3.68
CA ALA F 24 44.16 13.54 -2.59
C ALA F 24 45.15 14.06 -1.53
N GLY F 25 45.61 15.30 -1.68
CA GLY F 25 46.55 15.93 -0.73
C GLY F 25 47.95 15.31 -0.66
N ARG F 26 48.49 14.89 -1.81
CA ARG F 26 49.82 14.29 -1.88
C ARG F 26 50.83 15.36 -2.29
N ASP F 27 51.30 16.10 -1.29
CA ASP F 27 52.02 17.39 -1.48
C ASP F 27 53.34 17.17 -2.25
N ASP F 28 53.99 16.05 -1.95
CA ASP F 28 55.29 15.70 -2.53
C ASP F 28 55.19 15.27 -3.97
N GLU F 29 54.25 14.36 -4.25
CA GLU F 29 54.03 13.91 -5.62
C GLU F 29 53.73 15.11 -6.55
N VAL F 30 52.89 16.05 -6.08
CA VAL F 30 52.54 17.28 -6.86
C VAL F 30 53.82 18.03 -7.25
N ARG F 31 54.68 18.23 -6.25
CA ARG F 31 55.96 18.89 -6.40
C ARG F 31 56.80 18.19 -7.46
N ILE F 32 56.94 16.86 -7.31
CA ILE F 32 57.70 16.00 -8.26
C ILE F 32 57.18 16.13 -9.69
N LEU F 33 55.85 16.16 -9.82
CA LEU F 33 55.17 16.27 -11.11
C LEU F 33 55.31 17.64 -11.77
N MET F 34 55.27 18.69 -10.97
CA MET F 34 55.57 20.04 -11.45
C MET F 34 57.01 20.14 -11.95
N ALA F 35 57.92 19.55 -11.17
CA ALA F 35 59.35 19.53 -11.52
C ALA F 35 59.67 18.56 -12.68
N ASN F 36 58.75 17.66 -13.02
CA ASN F 36 58.79 16.88 -14.28
C ASN F 36 57.88 17.39 -15.42
N GLY F 37 57.41 18.65 -15.36
CA GLY F 37 56.81 19.32 -16.52
C GLY F 37 55.29 19.21 -16.74
N ALA F 38 54.55 18.68 -15.75
CA ALA F 38 53.04 18.57 -15.84
C ALA F 38 52.34 19.91 -16.05
N ASP F 39 51.35 19.91 -16.95
CA ASP F 39 50.55 21.10 -17.23
C ASP F 39 49.78 21.47 -15.93
N VAL F 40 50.17 22.62 -15.38
CA VAL F 40 49.65 23.12 -14.12
C VAL F 40 48.13 23.47 -14.23
N ASN F 41 47.69 23.82 -15.45
CA ASN F 41 46.30 24.14 -15.75
C ASN F 41 45.53 23.04 -16.49
N ALA F 42 45.98 21.79 -16.29
CA ALA F 42 45.27 20.57 -16.73
C ALA F 42 43.84 20.56 -16.19
N ALA F 43 42.88 20.25 -17.05
CA ALA F 43 41.46 20.27 -16.72
C ALA F 43 40.80 18.89 -16.83
N ASP F 44 39.84 18.59 -15.93
CA ASP F 44 39.07 17.33 -16.00
C ASP F 44 37.79 17.58 -16.81
N VAL F 45 36.98 16.53 -16.91
CA VAL F 45 35.77 16.60 -17.70
C VAL F 45 34.82 17.73 -17.29
N VAL F 46 34.83 18.12 -15.99
CA VAL F 46 34.03 19.30 -15.54
C VAL F 46 34.75 20.66 -15.55
N GLY F 47 35.98 20.72 -16.08
CA GLY F 47 36.72 21.99 -16.18
C GLY F 47 37.43 22.38 -14.90
N TRP F 48 37.59 21.44 -13.97
CA TRP F 48 38.30 21.69 -12.73
C TRP F 48 39.79 21.46 -12.97
N THR F 49 40.58 22.47 -12.59
CA THR F 49 42.03 22.43 -12.60
C THR F 49 42.53 21.84 -11.30
N PRO F 50 43.86 21.68 -11.14
CA PRO F 50 44.38 21.26 -9.81
C PRO F 50 44.10 22.26 -8.71
N LEU F 51 44.03 23.55 -9.05
CA LEU F 51 43.78 24.58 -8.06
C LEU F 51 42.31 24.47 -7.56
N HIS F 52 41.40 24.27 -8.51
CA HIS F 52 39.99 23.93 -8.19
C HIS F 52 39.98 22.82 -7.15
N LEU F 53 40.65 21.72 -7.48
CA LEU F 53 40.61 20.54 -6.65
C LEU F 53 41.20 20.77 -5.26
N ALA F 54 42.35 21.46 -5.20
CA ALA F 54 43.04 21.71 -3.92
C ALA F 54 42.27 22.72 -3.08
N ALA F 55 41.71 23.74 -3.73
CA ALA F 55 40.78 24.66 -3.08
C ALA F 55 39.54 23.93 -2.50
N TYR F 56 38.99 22.94 -3.23
CA TYR F 56 37.76 22.26 -2.78
C TYR F 56 38.04 21.40 -1.55
N TRP F 57 39.03 20.50 -1.66
CA TRP F 57 39.40 19.58 -0.57
C TRP F 57 40.29 20.24 0.51
N GLY F 58 40.61 21.51 0.33
CA GLY F 58 41.20 22.32 1.40
C GLY F 58 42.66 21.95 1.69
N HIS F 59 43.46 21.78 0.63
CA HIS F 59 44.89 21.41 0.75
C HIS F 59 45.72 22.66 0.50
N LEU F 60 46.09 23.35 1.59
CA LEU F 60 46.67 24.72 1.47
C LEU F 60 48.01 24.74 0.77
N GLU F 61 48.89 23.84 1.19
CA GLU F 61 50.26 23.81 0.68
C GLU F 61 50.31 23.53 -0.85
N ILE F 62 49.33 22.75 -1.34
CA ILE F 62 49.22 22.44 -2.75
C ILE F 62 48.72 23.67 -3.50
N VAL F 63 47.71 24.35 -2.94
CA VAL F 63 47.27 25.63 -3.53
C VAL F 63 48.50 26.56 -3.73
N GLU F 64 49.36 26.61 -2.71
CA GLU F 64 50.57 27.44 -2.76
C GLU F 64 51.58 27.01 -3.83
N VAL F 65 51.99 25.73 -3.75
CA VAL F 65 52.89 25.10 -4.74
C VAL F 65 52.40 25.25 -6.19
N LEU F 66 51.07 25.20 -6.40
CA LEU F 66 50.48 25.38 -7.76
C LEU F 66 50.57 26.81 -8.27
N LEU F 67 50.27 27.74 -7.37
CA LEU F 67 50.43 29.17 -7.65
C LEU F 67 51.92 29.55 -7.88
N LYS F 68 52.83 28.98 -7.09
CA LYS F 68 54.25 29.19 -7.38
C LYS F 68 54.59 28.76 -8.79
N ASN F 69 53.93 27.72 -9.31
CA ASN F 69 54.28 27.16 -10.61
C ASN F 69 53.43 27.65 -11.78
N GLY F 70 52.78 28.81 -11.66
CA GLY F 70 52.04 29.41 -12.79
C GLY F 70 50.55 29.01 -12.99
N ALA F 71 49.94 28.37 -11.98
CA ALA F 71 48.51 28.06 -12.07
C ALA F 71 47.70 29.32 -12.33
N ASP F 72 46.76 29.23 -13.27
CA ASP F 72 45.73 30.25 -13.47
C ASP F 72 44.88 30.29 -12.19
N VAL F 73 44.98 31.43 -11.50
CA VAL F 73 44.28 31.67 -10.28
C VAL F 73 42.79 31.86 -10.53
N ASN F 74 42.42 32.39 -11.70
CA ASN F 74 41.01 32.55 -12.09
C ASN F 74 40.52 31.53 -13.11
N ALA F 75 41.00 30.29 -13.04
CA ALA F 75 40.47 29.22 -13.90
C ALA F 75 38.96 29.03 -13.65
N TYR F 76 38.19 29.10 -14.73
CA TYR F 76 36.75 28.86 -14.75
C TYR F 76 36.47 27.42 -15.13
N ASP F 77 35.61 26.76 -14.34
CA ASP F 77 35.08 25.43 -14.69
C ASP F 77 33.99 25.59 -15.73
N THR F 78 33.35 24.48 -16.14
CA THR F 78 32.32 24.54 -17.19
C THR F 78 31.07 25.37 -16.82
N LEU F 79 30.85 25.64 -15.54
CA LEU F 79 29.75 26.55 -15.13
C LEU F 79 30.20 27.91 -14.62
N GLY F 80 31.44 28.31 -14.95
CA GLY F 80 31.95 29.65 -14.60
C GLY F 80 32.43 29.85 -13.16
N SER F 81 32.69 28.77 -12.44
CA SER F 81 33.10 28.86 -11.05
C SER F 81 34.63 28.73 -10.94
N THR F 82 35.21 29.52 -10.03
CA THR F 82 36.66 29.73 -9.91
C THR F 82 37.07 29.10 -8.61
N PRO F 83 38.38 28.93 -8.38
CA PRO F 83 38.81 28.32 -7.14
C PRO F 83 38.45 29.11 -5.88
N LEU F 84 38.39 30.43 -6.01
CA LEU F 84 37.99 31.28 -4.91
C LEU F 84 36.53 30.98 -4.54
N HIS F 85 35.63 30.86 -5.54
CA HIS F 85 34.23 30.39 -5.32
C HIS F 85 34.24 29.21 -4.40
N LEU F 86 35.05 28.18 -4.71
CA LEU F 86 35.09 26.93 -3.95
C LEU F 86 35.66 27.09 -2.52
N ALA F 87 36.75 27.83 -2.39
CA ALA F 87 37.37 28.00 -1.08
C ALA F 87 36.43 28.81 -0.16
N ALA F 88 35.88 29.90 -0.69
CA ALA F 88 34.91 30.71 0.00
C ALA F 88 33.71 29.88 0.53
N HIS F 89 33.12 29.08 -0.37
CA HIS F 89 31.93 28.27 -0.05
C HIS F 89 32.22 27.26 1.07
N PHE F 90 33.39 26.63 1.04
CA PHE F 90 33.66 25.51 1.94
C PHE F 90 34.46 25.93 3.16
N GLY F 91 34.63 27.24 3.35
CA GLY F 91 35.16 27.77 4.60
C GLY F 91 36.67 27.65 4.83
N HIS F 92 37.43 27.56 3.74
CA HIS F 92 38.89 27.44 3.77
C HIS F 92 39.49 28.85 3.70
N LEU F 93 39.58 29.45 4.89
CA LEU F 93 39.98 30.85 5.05
C LEU F 93 41.43 31.06 4.62
N GLU F 94 42.32 30.16 5.01
CA GLU F 94 43.74 30.37 4.74
C GLU F 94 43.98 30.38 3.22
N ILE F 95 43.31 29.42 2.57
CA ILE F 95 43.28 29.31 1.10
C ILE F 95 42.64 30.50 0.44
N VAL F 96 41.56 31.02 0.98
CA VAL F 96 40.95 32.27 0.42
C VAL F 96 41.97 33.43 0.37
N GLU F 97 42.75 33.56 1.46
CA GLU F 97 43.79 34.61 1.61
C GLU F 97 44.84 34.43 0.53
N VAL F 98 45.30 33.20 0.32
CA VAL F 98 46.34 32.95 -0.72
C VAL F 98 45.84 33.25 -2.14
N LEU F 99 44.65 32.79 -2.46
CA LEU F 99 44.11 33.04 -3.80
C LEU F 99 43.97 34.55 -4.07
N LEU F 100 43.44 35.27 -3.10
CA LEU F 100 43.29 36.71 -3.27
C LEU F 100 44.62 37.47 -3.43
N LYS F 101 45.65 37.10 -2.63
CA LYS F 101 47.02 37.68 -2.72
C LYS F 101 47.56 37.57 -4.12
N ASN F 102 47.39 36.36 -4.66
CA ASN F 102 47.83 35.97 -5.98
C ASN F 102 46.97 36.41 -7.12
N GLY F 103 45.91 37.18 -6.88
CA GLY F 103 45.16 37.81 -7.98
C GLY F 103 43.74 37.36 -8.27
N ALA F 104 43.25 36.40 -7.49
CA ALA F 104 41.82 36.00 -7.54
C ALA F 104 40.88 37.19 -7.79
N ASP F 105 40.02 37.06 -8.80
CA ASP F 105 39.00 38.05 -9.06
C ASP F 105 37.94 37.90 -7.97
N VAL F 106 38.10 38.72 -6.92
CA VAL F 106 37.18 38.86 -5.77
C VAL F 106 35.68 39.01 -6.18
N ASN F 107 35.39 39.61 -7.34
CA ASN F 107 34.01 39.78 -7.83
C ASN F 107 33.57 38.81 -8.96
N ALA F 108 34.33 37.72 -9.21
CA ALA F 108 34.01 36.72 -10.26
C ALA F 108 32.60 36.20 -10.13
N LYS F 109 31.84 36.26 -11.23
CA LYS F 109 30.47 35.76 -11.27
C LYS F 109 30.48 34.40 -12.00
N ASP F 110 29.86 33.35 -11.45
CA ASP F 110 29.66 32.10 -12.23
C ASP F 110 28.51 32.27 -13.25
N ASP F 111 28.16 31.22 -14.00
CA ASP F 111 27.09 31.31 -15.02
C ASP F 111 25.78 31.80 -14.42
N ASN F 112 25.57 31.57 -13.12
CA ASN F 112 24.35 32.02 -12.40
C ASN F 112 24.43 33.42 -11.79
N GLY F 113 25.59 34.05 -11.89
CA GLY F 113 25.81 35.39 -11.36
C GLY F 113 26.20 35.30 -9.90
N ILE F 114 26.56 34.11 -9.42
CA ILE F 114 26.89 33.93 -8.01
C ILE F 114 28.38 34.22 -7.84
N THR F 115 28.72 34.82 -6.70
CA THR F 115 30.03 35.37 -6.41
C THR F 115 30.53 34.66 -5.18
N PRO F 116 31.86 34.68 -4.93
CA PRO F 116 32.39 34.11 -3.69
C PRO F 116 31.76 34.71 -2.41
N LEU F 117 31.38 35.99 -2.44
CA LEU F 117 30.69 36.61 -1.34
C LEU F 117 29.29 35.97 -1.05
N HIS F 118 28.52 35.69 -2.10
CA HIS F 118 27.21 35.02 -1.96
C HIS F 118 27.41 33.70 -1.27
N LEU F 119 28.42 32.94 -1.73
CA LEU F 119 28.65 31.61 -1.19
C LEU F 119 29.21 31.65 0.23
N ALA F 120 29.96 32.69 0.58
CA ALA F 120 30.51 32.77 1.94
C ALA F 120 29.36 33.13 2.88
N ALA F 121 28.61 34.15 2.51
CA ALA F 121 27.45 34.55 3.28
C ALA F 121 26.47 33.39 3.51
N ASN F 122 26.18 32.61 2.47
CA ASN F 122 25.14 31.62 2.58
C ASN F 122 25.47 30.58 3.65
N ARG F 123 26.71 30.09 3.63
CA ARG F 123 27.18 29.13 4.63
C ARG F 123 27.60 29.78 5.96
N GLY F 124 27.54 31.09 6.05
CA GLY F 124 27.87 31.79 7.30
C GLY F 124 29.34 31.73 7.71
N HIS F 125 30.24 31.94 6.77
CA HIS F 125 31.68 31.93 7.02
C HIS F 125 32.09 33.41 7.16
N LEU F 126 32.01 33.90 8.39
CA LEU F 126 32.15 35.35 8.67
C LEU F 126 33.55 35.94 8.41
N GLU F 127 34.61 35.21 8.78
CA GLU F 127 35.98 35.72 8.53
C GLU F 127 36.22 35.88 7.03
N ILE F 128 35.78 34.88 6.23
CA ILE F 128 35.96 34.91 4.76
C ILE F 128 35.23 36.07 4.10
N VAL F 129 34.03 36.39 4.61
CA VAL F 129 33.28 37.61 4.25
C VAL F 129 34.09 38.88 4.50
N GLU F 130 34.73 39.01 5.66
CA GLU F 130 35.59 40.21 5.95
C GLU F 130 36.78 40.27 4.99
N VAL F 131 37.45 39.12 4.83
CA VAL F 131 38.55 39.02 3.89
C VAL F 131 38.13 39.42 2.47
N LEU F 132 37.03 38.87 1.99
CA LEU F 132 36.52 39.25 0.69
C LEU F 132 36.23 40.75 0.56
N LEU F 133 35.67 41.31 1.64
CA LEU F 133 35.35 42.75 1.69
C LEU F 133 36.60 43.63 1.63
N LYS F 134 37.60 43.28 2.43
CA LYS F 134 38.96 43.88 2.38
C LYS F 134 39.56 43.91 0.97
N TYR F 135 39.31 42.85 0.17
CA TYR F 135 39.87 42.82 -1.17
C TYR F 135 38.98 43.47 -2.18
N GLY F 136 37.97 44.16 -1.69
CA GLY F 136 37.08 44.95 -2.55
C GLY F 136 35.83 44.23 -3.05
N ALA F 137 35.37 43.18 -2.37
CA ALA F 137 34.11 42.51 -2.72
C ALA F 137 32.96 43.51 -2.90
N ASP F 138 32.29 43.48 -4.06
CA ASP F 138 31.14 44.35 -4.30
C ASP F 138 29.91 43.87 -3.49
N VAL F 139 29.65 44.60 -2.43
CA VAL F 139 28.62 44.28 -1.44
C VAL F 139 27.25 44.16 -2.11
N ASN F 140 26.96 45.06 -3.06
CA ASN F 140 25.64 45.11 -3.70
C ASN F 140 25.49 44.25 -4.97
N ALA F 141 26.43 43.35 -5.25
CA ALA F 141 26.36 42.53 -6.44
C ALA F 141 25.19 41.54 -6.28
N GLN F 142 24.38 41.47 -7.33
CA GLN F 142 23.22 40.61 -7.47
C GLN F 142 23.51 39.39 -8.33
N ASP F 143 22.92 38.25 -7.93
CA ASP F 143 22.88 37.07 -8.79
C ASP F 143 21.74 37.25 -9.79
N LYS F 144 21.54 36.25 -10.64
CA LYS F 144 20.47 36.29 -11.61
C LYS F 144 19.09 36.43 -11.00
N PHE F 145 18.86 36.10 -9.74
CA PHE F 145 17.52 36.29 -9.16
C PHE F 145 17.37 37.63 -8.48
N GLY F 146 18.41 38.48 -8.55
CA GLY F 146 18.35 39.81 -7.97
C GLY F 146 18.95 39.90 -6.58
N LYS F 147 19.27 38.76 -5.97
CA LYS F 147 19.68 38.67 -4.56
C LYS F 147 21.12 39.12 -4.30
N THR F 148 21.28 39.85 -3.18
CA THR F 148 22.57 40.28 -2.63
C THR F 148 22.95 39.48 -1.40
N ALA F 149 24.20 39.63 -0.96
CA ALA F 149 24.64 39.01 0.27
C ALA F 149 23.80 39.47 1.46
N PHE F 150 23.29 40.70 1.39
CA PHE F 150 22.41 41.20 2.43
C PHE F 150 21.13 40.37 2.46
N ASP F 151 20.44 40.25 1.31
CA ASP F 151 19.23 39.45 1.24
C ASP F 151 19.45 38.04 1.80
N ILE F 152 20.63 37.47 1.55
CA ILE F 152 20.98 36.13 2.06
C ILE F 152 21.04 36.14 3.59
N SER F 153 21.61 37.19 4.17
CA SER F 153 21.66 37.33 5.62
C SER F 153 20.27 37.43 6.25
N ILE F 154 19.39 38.20 5.64
CA ILE F 154 18.02 38.31 6.12
C ILE F 154 17.31 36.97 5.94
N ASN F 155 17.49 36.32 4.79
CA ASN F 155 16.75 35.08 4.53
C ASN F 155 17.19 33.93 5.43
N ASN F 156 18.45 33.95 5.84
CA ASN F 156 19.03 32.93 6.72
C ASN F 156 18.85 33.15 8.21
N GLY F 157 18.49 34.38 8.59
CA GLY F 157 18.40 34.79 9.99
C GLY F 157 19.73 34.80 10.71
N ASN F 158 20.74 35.40 10.08
CA ASN F 158 22.10 35.49 10.62
C ASN F 158 22.38 36.96 10.87
N GLU F 159 22.09 37.42 12.09
CA GLU F 159 22.29 38.84 12.46
C GLU F 159 23.77 39.29 12.48
N ASP F 160 24.69 38.45 12.91
CA ASP F 160 26.13 38.80 12.91
C ASP F 160 26.63 39.18 11.50
N LEU F 161 26.37 38.29 10.53
CA LEU F 161 26.59 38.58 9.09
C LEU F 161 25.87 39.86 8.63
N ALA F 162 24.62 40.06 9.07
CA ALA F 162 23.83 41.24 8.68
C ALA F 162 24.51 42.56 9.06
N GLU F 163 25.14 42.58 10.23
CA GLU F 163 25.85 43.77 10.70
C GLU F 163 27.14 44.04 9.94
N ILE F 164 27.89 42.99 9.57
CA ILE F 164 29.10 43.18 8.75
C ILE F 164 28.78 43.79 7.36
N LEU F 165 27.56 43.63 6.87
CA LEU F 165 27.12 44.23 5.58
C LEU F 165 26.26 45.54 5.69
N GLN F 166 26.20 46.19 6.86
CA GLN F 166 25.53 47.51 7.06
C GLN F 166 24.03 47.55 6.72
#